data_5VNK
#
_entry.id   5VNK
#
_cell.length_a   148.180
_cell.length_b   97.615
_cell.length_c   130.546
_cell.angle_alpha   90.00
_cell.angle_beta   90.03
_cell.angle_gamma   90.00
#
_symmetry.space_group_name_H-M   'C 1 2 1'
#
loop_
_entity.id
_entity.type
_entity.pdbx_description
1 polymer 'Protein transport protein Sec23A'
2 polymer 'Protein transport protein Sec24A'
3 polymer 'Vesicle-trafficking protein SEC22b'
4 polymer 'C-terminal LL'
5 non-polymer 'ZINC ION'
6 water water
#
loop_
_entity_poly.entity_id
_entity_poly.type
_entity_poly.pdbx_seq_one_letter_code
_entity_poly.pdbx_strand_id
1 'polypeptide(L)'
;MTTYLEFIQQNEERDGVRFSWNVWPSSRLEATRMVVPVAALFTPLKERPDLPPIQYEPVLCSRTTCRAVLNPLCQVDYRA
KLWACNFCYQRNQFPPSYAGISELNQPAELLPQFSSIEYVVLRGPQMPLIFLYVVDTCMEDEDLQALKESMQMSLSLLPP
TALVGLITFGRMVQVHELGCEGISKSYVFRGTKDLSAKQLQEMLGLSKVPLTQATRGPQVQQPPPSNRFLQPVQKIDMNL
TDLLGELQRDPWPVPQGKRPLRSSGVALSIAVGLLECTFPNTGARIMMFIGGPATQGPGMVVGDELKTPIRSWHDIDKDN
AKYVKKGTKHFEALANRAATTGHVIDIYACALDQTGLLEMKCCPNLTGGYMVMGDSFNTSLFKQTFQRVFTKDMHGQFKM
GFGGTLEIKTSREIKISGAIGPCVSLNSKGPCVSENEIGTGGTCQWKICGLSPTTTLAIYFEVVNQHNAPIPQGGRGAIQ
FVTQYQHSSGQRRIRVTTIARNWADAQTQIQNIAASFDQEAAAILMARLAIYRAETEEGPDVLRWLDRQLIRLCQKFGEY
HKDDPSSFRFSETFSLYPQFMFHLRRSSFLQVFNNSPDESSYYRHHFMRQDLTQSLIMIQPILYAYSFSGPPEPVLLDSS
SILADRILLMDTFFQILIYHGETIAQWRKSGYQDMPEYENFRHLLQAPVDDAQEILHSRFPMPRYIDTEHGGSQARFLLS
KVNPSQTHNNMYAWGQESGAPILTDDVSLQVFMDHLKKLAVSSA
;
A
2 'polypeptide(L)'
;EGLRVVNLLQERNMLPSTPLKPPVPNLHEDIQKLNCNPELFRCTLTSIPQTQALLNKAKLPLGLLLHPFKDLVQLPVVTS
STIVRCRSCRTYINPFVSFLDQRRWKCNLCYRVNDVPEEFLYNPLTRVYGEPHRRPEVQNATIEFMAPSEYMLRPPQPPV
YLFVFDVSHNAVETGYLNSVCQSLLDNLDLLPGNTRTKIGFITFDSTIHFYGLQESLSQPQMLIVSDIEDVFIPMPENLL
VNLNESKELVQDLLKTLPQMFTKTLETQSALGPALQAAFKLMSPTGGRMSVFQTQLPTLGVGALKPREEPNHRSSAKDIH
MTPSTDFYKKLALDCSGQQVAVDLFLLSGQYSDLASLGCISRYSAGSVYYYPSYHHQHNPVQVQKLQKELQRYLTRKIGF
EAVMRIRCTKGLSIHTFHGNFFVRSTDLLSLPNVNPDAGYAVQMSVEESLTDTQLVSFQSALLYTSSKGERRIRVHTLCL
PVVSTLNDVFLGADVQAISGLLANMAVDRSMTASLSDARDALVNAVIDSLSAYRSSVLSNQQPGLMVPFSLRLFPLFVLA
LLKQKSFQTGTNARLDERIFAMCQVKNQPLVYLMLTTHPSLYRVDNLSDEGALNISDRTIPQPPILQLSVEKLSRDGAFL
MDAGSVLMLWVGKNCTQNFLSQVLGVQNYASIPQPMTDLPELDTPESARIIAFISWLREQRPFFPILYVIADESPMKANF
LQNMIEDRTESALSYYEFLLHIQQQVNK
;
B
3 'polypeptide(L)'
;MVLLTMIARVADGLPLAASMQEDEQSGRDLQQYQSQAKQLFRKLNEQSPTRCTLEAGAMTFHYIIEQGVCYLVLCEAAFP
KKLAFAYLEDLHSEFDEQHGKKVPTVSRPYSFIEFDTFIQKTKKLYIDSRARRNLGSINTELQDVQRIMVANIEEVL
;
C
4 'polypeptide(L)' VTSLL D
#
# COMPACT_ATOMS: atom_id res chain seq x y z
N THR A 3 2.88 -7.19 -70.12
CA THR A 3 4.06 -7.25 -69.26
C THR A 3 3.72 -7.86 -67.90
N TYR A 4 4.42 -8.95 -67.57
CA TYR A 4 4.16 -9.62 -66.29
C TYR A 4 4.51 -8.73 -65.11
N LEU A 5 5.46 -7.80 -65.29
CA LEU A 5 5.82 -6.89 -64.20
C LEU A 5 4.70 -5.88 -63.95
N GLU A 6 4.18 -5.25 -65.01
CA GLU A 6 3.04 -4.36 -64.87
C GLU A 6 1.87 -5.06 -64.20
N PHE A 7 1.65 -6.33 -64.54
CA PHE A 7 0.60 -7.11 -63.91
C PHE A 7 0.83 -7.24 -62.41
N ILE A 8 2.05 -7.64 -62.02
CA ILE A 8 2.38 -7.80 -60.61
C ILE A 8 2.23 -6.47 -59.88
N GLN A 9 2.78 -5.40 -60.45
CA GLN A 9 2.74 -4.09 -59.80
C GLN A 9 1.30 -3.61 -59.62
N GLN A 10 0.51 -3.65 -60.69
CA GLN A 10 -0.85 -3.11 -60.63
C GLN A 10 -1.73 -3.90 -59.67
N ASN A 11 -1.49 -5.20 -59.53
CA ASN A 11 -2.32 -6.00 -58.63
C ASN A 11 -1.96 -5.79 -57.16
N GLU A 12 -0.73 -5.41 -56.86
CA GLU A 12 -0.42 -5.01 -55.49
C GLU A 12 -1.03 -3.67 -55.15
N GLU A 13 -1.05 -2.75 -56.12
CA GLU A 13 -1.64 -1.43 -55.88
C GLU A 13 -3.15 -1.53 -55.65
N ARG A 14 -3.83 -2.35 -56.44
CA ARG A 14 -5.29 -2.45 -56.32
C ARG A 14 -5.70 -3.34 -55.15
N ASP A 15 -5.13 -4.53 -55.06
CA ASP A 15 -5.59 -5.54 -54.11
C ASP A 15 -4.69 -5.72 -52.90
N GLY A 16 -3.48 -5.14 -52.90
CA GLY A 16 -2.59 -5.30 -51.77
C GLY A 16 -2.15 -6.72 -51.52
N VAL A 17 -1.91 -7.48 -52.59
CA VAL A 17 -1.48 -8.87 -52.50
C VAL A 17 -0.38 -9.12 -53.53
N ARG A 18 0.44 -10.12 -53.25
CA ARG A 18 1.48 -10.54 -54.19
C ARG A 18 1.78 -12.02 -53.98
N PHE A 19 1.47 -12.82 -54.98
CA PHE A 19 1.65 -14.26 -54.92
C PHE A 19 3.05 -14.66 -55.38
N SER A 20 3.50 -15.82 -54.90
CA SER A 20 4.75 -16.37 -55.39
C SER A 20 4.60 -16.88 -56.81
N TRP A 21 3.43 -17.42 -57.14
CA TRP A 21 3.11 -17.87 -58.49
C TRP A 21 1.76 -17.28 -58.89
N ASN A 22 1.71 -16.64 -60.05
CA ASN A 22 0.48 -16.05 -60.55
C ASN A 22 -0.27 -16.98 -61.50
N VAL A 23 0.30 -18.12 -61.86
CA VAL A 23 -0.37 -19.14 -62.65
C VAL A 23 -0.25 -20.45 -61.88
N TRP A 24 -1.38 -21.08 -61.58
CA TRP A 24 -1.40 -22.13 -60.59
C TRP A 24 -1.46 -23.52 -61.25
N PRO A 25 -0.90 -24.53 -60.60
CA PRO A 25 -0.87 -25.87 -61.20
C PRO A 25 -2.27 -26.43 -61.37
N SER A 26 -2.55 -26.89 -62.58
CA SER A 26 -3.87 -27.42 -62.94
C SER A 26 -3.97 -28.92 -62.77
N SER A 27 -2.93 -29.60 -62.29
CA SER A 27 -2.95 -31.03 -62.08
C SER A 27 -2.41 -31.37 -60.70
N ARG A 28 -2.76 -32.56 -60.23
CA ARG A 28 -2.22 -33.06 -58.97
C ARG A 28 -0.73 -33.34 -59.09
N LEU A 29 -0.26 -33.68 -60.29
CA LEU A 29 1.14 -34.01 -60.52
C LEU A 29 2.07 -32.81 -60.45
N GLU A 30 1.56 -31.60 -60.71
CA GLU A 30 2.34 -30.38 -60.56
C GLU A 30 2.14 -29.71 -59.20
N ALA A 31 0.95 -29.85 -58.61
CA ALA A 31 0.70 -29.26 -57.30
C ALA A 31 1.63 -29.84 -56.24
N THR A 32 1.80 -31.16 -56.24
CA THR A 32 2.68 -31.80 -55.27
C THR A 32 4.14 -31.46 -55.52
N ARG A 33 4.50 -31.16 -56.77
CA ARG A 33 5.90 -30.97 -57.16
C ARG A 33 6.28 -29.49 -57.27
N MET A 34 5.70 -28.65 -56.43
CA MET A 34 6.03 -27.22 -56.42
C MET A 34 7.14 -26.96 -55.41
N VAL A 35 8.27 -26.43 -55.91
CA VAL A 35 9.44 -26.18 -55.07
C VAL A 35 9.13 -25.10 -54.05
N VAL A 36 8.59 -23.97 -54.49
CA VAL A 36 8.16 -22.88 -53.61
C VAL A 36 6.65 -22.89 -53.58
N PRO A 37 6.03 -22.96 -52.40
CA PRO A 37 4.58 -23.12 -52.34
C PRO A 37 3.83 -21.90 -52.85
N VAL A 38 2.60 -22.14 -53.32
CA VAL A 38 1.71 -21.05 -53.70
C VAL A 38 1.33 -20.30 -52.44
N ALA A 39 1.78 -19.04 -52.32
CA ALA A 39 1.55 -18.28 -51.12
C ALA A 39 1.34 -16.81 -51.49
N ALA A 40 0.74 -16.07 -50.56
CA ALA A 40 0.36 -14.68 -50.81
C ALA A 40 0.84 -13.78 -49.68
N LEU A 41 1.58 -12.74 -50.04
CA LEU A 41 1.81 -11.60 -49.16
C LEU A 41 0.59 -10.69 -49.27
N PHE A 42 -0.18 -10.59 -48.20
CA PHE A 42 -1.48 -9.91 -48.23
C PHE A 42 -1.50 -8.79 -47.22
N THR A 43 -1.84 -7.58 -47.69
CA THR A 43 -1.89 -6.37 -46.86
C THR A 43 -3.36 -5.96 -46.71
N PRO A 44 -4.05 -6.43 -45.67
CA PRO A 44 -5.51 -6.25 -45.63
C PRO A 44 -5.99 -4.81 -45.59
N LEU A 45 -5.14 -3.85 -45.23
CA LEU A 45 -5.57 -2.45 -45.06
C LEU A 45 -4.72 -1.50 -45.88
N LYS A 46 -4.32 -1.91 -47.08
CA LYS A 46 -3.47 -1.07 -47.90
C LYS A 46 -4.22 0.17 -48.35
N GLU A 47 -3.53 1.32 -48.32
CA GLU A 47 -4.08 2.58 -48.76
C GLU A 47 -3.89 2.75 -50.26
N ARG A 48 -4.82 3.47 -50.89
CA ARG A 48 -4.83 3.61 -52.34
C ARG A 48 -5.56 4.89 -52.75
N PRO A 49 -5.65 5.24 -54.07
CA PRO A 49 -6.25 6.52 -54.45
C PRO A 49 -7.75 6.62 -54.18
N ASP A 50 -8.11 6.71 -52.91
CA ASP A 50 -9.46 7.10 -52.48
C ASP A 50 -10.56 6.25 -53.11
N LEU A 51 -10.72 5.02 -52.61
CA LEU A 51 -11.89 4.22 -52.98
C LEU A 51 -13.10 4.68 -52.17
N PRO A 52 -14.28 4.71 -52.78
CA PRO A 52 -15.48 5.15 -52.06
C PRO A 52 -15.88 4.13 -51.00
N PRO A 53 -15.93 4.52 -49.73
CA PRO A 53 -16.43 3.60 -48.70
C PRO A 53 -17.91 3.36 -48.90
N ILE A 54 -18.25 2.11 -49.16
CA ILE A 54 -19.60 1.73 -49.44
C ILE A 54 -20.43 1.46 -48.23
N GLN A 55 -21.48 2.23 -48.06
CA GLN A 55 -22.31 2.14 -46.91
C GLN A 55 -23.47 1.20 -46.95
N TYR A 56 -23.26 -0.07 -47.26
CA TYR A 56 -24.38 -0.99 -47.18
C TYR A 56 -23.93 -2.35 -46.81
N GLU A 57 -24.84 -3.21 -46.42
CA GLU A 57 -24.43 -4.56 -46.10
C GLU A 57 -23.97 -5.17 -47.40
N PRO A 58 -22.96 -5.93 -47.29
CA PRO A 58 -22.22 -6.43 -48.43
C PRO A 58 -22.98 -7.27 -49.47
N VAL A 59 -23.81 -8.18 -49.05
CA VAL A 59 -24.54 -9.11 -49.99
C VAL A 59 -23.85 -10.44 -49.95
N LEU A 60 -24.50 -11.55 -49.57
CA LEU A 60 -23.75 -12.84 -49.52
C LEU A 60 -24.36 -14.12 -50.16
N CYS A 61 -23.49 -15.08 -50.53
CA CYS A 61 -23.94 -16.33 -51.10
C CYS A 61 -24.83 -16.89 -50.03
N SER A 62 -25.97 -17.46 -50.42
CA SER A 62 -26.91 -17.95 -49.45
C SER A 62 -26.68 -19.39 -49.07
N ARG A 63 -25.69 -20.07 -49.61
CA ARG A 63 -25.50 -21.44 -49.20
C ARG A 63 -24.79 -21.40 -47.90
N THR A 64 -25.49 -21.71 -46.84
CA THR A 64 -24.87 -21.61 -45.52
C THR A 64 -23.39 -21.94 -45.44
N THR A 65 -22.93 -22.96 -46.14
CA THR A 65 -21.50 -23.27 -46.14
C THR A 65 -20.64 -22.16 -46.77
N CYS A 66 -21.18 -21.51 -47.81
CA CYS A 66 -20.45 -20.55 -48.64
C CYS A 66 -20.43 -19.10 -48.18
N ARG A 67 -21.57 -18.41 -48.34
CA ARG A 67 -21.77 -17.05 -47.83
C ARG A 67 -20.64 -16.12 -48.23
N ALA A 68 -20.15 -16.29 -49.45
CA ALA A 68 -19.16 -15.35 -49.98
C ALA A 68 -19.84 -14.03 -50.35
N VAL A 69 -19.02 -13.00 -50.52
CA VAL A 69 -19.52 -11.65 -50.80
C VAL A 69 -19.60 -11.46 -52.31
N LEU A 70 -20.66 -10.76 -52.74
CA LEU A 70 -20.82 -10.43 -54.17
C LEU A 70 -19.61 -9.67 -54.67
N ASN A 71 -19.09 -10.07 -55.81
CA ASN A 71 -17.79 -9.62 -56.27
C ASN A 71 -17.77 -9.69 -57.80
N PRO A 72 -16.77 -9.05 -58.43
CA PRO A 72 -16.78 -8.97 -59.90
C PRO A 72 -16.70 -10.31 -60.61
N LEU A 73 -16.24 -11.37 -59.94
CA LEU A 73 -16.18 -12.68 -60.58
C LEU A 73 -17.53 -13.39 -60.59
N CYS A 74 -18.59 -12.78 -60.05
CA CYS A 74 -19.90 -13.40 -59.98
C CYS A 74 -20.68 -13.14 -61.27
N GLN A 75 -21.33 -14.18 -61.77
CA GLN A 75 -22.17 -14.08 -62.96
C GLN A 75 -23.52 -13.49 -62.57
N VAL A 76 -23.88 -12.37 -63.18
CA VAL A 76 -25.09 -11.65 -62.85
C VAL A 76 -26.07 -11.76 -64.01
N ASP A 77 -27.35 -11.51 -63.72
CA ASP A 77 -28.42 -11.50 -64.73
C ASP A 77 -29.34 -10.35 -64.38
N TYR A 78 -29.07 -9.18 -64.98
CA TYR A 78 -29.84 -7.97 -64.69
C TYR A 78 -31.27 -8.04 -65.21
N ARG A 79 -31.62 -9.07 -65.98
CA ARG A 79 -33.00 -9.31 -66.38
C ARG A 79 -33.78 -10.08 -65.31
N ALA A 80 -33.24 -11.21 -64.87
CA ALA A 80 -33.90 -12.06 -63.88
C ALA A 80 -33.64 -11.62 -62.44
N LYS A 81 -32.90 -10.53 -62.24
CA LYS A 81 -32.52 -10.06 -60.91
C LYS A 81 -31.86 -11.17 -60.10
N LEU A 82 -30.86 -11.80 -60.70
CA LEU A 82 -30.16 -12.92 -60.10
C LEU A 82 -28.65 -12.75 -60.25
N TRP A 83 -27.91 -13.44 -59.39
CA TRP A 83 -26.47 -13.57 -59.53
C TRP A 83 -26.07 -14.98 -59.11
N ALA A 84 -24.90 -15.40 -59.59
CA ALA A 84 -24.39 -16.74 -59.39
C ALA A 84 -23.09 -16.67 -58.61
N CYS A 85 -23.07 -17.26 -57.42
CA CYS A 85 -21.86 -17.30 -56.61
C CYS A 85 -20.75 -18.05 -57.33
N ASN A 86 -19.60 -17.39 -57.50
CA ASN A 86 -18.48 -17.96 -58.22
C ASN A 86 -17.71 -19.00 -57.40
N PHE A 87 -18.11 -19.25 -56.15
CA PHE A 87 -17.43 -20.21 -55.29
C PHE A 87 -18.18 -21.53 -55.17
N CYS A 88 -19.51 -21.49 -55.10
CA CYS A 88 -20.30 -22.69 -54.95
C CYS A 88 -21.39 -22.84 -56.01
N TYR A 89 -21.47 -21.95 -56.99
CA TYR A 89 -22.40 -21.97 -58.11
C TYR A 89 -23.85 -21.77 -57.68
N GLN A 90 -24.11 -21.54 -56.39
CA GLN A 90 -25.46 -21.22 -55.93
C GLN A 90 -25.95 -19.93 -56.56
N ARG A 91 -27.21 -19.95 -56.99
CA ARG A 91 -27.85 -18.79 -57.60
C ARG A 91 -28.67 -18.03 -56.56
N ASN A 92 -28.56 -16.71 -56.59
CA ASN A 92 -29.08 -15.87 -55.51
C ASN A 92 -30.02 -14.81 -56.07
N GLN A 93 -31.03 -14.48 -55.27
CA GLN A 93 -31.97 -13.40 -55.56
C GLN A 93 -31.41 -12.10 -55.01
N PHE A 94 -31.67 -11.00 -55.74
CA PHE A 94 -31.12 -9.73 -55.30
C PHE A 94 -31.96 -9.14 -54.17
N PRO A 95 -31.33 -8.61 -53.13
CA PRO A 95 -32.06 -8.11 -51.97
C PRO A 95 -32.89 -6.88 -52.32
N PRO A 96 -33.94 -6.59 -51.54
CA PRO A 96 -34.87 -5.51 -51.92
C PRO A 96 -34.21 -4.19 -52.32
N SER A 97 -33.20 -3.72 -51.57
CA SER A 97 -32.59 -2.43 -51.89
C SER A 97 -31.84 -2.43 -53.22
N TYR A 98 -31.67 -3.59 -53.84
CA TYR A 98 -31.04 -3.72 -55.16
C TYR A 98 -32.05 -3.89 -56.28
N ALA A 99 -33.34 -3.75 -55.98
CA ALA A 99 -34.37 -4.04 -56.99
C ALA A 99 -34.24 -3.14 -58.22
N GLY A 100 -33.70 -1.94 -58.05
CA GLY A 100 -33.59 -0.98 -59.12
C GLY A 100 -32.27 -0.96 -59.88
N ILE A 101 -31.35 -1.88 -59.60
CA ILE A 101 -30.07 -1.87 -60.30
C ILE A 101 -30.30 -2.24 -61.76
N SER A 102 -29.50 -1.63 -62.65
CA SER A 102 -29.63 -1.82 -64.08
C SER A 102 -28.26 -2.10 -64.67
N GLU A 103 -28.23 -2.34 -65.98
CA GLU A 103 -26.97 -2.53 -66.68
C GLU A 103 -26.16 -1.24 -66.70
N LEU A 104 -26.80 -0.15 -67.09
CA LEU A 104 -26.12 1.13 -67.20
C LEU A 104 -25.61 1.51 -65.84
N ASN A 105 -26.43 1.27 -64.82
CA ASN A 105 -26.02 1.54 -63.47
C ASN A 105 -26.02 0.22 -62.72
N GLN A 106 -24.86 -0.16 -62.20
CA GLN A 106 -24.74 -1.38 -61.42
C GLN A 106 -23.93 -1.13 -60.15
N PRO A 107 -24.07 -1.97 -59.13
CA PRO A 107 -23.40 -1.72 -57.85
C PRO A 107 -21.88 -1.71 -57.99
N ALA A 108 -21.24 -1.06 -57.02
CA ALA A 108 -19.79 -0.87 -57.09
C ALA A 108 -19.04 -2.19 -57.02
N GLU A 109 -19.47 -3.10 -56.16
CA GLU A 109 -18.75 -4.35 -55.93
C GLU A 109 -18.68 -5.23 -57.16
N LEU A 110 -19.40 -4.90 -58.23
CA LEU A 110 -19.36 -5.67 -59.46
C LEU A 110 -18.36 -5.14 -60.48
N LEU A 111 -17.87 -3.93 -60.30
CA LEU A 111 -16.89 -3.36 -61.23
C LEU A 111 -15.50 -3.88 -60.89
N PRO A 112 -14.72 -4.24 -61.89
CA PRO A 112 -13.40 -4.80 -61.65
C PRO A 112 -12.48 -3.83 -60.97
N GLN A 113 -12.77 -2.56 -61.05
CA GLN A 113 -12.02 -1.53 -60.37
C GLN A 113 -12.12 -1.67 -58.85
N PHE A 114 -13.27 -2.10 -58.35
CA PHE A 114 -13.50 -2.29 -56.97
C PHE A 114 -13.45 -3.73 -56.54
N SER A 115 -12.47 -4.46 -57.02
CA SER A 115 -12.22 -5.81 -56.60
C SER A 115 -11.82 -5.88 -55.13
N SER A 116 -11.13 -4.89 -54.62
CA SER A 116 -10.86 -4.80 -53.21
C SER A 116 -11.78 -3.66 -52.83
N ILE A 117 -12.61 -3.82 -51.83
CA ILE A 117 -13.60 -2.80 -51.54
C ILE A 117 -13.88 -2.83 -50.04
N GLU A 118 -14.33 -1.70 -49.51
CA GLU A 118 -14.59 -1.56 -48.08
C GLU A 118 -16.04 -1.17 -47.84
N TYR A 119 -16.70 -1.90 -46.94
CA TYR A 119 -18.05 -1.61 -46.50
C TYR A 119 -18.01 -1.07 -45.08
N VAL A 120 -18.92 -0.14 -44.77
CA VAL A 120 -19.14 0.35 -43.42
C VAL A 120 -20.46 -0.23 -42.92
N VAL A 121 -20.42 -0.89 -41.77
CA VAL A 121 -21.61 -1.47 -41.14
C VAL A 121 -21.97 -0.60 -39.95
N LEU A 122 -23.12 0.06 -40.03
CA LEU A 122 -23.61 0.99 -39.01
C LEU A 122 -24.94 0.47 -38.48
N ARG A 123 -24.88 -0.38 -37.44
CA ARG A 123 -26.12 -0.90 -36.88
C ARG A 123 -26.20 -0.67 -35.38
N GLY A 124 -25.06 -0.67 -34.70
CA GLY A 124 -25.04 -0.48 -33.27
C GLY A 124 -24.26 0.75 -32.85
N PRO A 125 -24.47 1.21 -31.61
CA PRO A 125 -23.64 2.31 -31.10
C PRO A 125 -22.18 1.90 -31.05
N GLN A 126 -21.31 2.86 -31.40
CA GLN A 126 -19.89 2.57 -31.52
C GLN A 126 -19.20 2.64 -30.16
N MET A 127 -18.34 1.68 -29.90
CA MET A 127 -17.61 1.65 -28.64
C MET A 127 -16.39 2.56 -28.71
N PRO A 128 -16.04 3.21 -27.60
CA PRO A 128 -14.87 4.09 -27.61
C PRO A 128 -13.57 3.30 -27.61
N LEU A 129 -12.53 3.91 -28.18
CA LEU A 129 -11.20 3.35 -28.09
C LEU A 129 -10.70 3.44 -26.65
N ILE A 130 -9.78 2.55 -26.30
CA ILE A 130 -9.31 2.40 -24.92
C ILE A 130 -7.78 2.36 -24.94
N PHE A 131 -7.15 3.30 -24.25
CA PHE A 131 -5.71 3.39 -24.15
C PHE A 131 -5.31 3.27 -22.68
N LEU A 132 -4.47 2.29 -22.36
CA LEU A 132 -4.02 2.05 -21.00
C LEU A 132 -2.49 2.19 -20.97
N TYR A 133 -2.02 3.26 -20.34
CA TYR A 133 -0.58 3.47 -20.15
C TYR A 133 -0.08 2.64 -18.98
N VAL A 134 1.00 1.89 -19.18
CA VAL A 134 1.61 1.06 -18.15
C VAL A 134 3.06 1.50 -18.04
N VAL A 135 3.38 2.33 -17.05
CA VAL A 135 4.64 3.07 -17.00
C VAL A 135 5.56 2.45 -15.95
N ASP A 136 6.81 2.23 -16.33
CA ASP A 136 7.86 1.88 -15.38
C ASP A 136 8.41 3.17 -14.75
N THR A 137 8.70 3.11 -13.46
CA THR A 137 9.27 4.23 -12.73
C THR A 137 10.69 3.97 -12.25
N CYS A 138 11.27 2.82 -12.57
CA CYS A 138 12.64 2.51 -12.18
C CYS A 138 13.57 2.91 -13.33
N MET A 139 13.87 4.21 -13.39
CA MET A 139 14.76 4.73 -14.41
C MET A 139 15.26 6.09 -13.99
N GLU A 140 16.33 6.54 -14.65
CA GLU A 140 16.97 7.81 -14.33
C GLU A 140 16.00 8.97 -14.54
N ASP A 141 16.30 10.09 -13.88
CA ASP A 141 15.41 11.24 -13.89
C ASP A 141 15.26 11.81 -15.30
N GLU A 142 16.38 12.00 -16.00
CA GLU A 142 16.31 12.52 -17.37
C GLU A 142 15.48 11.62 -18.27
N ASP A 143 15.58 10.29 -18.07
CA ASP A 143 14.81 9.36 -18.87
C ASP A 143 13.34 9.36 -18.48
N LEU A 144 13.05 9.41 -17.17
CA LEU A 144 11.66 9.43 -16.73
C LEU A 144 10.99 10.75 -17.09
N GLN A 145 11.72 11.87 -17.01
CA GLN A 145 11.17 13.16 -17.39
C GLN A 145 10.79 13.18 -18.87
N ALA A 146 11.70 12.70 -19.72
CA ALA A 146 11.41 12.65 -21.15
C ALA A 146 10.21 11.76 -21.45
N LEU A 147 10.12 10.62 -20.77
CA LEU A 147 8.98 9.72 -20.98
C LEU A 147 7.67 10.38 -20.58
N LYS A 148 7.67 11.10 -19.45
CA LYS A 148 6.45 11.77 -19.00
C LYS A 148 5.96 12.79 -20.03
N GLU A 149 6.88 13.54 -20.63
CA GLU A 149 6.49 14.53 -21.64
C GLU A 149 5.96 13.86 -22.91
N SER A 150 6.50 12.68 -23.27
CA SER A 150 6.00 11.95 -24.42
C SER A 150 4.58 11.47 -24.20
N MET A 151 4.27 11.00 -22.99
CA MET A 151 2.92 10.51 -22.72
C MET A 151 1.91 11.67 -22.64
N GLN A 152 2.33 12.80 -22.08
CA GLN A 152 1.45 13.98 -22.08
C GLN A 152 1.17 14.47 -23.50
N MET A 153 2.21 14.48 -24.34
CA MET A 153 2.03 14.89 -25.73
C MET A 153 1.05 13.98 -26.46
N SER A 154 1.12 12.67 -26.18
CA SER A 154 0.20 11.73 -26.82
C SER A 154 -1.22 11.87 -26.30
N LEU A 155 -1.40 12.33 -25.06
CA LEU A 155 -2.73 12.53 -24.50
C LEU A 155 -3.50 13.62 -25.24
N SER A 156 -2.80 14.62 -25.77
CA SER A 156 -3.42 15.72 -26.49
C SER A 156 -3.71 15.40 -27.96
N LEU A 157 -3.53 14.16 -28.37
CA LEU A 157 -3.91 13.71 -29.70
C LEU A 157 -5.05 12.71 -29.70
N LEU A 158 -5.44 12.20 -28.53
CA LEU A 158 -6.45 11.17 -28.45
C LEU A 158 -7.84 11.77 -28.72
N PRO A 159 -8.77 10.96 -29.23
CA PRO A 159 -10.12 11.46 -29.46
C PRO A 159 -10.80 11.82 -28.15
N PRO A 160 -11.72 12.77 -28.17
CA PRO A 160 -12.37 13.18 -26.91
C PRO A 160 -13.14 12.06 -26.22
N THR A 161 -13.62 11.07 -26.97
CA THR A 161 -14.44 10.00 -26.42
C THR A 161 -13.64 8.79 -25.98
N ALA A 162 -12.35 8.71 -26.32
CA ALA A 162 -11.54 7.57 -25.92
C ALA A 162 -11.39 7.54 -24.40
N LEU A 163 -11.26 6.33 -23.86
CA LEU A 163 -11.05 6.13 -22.44
C LEU A 163 -9.57 5.89 -22.17
N VAL A 164 -9.05 6.52 -21.13
CA VAL A 164 -7.64 6.38 -20.76
C VAL A 164 -7.54 5.85 -19.34
N GLY A 165 -6.49 5.05 -19.11
CA GLY A 165 -6.15 4.61 -17.78
C GLY A 165 -4.66 4.73 -17.57
N LEU A 166 -4.25 4.62 -16.30
CA LEU A 166 -2.83 4.74 -15.96
C LEU A 166 -2.46 3.68 -14.95
N ILE A 167 -1.39 2.94 -15.26
CA ILE A 167 -0.79 1.98 -14.34
C ILE A 167 0.70 2.29 -14.26
N THR A 168 1.20 2.42 -13.05
CA THR A 168 2.60 2.65 -12.81
C THR A 168 3.15 1.54 -11.96
N PHE A 169 4.43 1.26 -12.08
CA PHE A 169 5.01 0.20 -11.31
C PHE A 169 6.48 0.33 -11.07
N GLY A 170 6.94 -0.40 -10.07
CA GLY A 170 8.33 -0.56 -9.72
C GLY A 170 8.37 -1.85 -8.93
N ARG A 171 8.51 -1.71 -7.64
CA ARG A 171 8.44 -2.80 -6.74
C ARG A 171 7.00 -3.23 -6.59
N MET A 172 6.12 -2.26 -6.55
CA MET A 172 4.70 -2.53 -6.45
C MET A 172 3.99 -2.07 -7.70
N VAL A 173 2.73 -2.42 -7.86
CA VAL A 173 1.98 -1.99 -9.03
C VAL A 173 0.83 -1.11 -8.56
N GLN A 174 0.71 0.08 -9.14
CA GLN A 174 -0.33 1.03 -8.81
C GLN A 174 -1.29 1.15 -9.99
N VAL A 175 -2.58 0.95 -9.72
CA VAL A 175 -3.64 1.22 -10.67
C VAL A 175 -4.34 2.49 -10.24
N HIS A 176 -4.22 3.54 -11.04
CA HIS A 176 -4.69 4.88 -10.67
C HIS A 176 -6.17 5.04 -10.99
N GLU A 177 -6.93 5.51 -9.99
CA GLU A 177 -8.33 5.85 -10.16
C GLU A 177 -8.41 7.35 -10.44
N LEU A 178 -8.70 7.71 -11.68
CA LEU A 178 -8.49 9.06 -12.15
C LEU A 178 -9.58 10.01 -11.68
N GLY A 179 -9.21 11.27 -11.56
CA GLY A 179 -10.06 12.39 -11.23
C GLY A 179 -10.78 12.48 -9.93
N CYS A 180 -10.25 11.88 -8.89
CA CYS A 180 -10.97 11.86 -7.65
C CYS A 180 -11.17 13.15 -6.85
N GLU A 181 -10.45 14.21 -7.21
CA GLU A 181 -10.54 15.53 -6.62
C GLU A 181 -10.16 15.77 -5.17
N GLY A 182 -9.00 16.40 -4.99
CA GLY A 182 -8.47 16.76 -3.69
C GLY A 182 -7.51 15.76 -3.12
N ILE A 183 -7.55 14.58 -3.70
CA ILE A 183 -6.74 13.48 -3.37
C ILE A 183 -6.54 12.75 -4.66
N SER A 184 -5.41 12.14 -4.84
CA SER A 184 -5.21 11.37 -6.03
C SER A 184 -5.15 9.96 -5.55
N LYS A 185 -6.00 9.03 -5.95
CA LYS A 185 -5.75 7.76 -5.30
C LYS A 185 -5.42 6.67 -6.32
N SER A 186 -4.94 5.55 -5.79
CA SER A 186 -4.61 4.39 -6.62
C SER A 186 -4.68 3.14 -5.77
N TYR A 187 -4.73 2.00 -6.44
CA TYR A 187 -4.72 0.69 -5.78
C TYR A 187 -3.34 0.08 -5.93
N VAL A 188 -2.78 -0.40 -4.82
CA VAL A 188 -1.42 -0.91 -4.77
C VAL A 188 -1.46 -2.42 -4.64
N PHE A 189 -0.58 -3.09 -5.40
CA PHE A 189 -0.46 -4.55 -5.36
C PHE A 189 1.01 -4.92 -5.27
N ARG A 190 1.28 -6.04 -4.60
CA ARG A 190 2.61 -6.59 -4.58
C ARG A 190 2.99 -7.05 -5.98
N GLY A 191 4.20 -6.68 -6.43
CA GLY A 191 4.69 -7.15 -7.70
C GLY A 191 5.33 -8.51 -7.56
N THR A 192 5.00 -9.19 -6.46
CA THR A 192 5.61 -10.46 -6.10
C THR A 192 4.75 -11.67 -6.46
N LYS A 193 3.45 -11.47 -6.70
CA LYS A 193 2.53 -12.55 -7.00
C LYS A 193 1.53 -12.11 -8.05
N ASP A 194 1.06 -13.07 -8.85
CA ASP A 194 0.19 -12.79 -9.98
C ASP A 194 -1.27 -12.81 -9.55
N LEU A 195 -2.12 -12.27 -10.40
CA LEU A 195 -3.54 -12.23 -10.16
C LEU A 195 -4.35 -12.53 -11.40
N SER A 196 -5.52 -13.11 -11.22
CA SER A 196 -6.39 -13.39 -12.32
C SER A 196 -7.33 -12.25 -12.55
N ALA A 197 -8.04 -12.28 -13.64
CA ALA A 197 -9.00 -11.24 -13.88
C ALA A 197 -10.14 -11.24 -12.87
N LYS A 198 -10.58 -12.41 -12.45
CA LYS A 198 -11.65 -12.55 -11.47
C LYS A 198 -11.24 -11.96 -10.13
N GLN A 199 -10.10 -12.41 -9.60
CA GLN A 199 -9.55 -11.83 -8.37
C GLN A 199 -9.45 -10.32 -8.48
N LEU A 200 -8.80 -9.83 -9.54
CA LEU A 200 -8.61 -8.40 -9.73
C LEU A 200 -9.94 -7.66 -9.77
N GLN A 201 -10.94 -8.25 -10.42
CA GLN A 201 -12.26 -7.64 -10.48
C GLN A 201 -12.87 -7.49 -9.09
N GLU A 202 -12.65 -8.48 -8.23
CA GLU A 202 -13.23 -8.43 -6.89
C GLU A 202 -12.45 -7.46 -6.00
N MET A 203 -11.12 -7.42 -6.14
CA MET A 203 -10.31 -6.53 -5.33
C MET A 203 -10.56 -5.07 -5.67
N LEU A 204 -10.86 -4.77 -6.93
CA LEU A 204 -11.09 -3.40 -7.35
C LEU A 204 -12.54 -2.96 -7.23
N GLY A 205 -13.48 -3.89 -7.16
CA GLY A 205 -14.89 -3.53 -7.06
C GLY A 205 -15.66 -3.97 -8.29
N PRO A 225 -20.06 4.24 -21.86
CA PRO A 225 -19.45 3.30 -20.89
C PRO A 225 -18.08 3.76 -20.42
N SER A 226 -17.81 3.60 -19.12
CA SER A 226 -16.50 3.92 -18.55
C SER A 226 -16.48 3.36 -17.14
N ASN A 227 -15.28 3.31 -16.57
CA ASN A 227 -15.06 2.86 -15.20
C ASN A 227 -14.65 4.05 -14.33
N ARG A 228 -14.21 3.75 -13.11
CA ARG A 228 -13.43 4.68 -12.34
C ARG A 228 -11.96 4.67 -12.76
N PHE A 229 -11.48 3.56 -13.35
CA PHE A 229 -10.10 3.42 -13.78
C PHE A 229 -9.88 3.74 -15.24
N LEU A 230 -10.94 3.75 -16.06
CA LEU A 230 -10.85 4.06 -17.49
C LEU A 230 -11.90 5.13 -17.80
N GLN A 231 -11.45 6.35 -18.03
CA GLN A 231 -12.38 7.46 -18.14
C GLN A 231 -12.19 8.23 -19.44
N PRO A 232 -13.25 8.88 -19.93
CA PRO A 232 -13.15 9.62 -21.20
C PRO A 232 -12.13 10.74 -21.11
N VAL A 233 -11.40 10.93 -22.22
CA VAL A 233 -10.33 11.94 -22.27
C VAL A 233 -10.90 13.33 -21.99
N GLN A 234 -11.99 13.70 -22.67
CA GLN A 234 -12.52 15.05 -22.57
C GLN A 234 -12.95 15.42 -21.15
N LYS A 235 -13.16 14.43 -20.29
CA LYS A 235 -13.46 14.69 -18.88
C LYS A 235 -12.25 14.56 -17.97
N ILE A 236 -11.24 13.78 -18.37
CA ILE A 236 -10.17 13.37 -17.48
C ILE A 236 -8.83 13.97 -17.82
N ASP A 237 -8.68 14.57 -19.01
CA ASP A 237 -7.35 14.84 -19.56
C ASP A 237 -6.56 15.82 -18.72
N MET A 238 -7.21 16.85 -18.17
CA MET A 238 -6.48 17.83 -17.37
C MET A 238 -5.89 17.19 -16.11
N ASN A 239 -6.65 16.29 -15.48
CA ASN A 239 -6.14 15.61 -14.30
C ASN A 239 -5.03 14.62 -14.67
N LEU A 240 -5.16 13.95 -15.82
CA LEU A 240 -4.14 12.99 -16.22
C LEU A 240 -2.83 13.69 -16.56
N THR A 241 -2.90 14.84 -17.23
CA THR A 241 -1.70 15.59 -17.56
C THR A 241 -0.94 15.99 -16.30
N ASP A 242 -1.67 16.43 -15.27
CA ASP A 242 -1.03 16.82 -14.02
C ASP A 242 -0.49 15.60 -13.28
N LEU A 243 -1.21 14.47 -13.33
CA LEU A 243 -0.70 13.24 -12.72
C LEU A 243 0.57 12.79 -13.41
N LEU A 244 0.55 12.66 -14.74
CA LEU A 244 1.73 12.26 -15.49
C LEU A 244 2.89 13.22 -15.25
N GLY A 245 2.60 14.51 -15.03
CA GLY A 245 3.65 15.46 -14.75
C GLY A 245 4.29 15.27 -13.38
N GLU A 246 3.54 14.72 -12.42
CA GLU A 246 4.01 14.55 -11.06
C GLU A 246 4.56 13.15 -10.78
N LEU A 247 4.49 12.24 -11.75
CA LEU A 247 5.06 10.91 -11.57
C LEU A 247 6.52 11.00 -11.18
N GLN A 248 6.91 10.23 -10.18
CA GLN A 248 8.28 10.25 -9.70
C GLN A 248 8.86 8.85 -9.66
N ARG A 249 10.18 8.79 -9.47
CA ARG A 249 10.91 7.55 -9.35
C ARG A 249 10.28 6.64 -8.30
N ASP A 250 10.42 5.33 -8.52
CA ASP A 250 10.02 4.35 -7.53
C ASP A 250 10.70 4.66 -6.20
N PRO A 251 9.93 4.88 -5.14
CA PRO A 251 10.51 5.42 -3.90
C PRO A 251 11.45 4.46 -3.18
N TRP A 252 11.53 3.21 -3.60
CA TRP A 252 12.32 2.24 -2.86
C TRP A 252 13.80 2.39 -3.21
N PRO A 253 14.68 2.49 -2.22
CA PRO A 253 16.11 2.68 -2.53
C PRO A 253 16.72 1.45 -3.17
N VAL A 254 17.79 1.67 -3.94
CA VAL A 254 18.49 0.62 -4.66
C VAL A 254 19.86 0.44 -4.01
N PRO A 255 20.09 -0.65 -3.27
CA PRO A 255 21.37 -0.80 -2.57
C PRO A 255 22.53 -1.01 -3.54
N GLN A 256 23.74 -0.84 -3.01
CA GLN A 256 24.94 -0.91 -3.82
C GLN A 256 25.11 -2.27 -4.47
N GLY A 257 25.40 -2.27 -5.76
CA GLY A 257 25.58 -3.52 -6.49
C GLY A 257 24.30 -4.26 -6.78
N LYS A 258 23.16 -3.56 -6.82
CA LYS A 258 21.87 -4.17 -7.04
C LYS A 258 21.17 -3.51 -8.22
N ARG A 259 20.31 -4.28 -8.88
CA ARG A 259 19.33 -3.70 -9.78
C ARG A 259 18.09 -3.30 -9.00
N PRO A 260 17.29 -2.37 -9.52
CA PRO A 260 16.00 -2.09 -8.89
C PRO A 260 15.05 -3.25 -9.07
N LEU A 261 14.19 -3.46 -8.08
CA LEU A 261 13.16 -4.48 -8.16
C LEU A 261 12.05 -3.99 -9.09
N ARG A 262 11.89 -4.64 -10.23
CA ARG A 262 10.98 -4.18 -11.28
C ARG A 262 10.01 -5.31 -11.61
N SER A 263 8.71 -5.05 -11.40
CA SER A 263 7.69 -6.10 -11.52
C SER A 263 6.90 -5.94 -12.82
N SER A 264 7.63 -6.02 -13.93
CA SER A 264 7.01 -5.81 -15.24
C SER A 264 5.95 -6.87 -15.53
N GLY A 265 6.20 -8.12 -15.14
CA GLY A 265 5.29 -9.20 -15.50
C GLY A 265 3.97 -9.13 -14.76
N VAL A 266 4.00 -8.73 -13.50
CA VAL A 266 2.76 -8.59 -12.74
C VAL A 266 2.01 -7.33 -13.18
N ALA A 267 2.73 -6.26 -13.48
CA ALA A 267 2.09 -5.05 -14.00
C ALA A 267 1.37 -5.33 -15.31
N LEU A 268 2.01 -6.09 -16.21
CA LEU A 268 1.37 -6.43 -17.46
C LEU A 268 0.17 -7.34 -17.24
N SER A 269 0.27 -8.29 -16.31
CA SER A 269 -0.84 -9.19 -16.04
C SER A 269 -2.00 -8.48 -15.35
N ILE A 270 -1.74 -7.35 -14.70
CA ILE A 270 -2.82 -6.57 -14.10
C ILE A 270 -3.49 -5.68 -15.15
N ALA A 271 -2.70 -5.09 -16.03
CA ALA A 271 -3.25 -4.31 -17.14
C ALA A 271 -4.16 -5.18 -18.01
N VAL A 272 -3.67 -6.36 -18.38
CA VAL A 272 -4.49 -7.30 -19.14
C VAL A 272 -5.73 -7.69 -18.35
N GLY A 273 -5.54 -8.07 -17.09
CA GLY A 273 -6.67 -8.49 -16.27
C GLY A 273 -7.70 -7.40 -16.09
N LEU A 274 -7.25 -6.15 -15.98
CA LEU A 274 -8.17 -5.03 -15.81
C LEU A 274 -9.09 -4.89 -17.01
N LEU A 275 -8.52 -4.80 -18.21
CA LEU A 275 -9.33 -4.67 -19.42
C LEU A 275 -10.17 -5.92 -19.68
N GLU A 276 -9.66 -7.09 -19.31
CA GLU A 276 -10.38 -8.34 -19.56
C GLU A 276 -11.70 -8.41 -18.81
N CYS A 277 -11.79 -7.77 -17.64
CA CYS A 277 -12.99 -7.80 -16.82
C CYS A 277 -13.78 -6.50 -16.87
N THR A 278 -13.38 -5.56 -17.72
CA THR A 278 -14.12 -4.31 -17.90
C THR A 278 -14.64 -4.16 -19.33
N PHE A 279 -13.76 -4.22 -20.34
CA PHE A 279 -14.16 -4.08 -21.74
C PHE A 279 -13.56 -5.22 -22.56
N PRO A 280 -14.03 -6.45 -22.36
CA PRO A 280 -13.60 -7.53 -23.24
C PRO A 280 -14.22 -7.37 -24.62
N ASN A 281 -13.52 -7.91 -25.62
CA ASN A 281 -14.03 -8.00 -26.99
C ASN A 281 -14.27 -6.61 -27.59
N THR A 282 -13.38 -5.67 -27.30
CA THR A 282 -13.43 -4.35 -27.91
C THR A 282 -12.01 -3.81 -28.03
N GLY A 283 -11.82 -2.87 -28.94
CA GLY A 283 -10.49 -2.36 -29.24
C GLY A 283 -9.87 -1.66 -28.04
N ALA A 284 -8.65 -2.05 -27.70
CA ALA A 284 -7.92 -1.45 -26.59
C ALA A 284 -6.43 -1.56 -26.85
N ARG A 285 -5.68 -0.58 -26.35
CA ARG A 285 -4.24 -0.51 -26.53
C ARG A 285 -3.57 -0.45 -25.17
N ILE A 286 -2.84 -1.52 -24.83
CA ILE A 286 -2.01 -1.56 -23.64
C ILE A 286 -0.60 -1.18 -24.08
N MET A 287 -0.21 0.05 -23.76
CA MET A 287 1.10 0.58 -24.12
C MET A 287 1.99 0.54 -22.89
N MET A 288 2.97 -0.37 -22.90
CA MET A 288 3.87 -0.56 -21.76
C MET A 288 5.22 0.07 -22.07
N PHE A 289 5.72 0.87 -21.13
CA PHE A 289 6.99 1.57 -21.24
C PHE A 289 7.91 1.06 -20.14
N ILE A 290 8.94 0.31 -20.52
CA ILE A 290 9.88 -0.29 -19.59
C ILE A 290 11.25 0.33 -19.79
N GLY A 291 11.96 0.58 -18.69
CA GLY A 291 13.29 1.14 -18.75
C GLY A 291 14.34 0.15 -18.25
N GLY A 292 13.97 -1.12 -18.19
CA GLY A 292 14.87 -2.14 -17.74
C GLY A 292 14.23 -3.51 -17.62
N PRO A 293 15.03 -4.52 -17.29
CA PRO A 293 14.50 -5.89 -17.25
C PRO A 293 13.66 -6.15 -16.00
N ALA A 294 12.82 -7.17 -16.09
CA ALA A 294 12.02 -7.59 -14.96
C ALA A 294 12.89 -8.40 -14.00
N THR A 295 13.00 -7.91 -12.76
CA THR A 295 13.89 -8.50 -11.76
C THR A 295 13.13 -9.10 -10.58
N GLN A 296 11.81 -9.24 -10.71
CA GLN A 296 11.01 -9.78 -9.63
C GLN A 296 9.68 -10.39 -10.12
N GLY A 297 9.10 -11.25 -9.30
CA GLY A 297 7.84 -11.88 -9.64
C GLY A 297 7.92 -13.04 -10.62
N PRO A 298 6.76 -13.45 -11.14
CA PRO A 298 6.63 -14.15 -12.42
C PRO A 298 7.05 -13.27 -13.58
N GLY A 299 7.64 -13.89 -14.61
CA GLY A 299 8.11 -13.16 -15.77
C GLY A 299 9.51 -12.59 -15.57
N MET A 300 10.11 -12.90 -14.42
CA MET A 300 11.45 -12.43 -14.13
C MET A 300 12.40 -12.79 -15.26
N VAL A 301 13.37 -11.91 -15.52
CA VAL A 301 14.31 -12.12 -16.62
C VAL A 301 15.72 -12.29 -16.07
N VAL A 302 16.02 -11.61 -14.97
CA VAL A 302 17.36 -11.63 -14.38
C VAL A 302 17.26 -11.31 -12.90
N GLY A 303 18.27 -11.76 -12.14
CA GLY A 303 18.33 -11.47 -10.72
C GLY A 303 18.78 -10.05 -10.45
N ASP A 304 18.65 -9.65 -9.19
CA ASP A 304 18.94 -8.27 -8.79
C ASP A 304 20.42 -8.03 -8.53
N GLU A 305 21.28 -9.03 -8.71
CA GLU A 305 22.71 -8.85 -8.50
C GLU A 305 23.34 -8.23 -9.76
N LEU A 306 23.93 -7.04 -9.60
CA LEU A 306 24.56 -6.38 -10.74
C LEU A 306 25.70 -7.20 -11.33
N LYS A 307 26.41 -7.95 -10.49
CA LYS A 307 27.54 -8.75 -10.96
C LYS A 307 27.12 -9.80 -11.99
N THR A 308 25.86 -10.21 -11.98
CA THR A 308 25.38 -11.25 -12.89
C THR A 308 24.85 -10.58 -14.15
N PRO A 309 25.48 -10.76 -15.31
CA PRO A 309 24.99 -10.11 -16.53
C PRO A 309 23.70 -10.75 -17.03
N ILE A 310 22.95 -9.96 -17.81
CA ILE A 310 21.77 -10.49 -18.49
C ILE A 310 22.22 -11.50 -19.54
N ARG A 311 21.37 -12.49 -19.80
CA ARG A 311 21.73 -13.61 -20.66
C ARG A 311 22.04 -13.14 -22.08
N SER A 312 23.00 -13.82 -22.71
CA SER A 312 23.32 -13.66 -24.11
C SER A 312 22.96 -14.94 -24.86
N TRP A 313 22.98 -14.86 -26.19
CA TRP A 313 22.74 -16.06 -26.99
C TRP A 313 23.72 -17.17 -26.62
N HIS A 314 24.97 -16.80 -26.35
CA HIS A 314 25.95 -17.75 -25.87
C HIS A 314 25.52 -18.37 -24.55
N ASP A 315 24.93 -17.56 -23.66
CA ASP A 315 24.41 -18.08 -22.41
C ASP A 315 23.20 -18.98 -22.65
N ILE A 316 22.39 -18.67 -23.66
CA ILE A 316 21.22 -19.49 -23.96
C ILE A 316 21.65 -20.88 -24.40
N ASP A 317 22.69 -20.96 -25.23
CA ASP A 317 23.05 -22.22 -25.86
C ASP A 317 23.75 -23.17 -24.89
N LYS A 318 24.47 -22.64 -23.91
CA LYS A 318 25.11 -23.47 -22.89
C LYS A 318 24.27 -23.58 -21.62
N ASP A 319 22.96 -23.35 -21.74
CA ASP A 319 22.01 -23.56 -20.64
C ASP A 319 22.39 -22.77 -19.40
N ASN A 320 22.93 -21.57 -19.60
CA ASN A 320 23.24 -20.66 -18.50
C ASN A 320 22.26 -19.49 -18.52
N ALA A 321 20.96 -19.80 -18.50
CA ALA A 321 19.90 -18.79 -18.54
C ALA A 321 18.67 -19.40 -17.86
N LYS A 322 18.72 -19.45 -16.54
CA LYS A 322 17.71 -20.14 -15.76
C LYS A 322 16.38 -19.41 -15.70
N TYR A 323 16.23 -18.27 -16.37
CA TYR A 323 15.00 -17.51 -16.34
C TYR A 323 14.24 -17.48 -17.66
N VAL A 324 14.89 -17.80 -18.77
CA VAL A 324 14.29 -17.65 -20.10
C VAL A 324 12.98 -18.43 -20.21
N LYS A 325 13.04 -19.74 -19.99
CA LYS A 325 11.90 -20.59 -20.29
C LYS A 325 10.73 -20.32 -19.36
N LYS A 326 10.99 -20.15 -18.06
CA LYS A 326 9.89 -19.86 -17.14
C LYS A 326 9.32 -18.46 -17.36
N GLY A 327 10.17 -17.51 -17.76
CA GLY A 327 9.67 -16.17 -18.04
C GLY A 327 8.91 -16.09 -19.34
N THR A 328 9.40 -16.78 -20.37
CA THR A 328 8.69 -16.81 -21.66
C THR A 328 7.29 -17.40 -21.50
N LYS A 329 7.16 -18.42 -20.65
CA LYS A 329 5.86 -19.06 -20.45
C LYS A 329 4.83 -18.08 -19.89
N HIS A 330 5.27 -17.19 -18.99
CA HIS A 330 4.36 -16.26 -18.36
C HIS A 330 3.81 -15.24 -19.34
N PHE A 331 4.66 -14.72 -20.24
CA PHE A 331 4.20 -13.71 -21.17
C PHE A 331 3.42 -14.30 -22.34
N GLU A 332 3.68 -15.57 -22.68
CA GLU A 332 2.84 -16.24 -23.68
C GLU A 332 1.42 -16.42 -23.15
N ALA A 333 1.27 -16.78 -21.88
CA ALA A 333 -0.05 -16.86 -21.28
C ALA A 333 -0.76 -15.52 -21.36
N LEU A 334 -0.03 -14.42 -21.13
CA LEU A 334 -0.63 -13.10 -21.21
C LEU A 334 -1.01 -12.74 -22.63
N ALA A 335 -0.12 -13.02 -23.59
CA ALA A 335 -0.38 -12.70 -24.99
C ALA A 335 -1.67 -13.37 -25.47
N ASN A 336 -1.85 -14.65 -25.15
CA ASN A 336 -3.04 -15.35 -25.58
C ASN A 336 -4.28 -14.84 -24.84
N ARG A 337 -4.14 -14.48 -23.57
CA ARG A 337 -5.26 -13.89 -22.83
C ARG A 337 -5.71 -12.60 -23.48
N ALA A 338 -4.77 -11.72 -23.82
CA ALA A 338 -5.12 -10.47 -24.47
C ALA A 338 -5.66 -10.70 -25.87
N ALA A 339 -5.00 -11.57 -26.65
CA ALA A 339 -5.43 -11.80 -28.03
C ALA A 339 -6.79 -12.51 -28.09
N THR A 340 -7.08 -13.39 -27.14
CA THR A 340 -8.42 -13.96 -27.05
C THR A 340 -9.45 -12.90 -26.76
N THR A 341 -9.14 -11.99 -25.82
CA THR A 341 -10.04 -10.90 -25.48
C THR A 341 -10.14 -9.86 -26.59
N GLY A 342 -9.12 -9.76 -27.45
CA GLY A 342 -9.13 -8.81 -28.53
C GLY A 342 -8.35 -7.53 -28.29
N HIS A 343 -7.44 -7.52 -27.33
CA HIS A 343 -6.69 -6.32 -26.96
C HIS A 343 -5.26 -6.40 -27.48
N VAL A 344 -4.61 -5.23 -27.53
CA VAL A 344 -3.30 -5.06 -28.14
C VAL A 344 -2.29 -4.66 -27.07
N ILE A 345 -1.10 -5.25 -27.16
CA ILE A 345 0.01 -4.96 -26.24
C ILE A 345 1.15 -4.35 -27.04
N ASP A 346 1.56 -3.15 -26.64
CA ASP A 346 2.75 -2.50 -27.17
C ASP A 346 3.85 -2.51 -26.11
N ILE A 347 5.09 -2.71 -26.55
CA ILE A 347 6.25 -2.70 -25.66
C ILE A 347 7.20 -1.63 -26.17
N TYR A 348 7.36 -0.56 -25.39
CA TYR A 348 8.34 0.50 -25.66
C TYR A 348 9.45 0.36 -24.61
N ALA A 349 10.63 -0.04 -25.06
CA ALA A 349 11.72 -0.46 -24.17
C ALA A 349 12.99 0.31 -24.51
N CYS A 350 13.40 1.21 -23.61
CA CYS A 350 14.60 2.02 -23.80
C CYS A 350 15.49 1.91 -22.57
N ALA A 351 16.70 1.40 -22.76
CA ALA A 351 17.69 1.26 -21.70
C ALA A 351 19.04 0.98 -22.34
N LEU A 352 20.10 1.17 -21.57
CA LEU A 352 21.45 0.90 -22.06
C LEU A 352 21.79 -0.58 -22.06
N ASP A 353 21.06 -1.39 -21.30
CA ASP A 353 21.26 -2.83 -21.25
C ASP A 353 20.07 -3.55 -21.87
N GLN A 354 20.14 -4.88 -21.88
CA GLN A 354 19.00 -5.66 -22.36
C GLN A 354 17.83 -5.56 -21.39
N THR A 355 16.63 -5.76 -21.92
CA THR A 355 15.40 -5.45 -21.21
C THR A 355 14.44 -6.61 -21.07
N GLY A 356 14.64 -7.70 -21.80
CA GLY A 356 13.73 -8.84 -21.72
C GLY A 356 12.83 -9.00 -22.91
N LEU A 357 13.19 -8.41 -24.06
CA LEU A 357 12.35 -8.53 -25.24
C LEU A 357 12.21 -9.97 -25.70
N LEU A 358 13.24 -10.79 -25.48
CA LEU A 358 13.17 -12.19 -25.90
C LEU A 358 12.03 -12.93 -25.21
N GLU A 359 11.79 -12.61 -23.93
CA GLU A 359 10.75 -13.25 -23.16
C GLU A 359 9.37 -12.61 -23.35
N MET A 360 9.31 -11.33 -23.74
CA MET A 360 8.05 -10.62 -23.90
C MET A 360 7.60 -10.50 -25.35
N LYS A 361 8.38 -11.02 -26.29
CA LYS A 361 8.10 -10.77 -27.70
C LYS A 361 6.72 -11.29 -28.11
N CYS A 362 6.22 -12.32 -27.45
CA CYS A 362 4.95 -12.92 -27.87
C CYS A 362 3.77 -11.97 -27.65
N CYS A 363 3.90 -11.01 -26.73
CA CYS A 363 2.79 -10.09 -26.50
C CYS A 363 2.52 -9.19 -27.69
N PRO A 364 3.50 -8.43 -28.23
CA PRO A 364 3.23 -7.66 -29.45
C PRO A 364 3.32 -8.47 -30.74
N ASN A 365 3.72 -9.73 -30.68
CA ASN A 365 3.74 -10.59 -31.87
C ASN A 365 2.39 -11.26 -32.10
N LEU A 366 1.83 -11.89 -31.06
CA LEU A 366 0.51 -12.50 -31.20
C LEU A 366 -0.55 -11.45 -31.45
N THR A 367 -0.65 -10.46 -30.57
CA THR A 367 -1.39 -9.27 -30.90
C THR A 367 -0.65 -8.49 -31.99
N GLY A 368 -1.32 -7.49 -32.54
CA GLY A 368 -0.71 -6.66 -33.55
C GLY A 368 0.05 -5.49 -32.97
N GLY A 369 0.71 -5.72 -31.82
CA GLY A 369 1.28 -4.64 -31.06
C GLY A 369 2.64 -4.20 -31.57
N TYR A 370 2.98 -2.94 -31.25
CA TYR A 370 4.26 -2.35 -31.64
C TYR A 370 5.36 -2.75 -30.67
N MET A 371 6.59 -2.82 -31.19
CA MET A 371 7.78 -3.09 -30.41
C MET A 371 8.83 -2.05 -30.76
N VAL A 372 9.12 -1.15 -29.81
CA VAL A 372 10.06 -0.06 -30.01
C VAL A 372 11.20 -0.22 -29.01
N MET A 373 12.43 -0.03 -29.50
CA MET A 373 13.63 -0.34 -28.72
C MET A 373 14.69 0.73 -28.98
N GLY A 374 15.08 1.44 -27.93
CA GLY A 374 16.12 2.44 -28.04
C GLY A 374 17.09 2.37 -26.86
N ASP A 375 18.01 3.34 -26.78
CA ASP A 375 18.94 3.40 -25.66
C ASP A 375 18.40 4.20 -24.50
N SER A 376 17.50 5.15 -24.77
CA SER A 376 16.94 6.03 -23.74
C SER A 376 15.67 6.66 -24.28
N PHE A 377 14.73 6.92 -23.36
CA PHE A 377 13.54 7.69 -23.72
C PHE A 377 13.85 9.15 -24.01
N ASN A 378 15.08 9.59 -23.75
CA ASN A 378 15.49 11.00 -23.88
C ASN A 378 16.28 11.24 -25.16
N THR A 379 15.80 10.68 -26.27
CA THR A 379 16.43 10.86 -27.57
C THR A 379 15.37 11.28 -28.59
N SER A 380 15.84 11.94 -29.66
CA SER A 380 14.96 12.19 -30.79
C SER A 380 14.46 10.89 -31.41
N LEU A 381 15.27 9.83 -31.33
CA LEU A 381 14.87 8.54 -31.90
C LEU A 381 13.55 8.06 -31.29
N PHE A 382 13.45 8.01 -29.97
CA PHE A 382 12.24 7.52 -29.35
C PHE A 382 11.10 8.51 -29.48
N LYS A 383 11.37 9.79 -29.19
CA LYS A 383 10.31 10.79 -29.17
C LYS A 383 9.61 10.88 -30.51
N GLN A 384 10.37 10.81 -31.61
CA GLN A 384 9.74 10.86 -32.92
C GLN A 384 9.04 9.56 -33.27
N THR A 385 9.66 8.41 -32.93
CA THR A 385 8.98 7.13 -33.15
C THR A 385 7.66 7.07 -32.40
N PHE A 386 7.64 7.54 -31.15
CA PHE A 386 6.43 7.41 -30.35
C PHE A 386 5.28 8.25 -30.89
N GLN A 387 5.57 9.40 -31.52
CA GLN A 387 4.48 10.21 -32.03
C GLN A 387 4.03 9.79 -33.43
N ARG A 388 4.87 9.06 -34.17
CA ARG A 388 4.39 8.49 -35.43
C ARG A 388 3.29 7.46 -35.18
N VAL A 389 3.30 6.82 -34.01
CA VAL A 389 2.25 5.88 -33.61
C VAL A 389 0.87 6.52 -33.77
N PHE A 390 0.78 7.82 -33.52
CA PHE A 390 -0.49 8.54 -33.53
C PHE A 390 -0.66 9.40 -34.79
N THR A 391 -0.04 8.97 -35.90
CA THR A 391 -0.24 9.63 -37.17
C THR A 391 -1.69 9.48 -37.62
N LYS A 392 -2.27 10.58 -38.10
CA LYS A 392 -3.65 10.62 -38.54
C LYS A 392 -3.71 10.71 -40.06
N ASP A 393 -4.90 10.44 -40.59
CA ASP A 393 -5.13 10.50 -42.03
C ASP A 393 -5.82 11.82 -42.39
N MET A 394 -6.34 11.89 -43.62
CA MET A 394 -6.98 13.08 -44.20
C MET A 394 -8.30 13.44 -43.54
N HIS A 395 -8.67 12.79 -42.44
CA HIS A 395 -9.86 13.15 -41.68
C HIS A 395 -9.56 13.35 -40.20
N GLY A 396 -8.29 13.42 -39.82
CA GLY A 396 -7.90 13.54 -38.42
C GLY A 396 -8.04 12.26 -37.62
N GLN A 397 -7.96 11.11 -38.26
CA GLN A 397 -8.25 9.83 -37.62
C GLN A 397 -7.04 8.91 -37.67
N PHE A 398 -6.85 8.15 -36.60
CA PHE A 398 -5.65 7.33 -36.45
C PHE A 398 -5.56 6.26 -37.53
N LYS A 399 -4.33 6.00 -37.97
CA LYS A 399 -4.07 4.94 -38.93
C LYS A 399 -3.92 3.58 -38.24
N MET A 400 -4.82 3.26 -37.33
CA MET A 400 -4.81 1.96 -36.66
C MET A 400 -6.21 1.37 -36.71
N GLY A 401 -6.26 0.05 -36.48
CA GLY A 401 -7.52 -0.67 -36.43
C GLY A 401 -7.42 -1.78 -35.41
N PHE A 402 -8.58 -2.22 -34.93
CA PHE A 402 -8.64 -3.12 -33.79
C PHE A 402 -9.61 -4.26 -34.06
N GLY A 403 -9.37 -5.37 -33.37
CA GLY A 403 -10.25 -6.52 -33.47
C GLY A 403 -10.40 -7.07 -34.87
N GLY A 404 -9.30 -7.14 -35.61
CA GLY A 404 -9.37 -7.59 -36.99
C GLY A 404 -9.62 -9.07 -37.07
N THR A 405 -10.60 -9.47 -37.87
CA THR A 405 -10.91 -10.87 -38.13
C THR A 405 -10.73 -11.13 -39.62
N LEU A 406 -9.75 -11.97 -39.96
CA LEU A 406 -9.51 -12.37 -41.34
C LEU A 406 -10.19 -13.70 -41.61
N GLU A 407 -10.97 -13.76 -42.68
CA GLU A 407 -11.61 -14.98 -43.14
C GLU A 407 -11.33 -15.13 -44.63
N ILE A 408 -10.91 -16.33 -45.03
CA ILE A 408 -10.49 -16.60 -46.40
C ILE A 408 -11.39 -17.68 -46.98
N LYS A 409 -11.96 -17.39 -48.15
CA LYS A 409 -12.79 -18.33 -48.88
C LYS A 409 -12.12 -18.63 -50.22
N THR A 410 -12.03 -19.91 -50.56
CA THR A 410 -11.31 -20.34 -51.75
C THR A 410 -12.21 -21.23 -52.60
N SER A 411 -11.81 -21.37 -53.86
CA SER A 411 -12.43 -22.38 -54.71
C SER A 411 -12.26 -23.75 -54.10
N ARG A 412 -13.11 -24.70 -54.51
CA ARG A 412 -13.04 -26.04 -53.95
C ARG A 412 -11.70 -26.71 -54.22
N GLU A 413 -10.92 -26.21 -55.19
CA GLU A 413 -9.63 -26.78 -55.51
C GLU A 413 -8.49 -26.26 -54.65
N ILE A 414 -8.71 -25.22 -53.85
CA ILE A 414 -7.67 -24.56 -53.07
C ILE A 414 -7.91 -24.84 -51.59
N LYS A 415 -6.82 -25.08 -50.86
CA LYS A 415 -6.86 -25.27 -49.42
C LYS A 415 -5.80 -24.39 -48.77
N ILE A 416 -6.07 -23.98 -47.54
CA ILE A 416 -5.22 -23.06 -46.79
C ILE A 416 -4.36 -23.86 -45.83
N SER A 417 -3.04 -23.69 -45.93
CA SER A 417 -2.12 -24.37 -45.03
C SER A 417 -1.89 -23.60 -43.74
N GLY A 418 -1.94 -22.28 -43.78
CA GLY A 418 -1.79 -21.49 -42.57
C GLY A 418 -1.31 -20.10 -42.89
N ALA A 419 -1.07 -19.35 -41.81
CA ALA A 419 -0.62 -17.96 -41.91
C ALA A 419 0.62 -17.76 -41.05
N ILE A 420 1.45 -16.80 -41.47
CA ILE A 420 2.63 -16.38 -40.72
C ILE A 420 2.62 -14.86 -40.66
N GLY A 421 2.38 -14.32 -39.48
CA GLY A 421 2.29 -12.89 -39.28
C GLY A 421 1.63 -12.57 -37.94
N PRO A 422 1.40 -11.29 -37.66
CA PRO A 422 0.74 -10.92 -36.41
C PRO A 422 -0.73 -11.34 -36.39
N CYS A 423 -1.02 -12.53 -35.88
CA CYS A 423 -2.40 -13.02 -35.88
C CYS A 423 -2.51 -14.21 -34.94
N VAL A 424 -3.75 -14.50 -34.55
CA VAL A 424 -4.11 -15.64 -33.72
C VAL A 424 -5.24 -16.39 -34.43
N SER A 425 -5.26 -17.71 -34.27
CA SER A 425 -6.28 -18.53 -34.89
C SER A 425 -7.57 -18.50 -34.09
N LEU A 426 -8.69 -18.38 -34.81
CA LEU A 426 -10.01 -18.62 -34.23
C LEU A 426 -10.39 -20.09 -34.25
N ASN A 427 -9.53 -20.94 -34.80
CA ASN A 427 -9.71 -22.41 -34.79
C ASN A 427 -11.06 -22.80 -35.39
N SER A 428 -11.41 -22.17 -36.52
CA SER A 428 -12.63 -22.49 -37.24
C SER A 428 -12.29 -23.47 -38.36
N LYS A 429 -13.10 -24.52 -38.48
CA LYS A 429 -12.82 -25.60 -39.41
C LYS A 429 -13.78 -25.57 -40.60
N GLY A 430 -13.34 -26.19 -41.69
CA GLY A 430 -14.11 -26.26 -42.90
C GLY A 430 -13.37 -26.99 -44.00
N PRO A 431 -13.97 -27.06 -45.20
CA PRO A 431 -13.30 -27.75 -46.31
C PRO A 431 -12.08 -27.01 -46.85
N CYS A 432 -11.90 -25.73 -46.51
CA CYS A 432 -10.74 -24.98 -46.98
C CYS A 432 -9.49 -25.25 -46.16
N VAL A 433 -9.62 -25.83 -44.96
CA VAL A 433 -8.48 -26.05 -44.08
C VAL A 433 -7.70 -27.28 -44.57
N SER A 434 -6.39 -27.13 -44.64
CA SER A 434 -5.52 -28.20 -45.12
C SER A 434 -4.98 -29.03 -43.95
N GLU A 435 -4.59 -30.26 -44.26
CA GLU A 435 -3.96 -31.11 -43.25
C GLU A 435 -2.52 -30.71 -43.00
N ASN A 436 -1.79 -30.38 -44.06
CA ASN A 436 -0.43 -29.85 -43.94
C ASN A 436 -0.53 -28.41 -43.45
N GLU A 437 -0.35 -28.20 -42.15
CA GLU A 437 -0.48 -26.88 -41.55
C GLU A 437 0.89 -26.22 -41.41
N ILE A 438 0.94 -24.93 -41.71
CA ILE A 438 2.16 -24.14 -41.65
C ILE A 438 1.88 -22.90 -40.81
N GLY A 439 2.78 -22.59 -39.90
CA GLY A 439 2.58 -21.44 -39.04
C GLY A 439 1.35 -21.61 -38.17
N THR A 440 0.60 -20.53 -38.01
CA THR A 440 -0.71 -20.62 -37.37
C THR A 440 -1.68 -21.23 -38.37
N GLY A 441 -1.94 -22.52 -38.22
CA GLY A 441 -2.75 -23.23 -39.19
C GLY A 441 -3.98 -23.88 -38.61
N GLY A 442 -4.63 -24.75 -39.40
CA GLY A 442 -5.83 -25.42 -38.93
C GLY A 442 -7.04 -24.52 -38.83
N THR A 443 -7.13 -23.50 -39.69
CA THR A 443 -8.23 -22.55 -39.57
C THR A 443 -8.40 -21.80 -40.89
N CYS A 444 -9.62 -21.34 -41.14
CA CYS A 444 -9.90 -20.38 -42.20
C CYS A 444 -10.28 -19.02 -41.63
N GLN A 445 -10.10 -18.82 -40.34
CA GLN A 445 -10.38 -17.54 -39.69
C GLN A 445 -9.26 -17.23 -38.70
N TRP A 446 -8.77 -15.99 -38.75
CA TRP A 446 -7.74 -15.51 -37.85
C TRP A 446 -8.20 -14.20 -37.22
N LYS A 447 -7.70 -13.94 -36.02
CA LYS A 447 -7.90 -12.65 -35.35
C LYS A 447 -6.60 -11.88 -35.36
N ILE A 448 -6.70 -10.57 -35.59
CA ILE A 448 -5.57 -9.65 -35.58
C ILE A 448 -5.99 -8.47 -34.73
N CYS A 449 -5.59 -8.46 -33.46
CA CYS A 449 -6.10 -7.46 -32.53
C CYS A 449 -5.73 -6.05 -32.93
N GLY A 450 -4.59 -5.88 -33.60
CA GLY A 450 -4.19 -4.56 -34.07
C GLY A 450 -3.58 -4.61 -35.46
N LEU A 451 -4.00 -3.72 -36.35
CA LEU A 451 -3.45 -3.67 -37.69
C LEU A 451 -3.33 -2.22 -38.13
N SER A 452 -2.35 -1.98 -39.02
CA SER A 452 -2.06 -0.69 -39.62
C SER A 452 -2.10 -0.87 -41.14
N PRO A 453 -2.04 0.20 -41.92
CA PRO A 453 -2.06 0.05 -43.39
C PRO A 453 -0.84 -0.67 -43.97
N THR A 454 0.15 -1.03 -43.17
CA THR A 454 1.30 -1.78 -43.68
C THR A 454 1.35 -3.22 -43.19
N THR A 455 0.48 -3.60 -42.25
CA THR A 455 0.46 -4.96 -41.74
C THR A 455 0.30 -5.95 -42.88
N THR A 456 1.28 -6.85 -43.03
CA THR A 456 1.29 -7.80 -44.13
C THR A 456 1.33 -9.22 -43.56
N LEU A 457 0.30 -9.99 -43.84
CA LEU A 457 0.25 -11.41 -43.52
C LEU A 457 0.82 -12.22 -44.68
N ALA A 458 1.31 -13.42 -44.34
CA ALA A 458 1.71 -14.42 -45.32
C ALA A 458 0.78 -15.62 -45.19
N ILE A 459 -0.01 -15.87 -46.23
CA ILE A 459 -0.96 -16.99 -46.25
C ILE A 459 -0.42 -18.02 -47.24
N TYR A 460 -0.27 -19.25 -46.78
CA TYR A 460 0.30 -20.33 -47.57
C TYR A 460 -0.82 -21.27 -48.01
N PHE A 461 -0.88 -21.52 -49.32
CA PHE A 461 -1.98 -22.26 -49.94
C PHE A 461 -1.49 -23.61 -50.43
N GLU A 462 -2.45 -24.38 -50.96
CA GLU A 462 -2.20 -25.74 -51.41
C GLU A 462 -3.32 -26.13 -52.36
N VAL A 463 -2.96 -26.69 -53.51
CA VAL A 463 -3.92 -27.14 -54.50
C VAL A 463 -4.18 -28.62 -54.28
N VAL A 464 -5.44 -28.97 -54.07
CA VAL A 464 -5.82 -30.35 -53.85
C VAL A 464 -6.80 -30.81 -54.94
N GLY A 475 -10.48 -21.77 -66.96
CA GLY A 475 -9.48 -21.51 -65.94
C GLY A 475 -9.97 -20.65 -64.79
N ARG A 476 -9.05 -20.06 -64.06
CA ARG A 476 -9.44 -19.15 -62.97
C ARG A 476 -9.77 -19.61 -61.59
N GLY A 477 -8.76 -19.81 -60.77
CA GLY A 477 -8.95 -20.12 -59.37
C GLY A 477 -9.23 -18.81 -58.68
N ALA A 478 -10.00 -18.83 -57.62
CA ALA A 478 -10.37 -17.61 -56.91
C ALA A 478 -10.16 -17.75 -55.41
N ILE A 479 -9.82 -16.62 -54.78
CA ILE A 479 -9.67 -16.50 -53.33
C ILE A 479 -10.30 -15.19 -52.91
N GLN A 480 -11.07 -15.22 -51.81
CA GLN A 480 -11.70 -14.04 -51.25
C GLN A 480 -11.17 -13.79 -49.85
N PHE A 481 -10.65 -12.59 -49.62
CA PHE A 481 -10.18 -12.14 -48.31
C PHE A 481 -11.22 -11.22 -47.70
N VAL A 482 -11.73 -11.57 -46.52
CA VAL A 482 -12.70 -10.76 -45.79
C VAL A 482 -12.10 -10.38 -44.45
N THR A 483 -11.99 -9.08 -44.20
CA THR A 483 -11.37 -8.55 -43.00
C THR A 483 -12.37 -7.64 -42.28
N GLN A 484 -12.84 -8.09 -41.12
CA GLN A 484 -13.68 -7.29 -40.24
C GLN A 484 -12.83 -6.69 -39.14
N TYR A 485 -12.99 -5.40 -38.89
CA TYR A 485 -12.20 -4.72 -37.88
C TYR A 485 -12.93 -3.48 -37.42
N GLN A 486 -12.53 -2.98 -36.25
CA GLN A 486 -13.04 -1.73 -35.70
C GLN A 486 -12.13 -0.59 -36.14
N HIS A 487 -12.70 0.35 -36.88
CA HIS A 487 -11.95 1.53 -37.29
C HIS A 487 -11.62 2.39 -36.09
N SER A 488 -10.56 3.20 -36.22
CA SER A 488 -10.20 4.12 -35.15
C SER A 488 -11.33 5.12 -34.86
N SER A 489 -12.22 5.36 -35.82
CA SER A 489 -13.37 6.23 -35.63
C SER A 489 -14.49 5.57 -34.84
N GLY A 490 -14.38 4.27 -34.57
CA GLY A 490 -15.42 3.50 -33.93
C GLY A 490 -16.25 2.66 -34.88
N GLN A 491 -16.36 3.09 -36.14
CA GLN A 491 -17.15 2.36 -37.12
C GLN A 491 -16.66 0.92 -37.25
N ARG A 492 -17.60 0.00 -37.41
CA ARG A 492 -17.27 -1.35 -37.84
C ARG A 492 -17.14 -1.37 -39.36
N ARG A 493 -16.11 -2.06 -39.85
CA ARG A 493 -15.84 -2.08 -41.27
C ARG A 493 -15.50 -3.49 -41.74
N ILE A 494 -15.85 -3.76 -42.99
CA ILE A 494 -15.46 -4.99 -43.68
C ILE A 494 -14.72 -4.60 -44.94
N ARG A 495 -13.50 -5.09 -45.07
CA ARG A 495 -12.73 -4.98 -46.30
C ARG A 495 -12.76 -6.32 -47.02
N VAL A 496 -13.05 -6.30 -48.31
CA VAL A 496 -13.19 -7.49 -49.12
C VAL A 496 -12.30 -7.36 -50.34
N THR A 497 -11.32 -8.25 -50.46
CA THR A 497 -10.50 -8.38 -51.65
C THR A 497 -10.80 -9.72 -52.31
N THR A 498 -11.06 -9.70 -53.61
CA THR A 498 -11.32 -10.90 -54.39
C THR A 498 -10.38 -10.90 -55.59
N ILE A 499 -9.52 -11.92 -55.66
CA ILE A 499 -8.57 -12.05 -56.76
C ILE A 499 -8.84 -13.37 -57.48
N ALA A 500 -8.24 -13.50 -58.66
CA ALA A 500 -8.36 -14.71 -59.46
C ALA A 500 -7.10 -14.85 -60.31
N ARG A 501 -6.61 -16.10 -60.40
CA ARG A 501 -5.41 -16.40 -61.18
C ARG A 501 -5.69 -17.59 -62.08
N ASN A 502 -4.98 -17.65 -63.19
CA ASN A 502 -5.27 -18.65 -64.22
C ASN A 502 -4.80 -20.03 -63.79
N TRP A 503 -5.64 -21.03 -64.08
CA TRP A 503 -5.19 -22.41 -64.02
C TRP A 503 -4.25 -22.67 -65.20
N ALA A 504 -3.16 -23.40 -64.92
CA ALA A 504 -2.15 -23.63 -65.95
C ALA A 504 -2.73 -24.47 -67.09
N ASP A 505 -2.55 -23.99 -68.32
CA ASP A 505 -2.98 -24.75 -69.49
C ASP A 505 -2.22 -26.07 -69.57
N ALA A 506 -2.95 -27.16 -69.78
CA ALA A 506 -2.37 -28.50 -69.59
C ALA A 506 -1.30 -28.80 -70.62
N GLN A 507 -1.36 -28.17 -71.78
CA GLN A 507 -0.37 -28.38 -72.84
C GLN A 507 1.02 -27.93 -72.39
N THR A 508 1.06 -26.81 -71.70
CA THR A 508 2.28 -26.22 -71.23
C THR A 508 2.17 -25.88 -69.77
N GLN A 509 2.10 -26.88 -68.88
CA GLN A 509 1.96 -26.54 -67.51
C GLN A 509 3.16 -25.85 -66.88
N ILE A 510 4.37 -26.33 -67.08
CA ILE A 510 5.51 -25.75 -66.37
C ILE A 510 6.00 -24.48 -67.04
N GLN A 511 5.73 -24.31 -68.34
CA GLN A 511 6.17 -23.11 -69.04
C GLN A 511 5.35 -21.90 -68.64
N ASN A 512 4.03 -22.05 -68.55
CA ASN A 512 3.19 -20.97 -68.07
C ASN A 512 3.49 -20.65 -66.61
N ILE A 513 3.71 -21.69 -65.80
CA ILE A 513 3.98 -21.48 -64.38
C ILE A 513 5.29 -20.73 -64.18
N ALA A 514 6.33 -21.13 -64.90
CA ALA A 514 7.64 -20.48 -64.77
C ALA A 514 7.60 -19.03 -65.22
N ALA A 515 6.64 -18.65 -66.05
CA ALA A 515 6.49 -17.26 -66.45
C ALA A 515 5.79 -16.41 -65.40
N SER A 516 5.10 -17.03 -64.44
CA SER A 516 4.32 -16.32 -63.43
C SER A 516 5.07 -16.14 -62.12
N PHE A 517 6.34 -16.54 -62.06
CA PHE A 517 7.08 -16.51 -60.80
C PHE A 517 7.38 -15.07 -60.37
N ASP A 518 7.10 -14.77 -59.11
CA ASP A 518 7.44 -13.48 -58.50
C ASP A 518 8.58 -13.77 -57.54
N GLN A 519 9.81 -13.52 -57.99
CA GLN A 519 10.98 -13.92 -57.23
C GLN A 519 11.13 -13.12 -55.94
N GLU A 520 10.82 -11.82 -55.99
CA GLU A 520 10.83 -11.01 -54.77
C GLU A 520 9.87 -11.56 -53.74
N ALA A 521 8.60 -11.78 -54.16
CA ALA A 521 7.58 -12.27 -53.24
C ALA A 521 7.94 -13.64 -52.69
N ALA A 522 8.45 -14.53 -53.55
CA ALA A 522 8.78 -15.88 -53.10
C ALA A 522 9.97 -15.86 -52.14
N ALA A 523 10.93 -14.97 -52.37
CA ALA A 523 12.07 -14.86 -51.47
C ALA A 523 11.61 -14.50 -50.06
N ILE A 524 10.75 -13.50 -49.94
CA ILE A 524 10.24 -13.10 -48.63
C ILE A 524 9.36 -14.20 -48.05
N LEU A 525 8.56 -14.86 -48.89
CA LEU A 525 7.69 -15.92 -48.41
C LEU A 525 8.47 -17.11 -47.90
N MET A 526 9.53 -17.51 -48.62
CA MET A 526 10.41 -18.55 -48.09
C MET A 526 11.18 -18.07 -46.88
N ALA A 527 11.57 -16.79 -46.84
CA ALA A 527 12.24 -16.24 -45.68
C ALA A 527 11.34 -16.23 -44.46
N ARG A 528 10.05 -15.94 -44.64
CA ARG A 528 9.10 -16.02 -43.54
C ARG A 528 9.02 -17.44 -43.00
N LEU A 529 9.11 -18.44 -43.88
CA LEU A 529 9.07 -19.83 -43.47
C LEU A 529 10.30 -20.22 -42.66
N ALA A 530 11.46 -19.62 -42.98
CA ALA A 530 12.70 -20.00 -42.32
C ALA A 530 12.84 -19.35 -40.96
N ILE A 531 12.48 -18.07 -40.83
CA ILE A 531 12.52 -17.41 -39.53
C ILE A 531 11.54 -18.06 -38.58
N TYR A 532 10.37 -18.45 -39.08
CA TYR A 532 9.36 -19.06 -38.22
C TYR A 532 9.81 -20.41 -37.68
N ARG A 533 10.60 -21.17 -38.46
CA ARG A 533 11.12 -22.43 -37.97
C ARG A 533 12.31 -22.22 -37.02
N ALA A 534 13.11 -21.17 -37.25
CA ALA A 534 14.21 -20.88 -36.34
C ALA A 534 13.71 -20.38 -35.00
N GLU A 535 12.70 -19.50 -35.01
CA GLU A 535 12.11 -18.96 -33.79
C GLU A 535 11.13 -19.93 -33.14
N THR A 536 10.98 -21.13 -33.70
CA THR A 536 10.24 -22.21 -33.06
C THR A 536 10.94 -23.53 -33.36
N GLU A 537 12.23 -23.58 -33.03
CA GLU A 537 13.10 -24.71 -33.35
C GLU A 537 12.52 -26.07 -32.96
N ASP A 541 18.89 -28.17 -38.78
CA ASP A 541 19.35 -26.87 -39.21
C ASP A 541 18.40 -26.27 -40.24
N VAL A 542 18.11 -24.98 -40.10
CA VAL A 542 17.19 -24.31 -41.01
C VAL A 542 17.86 -24.04 -42.36
N LEU A 543 19.15 -23.68 -42.34
CA LEU A 543 19.86 -23.38 -43.58
C LEU A 543 19.84 -24.56 -44.55
N ARG A 544 19.86 -25.79 -44.04
CA ARG A 544 19.81 -26.95 -44.90
C ARG A 544 18.49 -27.03 -45.67
N TRP A 545 17.38 -26.60 -45.05
CA TRP A 545 16.12 -26.55 -45.79
C TRP A 545 16.14 -25.46 -46.85
N LEU A 546 16.75 -24.32 -46.52
CA LEU A 546 16.81 -23.22 -47.49
C LEU A 546 17.64 -23.58 -48.71
N ASP A 547 18.68 -24.41 -48.54
CA ASP A 547 19.58 -24.71 -49.64
C ASP A 547 19.01 -25.80 -50.54
N ARG A 548 18.50 -26.89 -49.95
CA ARG A 548 17.84 -27.92 -50.74
C ARG A 548 16.75 -27.33 -51.62
N GLN A 549 16.00 -26.37 -51.09
CA GLN A 549 14.95 -25.73 -51.88
C GLN A 549 15.54 -24.81 -52.95
N LEU A 550 16.64 -24.12 -52.64
CA LEU A 550 17.30 -23.29 -53.66
C LEU A 550 17.86 -24.16 -54.77
N ILE A 551 18.58 -25.23 -54.42
CA ILE A 551 19.14 -26.12 -55.43
C ILE A 551 18.04 -26.78 -56.24
N ARG A 552 16.95 -27.19 -55.56
CA ARG A 552 15.82 -27.78 -56.28
C ARG A 552 15.20 -26.79 -57.25
N LEU A 553 15.05 -25.53 -56.83
CA LEU A 553 14.52 -24.51 -57.73
C LEU A 553 15.43 -24.29 -58.93
N CYS A 554 16.73 -24.49 -58.76
CA CYS A 554 17.66 -24.35 -59.88
C CYS A 554 17.45 -25.46 -60.91
N GLN A 555 17.25 -26.69 -60.45
CA GLN A 555 17.17 -27.81 -61.38
C GLN A 555 15.87 -27.79 -62.17
N LYS A 556 14.76 -27.44 -61.52
CA LYS A 556 13.47 -27.52 -62.20
C LYS A 556 13.29 -26.38 -63.20
N PHE A 557 13.79 -25.19 -62.88
CA PHE A 557 13.52 -24.01 -63.68
C PHE A 557 14.74 -23.38 -64.32
N GLY A 558 15.94 -23.89 -64.04
CA GLY A 558 17.15 -23.39 -64.67
C GLY A 558 17.44 -24.05 -66.00
N GLU A 559 18.60 -23.71 -66.57
CA GLU A 559 19.03 -24.19 -67.87
C GLU A 559 20.49 -24.62 -67.76
N TYR A 560 20.78 -25.85 -68.18
CA TYR A 560 22.11 -26.40 -67.95
C TYR A 560 22.27 -27.71 -68.70
N HIS A 561 23.53 -28.00 -69.05
CA HIS A 561 23.95 -29.36 -69.40
C HIS A 561 24.38 -30.05 -68.12
N LYS A 562 24.05 -31.34 -68.01
CA LYS A 562 24.40 -32.09 -66.80
C LYS A 562 25.90 -32.12 -66.60
N ASP A 563 26.34 -31.84 -65.37
CA ASP A 563 27.73 -31.88 -64.94
C ASP A 563 28.60 -30.83 -65.62
N ASP A 564 27.99 -29.75 -66.12
CA ASP A 564 28.72 -28.62 -66.70
C ASP A 564 28.30 -27.36 -65.94
N PRO A 565 29.02 -27.00 -64.87
CA PRO A 565 28.59 -25.85 -64.06
C PRO A 565 28.56 -24.54 -64.82
N SER A 566 29.43 -24.37 -65.81
CA SER A 566 29.46 -23.12 -66.58
C SER A 566 28.24 -22.94 -67.47
N SER A 567 27.46 -23.98 -67.71
CA SER A 567 26.29 -23.89 -68.59
C SER A 567 25.05 -23.40 -67.88
N PHE A 568 25.05 -23.31 -66.55
CA PHE A 568 23.85 -22.94 -65.82
C PHE A 568 23.53 -21.47 -66.04
N ARG A 569 22.27 -21.19 -66.38
CA ARG A 569 21.74 -19.84 -66.41
C ARG A 569 20.29 -19.85 -65.97
N PHE A 570 19.88 -18.78 -65.30
CA PHE A 570 18.49 -18.54 -64.95
C PHE A 570 17.90 -17.53 -65.91
N SER A 571 16.58 -17.58 -66.07
CA SER A 571 15.91 -16.55 -66.83
C SER A 571 15.79 -15.29 -65.97
N GLU A 572 15.43 -14.19 -66.64
CA GLU A 572 15.18 -12.92 -65.94
C GLU A 572 14.15 -13.08 -64.85
N THR A 573 13.33 -14.12 -64.91
CA THR A 573 12.29 -14.36 -63.93
C THR A 573 12.84 -14.94 -62.62
N PHE A 574 14.00 -15.60 -62.67
CA PHE A 574 14.56 -16.28 -61.51
C PHE A 574 15.96 -15.82 -61.12
N SER A 575 16.54 -14.86 -61.84
CA SER A 575 17.97 -14.60 -61.72
C SER A 575 18.36 -13.89 -60.44
N LEU A 576 17.45 -13.18 -59.79
CA LEU A 576 17.76 -12.50 -58.53
C LEU A 576 17.51 -13.38 -57.32
N TYR A 577 16.74 -14.46 -57.46
CA TYR A 577 16.45 -15.34 -56.33
C TYR A 577 17.70 -15.90 -55.65
N PRO A 578 18.74 -16.35 -56.36
CA PRO A 578 19.94 -16.82 -55.63
C PRO A 578 20.57 -15.75 -54.77
N GLN A 579 20.60 -14.51 -55.25
CA GLN A 579 21.21 -13.42 -54.51
C GLN A 579 20.41 -13.09 -53.26
N PHE A 580 19.08 -13.01 -53.39
CA PHE A 580 18.23 -12.82 -52.22
C PHE A 580 18.44 -13.92 -51.19
N MET A 581 18.73 -15.14 -51.66
CA MET A 581 18.95 -16.26 -50.75
C MET A 581 20.33 -16.19 -50.10
N PHE A 582 21.31 -15.64 -50.82
CA PHE A 582 22.65 -15.49 -50.24
C PHE A 582 22.63 -14.50 -49.09
N HIS A 583 21.95 -13.37 -49.26
CA HIS A 583 21.91 -12.36 -48.20
C HIS A 583 21.03 -12.79 -47.04
N LEU A 584 19.94 -13.52 -47.31
CA LEU A 584 19.05 -13.95 -46.24
C LEU A 584 19.71 -14.94 -45.30
N ARG A 585 20.58 -15.81 -45.82
CA ARG A 585 21.21 -16.84 -45.00
C ARG A 585 22.41 -16.31 -44.21
N ARG A 586 22.91 -15.12 -44.52
CA ARG A 586 23.93 -14.45 -43.72
C ARG A 586 23.35 -13.35 -42.86
N SER A 587 22.04 -13.10 -42.94
CA SER A 587 21.42 -11.99 -42.26
C SER A 587 21.31 -12.25 -40.76
N SER A 588 21.11 -11.16 -39.99
CA SER A 588 20.90 -11.26 -38.56
C SER A 588 19.54 -11.85 -38.19
N PHE A 589 18.68 -12.09 -39.18
CA PHE A 589 17.45 -12.85 -38.92
C PHE A 589 17.77 -14.32 -38.63
N LEU A 590 18.86 -14.84 -39.21
CA LEU A 590 19.22 -16.24 -39.06
C LEU A 590 20.57 -16.46 -38.39
N GLN A 591 21.47 -15.48 -38.39
CA GLN A 591 22.74 -15.56 -37.67
C GLN A 591 22.60 -14.72 -36.41
N VAL A 592 22.06 -15.35 -35.37
CA VAL A 592 21.63 -14.61 -34.19
C VAL A 592 22.82 -14.15 -33.36
N PHE A 593 23.95 -14.85 -33.44
CA PHE A 593 25.10 -14.45 -32.66
C PHE A 593 25.68 -13.16 -33.22
N ASN A 594 26.50 -12.50 -32.40
CA ASN A 594 26.95 -11.12 -32.57
C ASN A 594 25.81 -10.12 -32.41
N ASN A 595 24.67 -10.56 -31.91
CA ASN A 595 23.56 -9.70 -31.52
C ASN A 595 23.06 -10.12 -30.15
N SER A 596 22.46 -9.18 -29.44
CA SER A 596 21.82 -9.57 -28.20
C SER A 596 20.49 -10.25 -28.50
N PRO A 597 20.05 -11.17 -27.65
CA PRO A 597 18.76 -11.85 -27.88
C PRO A 597 17.60 -10.87 -28.09
N ASP A 598 17.63 -9.72 -27.41
CA ASP A 598 16.58 -8.73 -27.61
C ASP A 598 16.66 -8.11 -29.00
N GLU A 599 17.87 -7.86 -29.51
CA GLU A 599 18.01 -7.31 -30.85
C GLU A 599 17.56 -8.32 -31.91
N SER A 600 17.81 -9.61 -31.67
CA SER A 600 17.34 -10.64 -32.60
C SER A 600 15.82 -10.67 -32.65
N SER A 601 15.16 -10.55 -31.50
CA SER A 601 13.70 -10.57 -31.46
C SER A 601 13.11 -9.29 -32.05
N TYR A 602 13.81 -8.17 -31.94
CA TYR A 602 13.32 -6.92 -32.48
C TYR A 602 13.36 -6.93 -34.01
N TYR A 603 14.47 -7.37 -34.59
CA TYR A 603 14.57 -7.47 -36.04
C TYR A 603 13.52 -8.43 -36.60
N ARG A 604 13.39 -9.60 -35.99
CA ARG A 604 12.41 -10.58 -36.45
C ARG A 604 10.98 -10.08 -36.28
N HIS A 605 10.72 -9.29 -35.24
CA HIS A 605 9.38 -8.75 -35.03
C HIS A 605 8.91 -7.94 -36.22
N HIS A 606 9.74 -7.00 -36.69
CA HIS A 606 9.34 -6.12 -37.79
C HIS A 606 9.39 -6.79 -39.15
N PHE A 607 10.15 -7.88 -39.31
CA PHE A 607 10.22 -8.56 -40.59
C PHE A 607 8.98 -9.44 -40.83
N MET A 608 8.40 -10.01 -39.76
CA MET A 608 7.19 -10.81 -39.87
C MET A 608 5.93 -9.99 -40.07
N ARG A 609 6.04 -8.65 -40.09
CA ARG A 609 4.90 -7.77 -40.25
C ARG A 609 4.95 -6.89 -41.50
N GLN A 610 6.08 -6.83 -42.19
CA GLN A 610 6.29 -5.79 -43.20
C GLN A 610 5.79 -6.23 -44.57
N ASP A 611 5.54 -5.24 -45.42
CA ASP A 611 5.17 -5.47 -46.81
C ASP A 611 6.39 -6.02 -47.55
N LEU A 612 6.31 -6.06 -48.88
CA LEU A 612 7.40 -6.62 -49.66
C LEU A 612 8.55 -5.63 -49.83
N THR A 613 8.24 -4.39 -50.17
CA THR A 613 9.26 -3.37 -50.42
C THR A 613 10.23 -3.27 -49.25
N GLN A 614 9.69 -3.04 -48.04
CA GLN A 614 10.55 -2.92 -46.87
C GLN A 614 11.23 -4.23 -46.50
N SER A 615 10.57 -5.37 -46.76
CA SER A 615 11.18 -6.66 -46.44
C SER A 615 12.43 -6.89 -47.27
N LEU A 616 12.38 -6.58 -48.56
CA LEU A 616 13.55 -6.76 -49.42
C LEU A 616 14.72 -5.91 -48.95
N ILE A 617 14.43 -4.67 -48.52
CA ILE A 617 15.48 -3.78 -48.03
C ILE A 617 16.14 -4.37 -46.79
N MET A 618 15.35 -5.02 -45.93
CA MET A 618 15.90 -5.68 -44.75
C MET A 618 16.85 -6.81 -45.14
N ILE A 619 16.41 -7.67 -46.06
CA ILE A 619 17.25 -8.78 -46.51
C ILE A 619 18.48 -8.26 -47.24
N GLN A 620 18.28 -7.33 -48.16
CA GLN A 620 19.36 -6.81 -49.00
C GLN A 620 19.35 -5.29 -48.90
N PRO A 621 20.19 -4.71 -48.05
CA PRO A 621 20.24 -3.24 -47.96
C PRO A 621 20.56 -2.62 -49.31
N ILE A 622 19.88 -1.51 -49.60
CA ILE A 622 20.08 -0.79 -50.85
C ILE A 622 21.16 0.26 -50.63
N LEU A 623 22.00 0.45 -51.66
CA LEU A 623 23.21 1.25 -51.54
C LEU A 623 23.27 2.27 -52.66
N TYR A 624 23.43 3.54 -52.30
CA TYR A 624 23.54 4.63 -53.25
C TYR A 624 24.93 5.26 -53.17
N ALA A 625 25.48 5.63 -54.32
CA ALA A 625 26.76 6.29 -54.40
C ALA A 625 26.59 7.76 -54.77
N TYR A 626 27.46 8.59 -54.20
CA TYR A 626 27.44 10.04 -54.43
C TYR A 626 28.85 10.50 -54.75
N SER A 627 29.02 11.13 -55.91
CA SER A 627 30.32 11.65 -56.30
C SER A 627 30.11 12.84 -57.24
N PHE A 628 31.19 13.60 -57.46
CA PHE A 628 31.17 14.66 -58.46
C PHE A 628 30.84 14.10 -59.83
N SER A 629 31.26 12.87 -60.11
CA SER A 629 31.16 12.28 -61.45
C SER A 629 29.79 11.63 -61.62
N GLY A 630 28.77 12.48 -61.66
CA GLY A 630 27.43 12.04 -61.97
C GLY A 630 26.47 12.11 -60.81
N PRO A 631 25.18 12.04 -61.12
CA PRO A 631 24.15 12.12 -60.07
C PRO A 631 24.15 10.86 -59.22
N PRO A 632 23.43 10.87 -58.09
CA PRO A 632 23.36 9.66 -57.25
C PRO A 632 22.85 8.46 -58.02
N GLU A 633 23.51 7.32 -57.82
CA GLU A 633 23.21 6.10 -58.55
C GLU A 633 23.24 4.90 -57.60
N PRO A 634 22.35 3.93 -57.79
CA PRO A 634 22.44 2.69 -57.02
C PRO A 634 23.68 1.88 -57.41
N VAL A 635 24.27 1.22 -56.43
CA VAL A 635 25.47 0.41 -56.64
C VAL A 635 25.32 -0.91 -55.87
N LEU A 636 26.17 -1.86 -56.24
CA LEU A 636 26.12 -3.19 -55.66
C LEU A 636 26.49 -3.17 -54.18
N LEU A 637 25.93 -4.11 -53.42
CA LEU A 637 26.32 -4.34 -52.04
C LEU A 637 27.57 -5.21 -52.01
N ASP A 638 28.70 -4.58 -52.37
CA ASP A 638 29.98 -5.28 -52.45
C ASP A 638 31.09 -4.33 -52.03
N SER A 639 32.19 -4.90 -51.54
CA SER A 639 33.34 -4.09 -51.15
C SER A 639 33.84 -3.23 -52.31
N SER A 640 33.59 -3.68 -53.55
CA SER A 640 34.05 -2.99 -54.74
C SER A 640 33.37 -1.64 -54.95
N SER A 641 32.27 -1.37 -54.26
CA SER A 641 31.59 -0.07 -54.37
C SER A 641 32.15 0.97 -53.40
N ILE A 642 32.97 0.55 -52.43
CA ILE A 642 33.56 1.47 -51.47
C ILE A 642 34.74 2.18 -52.11
N LEU A 643 34.48 3.32 -52.74
CA LEU A 643 35.53 4.14 -53.33
C LEU A 643 35.95 5.24 -52.37
N ALA A 644 37.18 5.73 -52.55
CA ALA A 644 37.75 6.70 -51.62
C ALA A 644 37.22 8.11 -51.83
N ASP A 645 36.76 8.44 -53.03
CA ASP A 645 36.25 9.77 -53.35
C ASP A 645 34.74 9.76 -53.58
N ARG A 646 34.03 8.95 -52.83
CA ARG A 646 32.59 8.78 -53.02
C ARG A 646 31.90 8.72 -51.67
N ILE A 647 30.69 9.27 -51.62
CA ILE A 647 29.82 9.15 -50.47
C ILE A 647 28.83 8.03 -50.75
N LEU A 648 28.69 7.11 -49.80
CA LEU A 648 27.69 6.05 -49.86
C LEU A 648 26.58 6.35 -48.86
N LEU A 649 25.35 6.03 -49.24
CA LEU A 649 24.24 6.13 -48.34
C LEU A 649 23.63 4.78 -48.36
N MET A 650 23.58 4.10 -47.23
CA MET A 650 23.03 2.78 -47.20
C MET A 650 21.77 2.71 -46.38
N ASP A 651 20.70 2.15 -46.92
CA ASP A 651 19.48 2.05 -46.21
C ASP A 651 19.31 0.64 -45.76
N THR A 652 19.35 0.42 -44.49
CA THR A 652 19.24 -0.90 -43.97
C THR A 652 17.90 -1.27 -43.45
N PHE A 653 16.97 -0.32 -43.48
CA PHE A 653 15.61 -0.27 -42.89
C PHE A 653 15.71 0.13 -41.43
N PHE A 654 16.43 -0.63 -40.66
CA PHE A 654 16.76 -0.33 -39.31
C PHE A 654 17.76 0.81 -39.20
N GLN A 655 18.66 0.96 -40.14
CA GLN A 655 19.72 1.97 -40.07
C GLN A 655 19.84 2.74 -41.37
N ILE A 656 19.97 4.05 -41.27
CA ILE A 656 20.40 4.90 -42.36
C ILE A 656 21.85 5.28 -42.10
N LEU A 657 22.74 4.89 -43.01
CA LEU A 657 24.17 5.06 -42.81
C LEU A 657 24.77 5.87 -43.96
N ILE A 658 25.62 6.84 -43.60
CA ILE A 658 26.33 7.67 -44.56
C ILE A 658 27.82 7.46 -44.33
N TYR A 659 28.53 7.07 -45.39
CA TYR A 659 29.95 6.71 -45.32
C TYR A 659 30.74 7.67 -46.22
N HIS A 660 31.72 8.34 -45.63
CA HIS A 660 32.60 9.25 -46.35
C HIS A 660 33.94 8.55 -46.58
N GLY A 661 34.27 8.29 -47.84
CA GLY A 661 35.52 7.63 -48.18
C GLY A 661 36.73 8.42 -47.71
N GLU A 662 37.89 7.77 -47.82
CA GLU A 662 39.12 8.32 -47.23
C GLU A 662 39.44 9.70 -47.81
N THR A 663 39.36 9.83 -49.13
CA THR A 663 39.63 11.13 -49.75
C THR A 663 38.61 12.17 -49.31
N ILE A 664 37.32 11.82 -49.32
CA ILE A 664 36.30 12.77 -48.93
C ILE A 664 36.37 13.04 -47.42
N ALA A 665 36.73 12.03 -46.63
CA ALA A 665 36.90 12.26 -45.19
C ALA A 665 37.99 13.29 -44.94
N GLN A 666 39.12 13.18 -45.63
CA GLN A 666 40.19 14.16 -45.49
C GLN A 666 39.74 15.54 -45.96
N TRP A 667 39.23 15.62 -47.19
CA TRP A 667 38.71 16.88 -47.72
C TRP A 667 37.74 17.55 -46.75
N ARG A 668 36.99 16.76 -45.99
CA ARG A 668 36.02 17.27 -45.03
C ARG A 668 36.64 17.52 -43.66
N LYS A 669 37.59 16.67 -43.24
CA LYS A 669 38.42 17.01 -42.09
C LYS A 669 39.27 18.25 -42.37
N SER A 670 39.53 18.55 -43.64
CA SER A 670 40.37 19.69 -43.99
C SER A 670 39.65 21.01 -43.75
N GLY A 671 38.41 21.13 -44.22
CA GLY A 671 37.65 22.34 -44.03
C GLY A 671 37.22 22.97 -45.33
N TYR A 672 37.42 22.26 -46.45
CA TYR A 672 37.08 22.78 -47.76
C TYR A 672 35.61 23.15 -47.89
N GLN A 673 34.74 22.57 -47.05
CA GLN A 673 33.31 22.76 -47.22
C GLN A 673 32.90 24.21 -46.98
N ASP A 674 33.54 24.88 -46.03
CA ASP A 674 33.13 26.23 -45.68
C ASP A 674 33.53 27.25 -46.74
N MET A 675 34.58 26.95 -47.50
CA MET A 675 35.11 27.93 -48.44
C MET A 675 34.12 28.17 -49.57
N PRO A 676 33.85 29.44 -49.93
CA PRO A 676 32.90 29.70 -51.02
C PRO A 676 33.35 29.13 -52.34
N GLU A 677 34.64 28.83 -52.48
CA GLU A 677 35.17 28.15 -53.66
C GLU A 677 34.51 26.79 -53.85
N TYR A 678 34.14 26.13 -52.77
CA TYR A 678 33.69 24.75 -52.83
C TYR A 678 32.25 24.60 -52.39
N GLU A 679 31.35 25.40 -52.99
CA GLU A 679 29.92 25.13 -52.86
C GLU A 679 29.52 23.84 -53.57
N ASN A 680 30.40 23.29 -54.41
CA ASN A 680 30.18 21.95 -54.98
C ASN A 680 30.49 20.86 -53.96
N PHE A 681 31.49 21.07 -53.10
CA PHE A 681 31.77 20.12 -52.03
C PHE A 681 30.70 20.16 -50.94
N ARG A 682 29.88 21.21 -50.91
CA ARG A 682 28.74 21.27 -49.99
C ARG A 682 27.55 20.50 -50.53
N HIS A 683 27.21 20.71 -51.81
CA HIS A 683 26.22 19.87 -52.46
C HIS A 683 26.53 18.39 -52.28
N LEU A 684 27.79 18.02 -52.44
CA LEU A 684 28.19 16.62 -52.30
C LEU A 684 28.00 16.13 -50.87
N LEU A 685 28.47 16.90 -49.89
CA LEU A 685 28.38 16.45 -48.50
C LEU A 685 26.96 16.45 -47.97
N GLN A 686 26.07 17.25 -48.56
CA GLN A 686 24.69 17.33 -48.11
C GLN A 686 23.71 16.57 -49.01
N ALA A 687 24.14 16.14 -50.19
CA ALA A 687 23.28 15.31 -51.04
C ALA A 687 22.75 14.07 -50.31
N PRO A 688 23.57 13.23 -49.68
CA PRO A 688 22.99 12.08 -48.96
C PRO A 688 22.23 12.47 -47.71
N VAL A 689 22.61 13.56 -47.05
CA VAL A 689 21.90 14.02 -45.87
C VAL A 689 20.47 14.39 -46.22
N ASP A 690 20.27 15.08 -47.34
CA ASP A 690 18.92 15.45 -47.77
C ASP A 690 18.08 14.22 -48.07
N ASP A 691 18.63 13.28 -48.84
CA ASP A 691 17.90 12.07 -49.18
C ASP A 691 17.57 11.25 -47.94
N ALA A 692 18.44 11.29 -46.92
CA ALA A 692 18.17 10.55 -45.69
C ALA A 692 16.96 11.12 -44.97
N GLN A 693 16.86 12.45 -44.87
CA GLN A 693 15.78 13.09 -44.12
C GLN A 693 14.40 12.59 -44.57
N GLU A 694 14.24 12.36 -45.88
CA GLU A 694 12.92 11.99 -46.40
C GLU A 694 12.49 10.62 -45.91
N ILE A 695 13.34 9.60 -46.10
CA ILE A 695 13.01 8.28 -45.59
C ILE A 695 13.10 8.23 -44.07
N LEU A 696 13.84 9.16 -43.46
CA LEU A 696 13.96 9.26 -42.00
C LEU A 696 12.74 9.95 -41.41
N HIS A 697 11.59 9.77 -42.04
CA HIS A 697 10.34 10.37 -41.57
C HIS A 697 9.29 9.31 -41.87
N SER A 698 9.17 8.91 -43.14
CA SER A 698 8.09 8.00 -43.54
C SER A 698 8.11 6.73 -42.69
N ARG A 699 9.29 6.15 -42.50
CA ARG A 699 9.43 4.89 -41.79
C ARG A 699 8.90 5.00 -40.37
N PHE A 700 8.03 4.06 -39.96
CA PHE A 700 7.50 4.12 -38.60
C PHE A 700 8.57 3.87 -37.55
N PRO A 701 9.22 2.69 -37.50
CA PRO A 701 10.37 2.55 -36.60
C PRO A 701 11.46 3.45 -37.11
N MET A 702 11.56 4.65 -36.55
CA MET A 702 12.51 5.62 -37.07
C MET A 702 13.90 5.00 -37.05
N PRO A 703 14.55 4.88 -38.19
CA PRO A 703 15.86 4.21 -38.22
C PRO A 703 16.92 5.05 -37.52
N ARG A 704 17.84 4.35 -36.87
CA ARG A 704 19.00 5.03 -36.30
C ARG A 704 19.84 5.60 -37.42
N TYR A 705 20.34 6.82 -37.22
CA TYR A 705 21.09 7.55 -38.23
C TYR A 705 22.57 7.54 -37.85
N ILE A 706 23.43 7.26 -38.82
CA ILE A 706 24.85 7.05 -38.59
C ILE A 706 25.66 7.83 -39.62
N ASP A 707 26.53 8.70 -39.14
CA ASP A 707 27.49 9.43 -39.97
C ASP A 707 28.89 8.93 -39.62
N THR A 708 29.56 8.31 -40.58
CA THR A 708 30.87 7.73 -40.34
C THR A 708 31.73 7.90 -41.60
N GLU A 709 32.94 7.37 -41.53
CA GLU A 709 33.91 7.52 -42.61
C GLU A 709 34.89 6.35 -42.53
N HIS A 710 35.84 6.34 -43.47
CA HIS A 710 36.91 5.35 -43.41
C HIS A 710 37.72 5.53 -42.13
N GLY A 711 38.03 4.42 -41.47
CA GLY A 711 38.71 4.45 -40.19
C GLY A 711 37.81 4.67 -38.99
N GLY A 712 36.61 5.21 -39.19
CA GLY A 712 35.69 5.38 -38.09
C GLY A 712 35.24 4.06 -37.50
N SER A 713 34.75 4.12 -36.26
CA SER A 713 34.37 2.90 -35.56
C SER A 713 33.06 2.33 -36.09
N GLN A 714 32.13 3.18 -36.52
CA GLN A 714 30.82 2.76 -36.97
C GLN A 714 30.78 2.36 -38.44
N ALA A 715 31.90 2.46 -39.15
CA ALA A 715 31.99 1.90 -40.50
C ALA A 715 31.81 0.39 -40.50
N ARG A 716 31.88 -0.26 -39.33
CA ARG A 716 31.68 -1.70 -39.24
C ARG A 716 30.33 -2.13 -39.79
N PHE A 717 29.30 -1.31 -39.59
CA PHE A 717 27.96 -1.67 -40.06
C PHE A 717 27.93 -1.80 -41.58
N LEU A 718 28.63 -0.90 -42.28
CA LEU A 718 28.73 -1.01 -43.73
C LEU A 718 29.51 -2.25 -44.15
N LEU A 719 30.58 -2.58 -43.42
CA LEU A 719 31.48 -3.66 -43.82
C LEU A 719 30.90 -5.05 -43.59
N SER A 720 29.97 -5.20 -42.65
CA SER A 720 29.39 -6.51 -42.37
C SER A 720 28.21 -6.85 -43.29
N LYS A 721 27.49 -5.85 -43.78
CA LYS A 721 26.40 -6.09 -44.72
C LYS A 721 26.87 -6.22 -46.16
N VAL A 722 28.09 -5.74 -46.45
CA VAL A 722 28.61 -5.66 -47.82
C VAL A 722 29.01 -7.06 -48.28
N ASN A 723 29.62 -7.15 -49.47
CA ASN A 723 30.20 -8.38 -50.04
C ASN A 723 29.16 -9.21 -50.77
N ASP A 746 28.85 -18.55 -49.05
CA ASP A 746 29.93 -18.77 -48.09
C ASP A 746 30.65 -17.46 -47.78
N VAL A 747 31.93 -17.40 -48.14
CA VAL A 747 32.74 -16.22 -47.90
C VAL A 747 32.19 -15.01 -48.67
N SER A 748 31.76 -15.24 -49.90
CA SER A 748 31.21 -14.16 -50.72
C SER A 748 30.11 -14.69 -51.64
N LEU A 749 29.66 -13.84 -52.56
CA LEU A 749 28.60 -14.22 -53.50
C LEU A 749 29.15 -15.02 -54.66
N GLN A 750 30.35 -14.66 -55.15
CA GLN A 750 30.95 -15.38 -56.26
C GLN A 750 31.19 -16.84 -55.91
N VAL A 751 31.81 -17.09 -54.75
CA VAL A 751 32.03 -18.46 -54.30
C VAL A 751 30.71 -19.17 -54.06
N PHE A 752 29.75 -18.48 -53.44
CA PHE A 752 28.45 -19.07 -53.16
C PHE A 752 27.77 -19.54 -54.44
N MET A 753 27.83 -18.73 -55.50
CA MET A 753 27.17 -19.10 -56.75
C MET A 753 27.85 -20.31 -57.39
N ASP A 754 29.18 -20.32 -57.41
CA ASP A 754 29.91 -21.42 -58.03
C ASP A 754 29.58 -22.76 -57.37
N HIS A 755 29.50 -22.77 -56.03
CA HIS A 755 29.11 -23.99 -55.34
C HIS A 755 27.68 -24.38 -55.69
N LEU A 756 26.79 -23.39 -55.83
CA LEU A 756 25.40 -23.68 -56.19
C LEU A 756 25.31 -24.29 -57.59
N LYS A 757 26.10 -23.76 -58.53
CA LYS A 757 26.06 -24.29 -59.89
C LYS A 757 26.57 -25.72 -59.95
N LYS A 758 27.60 -26.03 -59.15
CA LYS A 758 28.12 -27.40 -59.11
C LYS A 758 27.07 -28.39 -58.63
N LEU A 759 26.25 -27.98 -57.66
CA LEU A 759 25.21 -28.86 -57.15
C LEU A 759 23.96 -28.86 -58.02
N ALA A 760 23.73 -27.79 -58.77
CA ALA A 760 22.58 -27.73 -59.66
C ALA A 760 22.73 -28.68 -60.83
N VAL A 761 23.90 -28.71 -61.43
CA VAL A 761 24.09 -29.56 -62.57
C VAL A 761 24.34 -30.98 -62.18
N SER A 762 24.38 -31.28 -60.91
CA SER A 762 24.62 -32.65 -60.55
C SER A 762 23.32 -33.31 -60.10
N SER A 763 23.42 -34.39 -59.35
CA SER A 763 22.29 -35.22 -59.00
C SER A 763 21.06 -34.53 -58.43
N ALA A 764 19.88 -34.97 -58.87
CA ALA A 764 18.62 -34.43 -58.42
C ALA A 764 18.35 -34.75 -56.97
N GLU B 1 -14.50 11.47 65.09
CA GLU B 1 -13.87 10.19 64.86
C GLU B 1 -14.60 8.99 65.45
N GLY B 2 -13.85 8.07 66.03
CA GLY B 2 -14.49 6.95 66.67
C GLY B 2 -14.16 5.52 66.37
N LEU B 3 -14.12 4.76 67.45
CA LEU B 3 -13.94 3.32 67.43
C LEU B 3 -15.33 2.74 67.81
N ARG B 4 -16.39 3.50 67.58
CA ARG B 4 -17.73 3.12 67.91
C ARG B 4 -18.36 2.06 67.05
N VAL B 5 -19.45 1.52 67.52
CA VAL B 5 -20.17 0.48 66.79
C VAL B 5 -21.51 1.02 66.36
N VAL B 6 -21.95 0.64 65.17
CA VAL B 6 -23.12 1.23 64.52
C VAL B 6 -24.13 0.14 64.19
N ASN B 7 -25.41 0.44 64.43
CA ASN B 7 -26.52 -0.43 64.03
C ASN B 7 -27.10 0.16 62.75
N LEU B 8 -26.79 -0.46 61.61
CA LEU B 8 -27.23 0.06 60.33
C LEU B 8 -28.75 0.10 60.19
N LEU B 9 -29.47 -0.66 61.02
CA LEU B 9 -30.92 -0.69 60.91
C LEU B 9 -31.58 0.54 61.51
N GLN B 10 -30.94 1.17 62.50
CA GLN B 10 -31.51 2.34 63.15
C GLN B 10 -30.96 3.67 62.61
N GLU B 11 -29.78 3.67 62.01
CA GLU B 11 -29.23 4.91 61.45
C GLU B 11 -29.93 5.29 60.15
N ARG B 12 -29.63 4.55 59.07
CA ARG B 12 -30.19 4.78 57.74
C ARG B 12 -29.84 6.16 57.18
N ASN B 13 -29.11 6.97 57.94
CA ASN B 13 -28.63 8.27 57.50
C ASN B 13 -27.13 8.38 57.72
N MET B 14 -26.40 7.29 57.46
CA MET B 14 -24.99 7.22 57.79
C MET B 14 -24.10 7.96 56.79
N LEU B 15 -24.60 8.26 55.60
CA LEU B 15 -23.77 8.94 54.61
C LEU B 15 -23.53 10.39 55.03
N PRO B 16 -22.29 10.82 55.19
CA PRO B 16 -22.03 12.18 55.66
C PRO B 16 -22.39 13.22 54.59
N SER B 17 -22.50 14.47 55.05
CA SER B 17 -22.84 15.60 54.19
C SER B 17 -21.63 16.19 53.47
N THR B 18 -20.42 15.81 53.87
CA THR B 18 -19.19 16.33 53.30
C THR B 18 -18.39 15.20 52.66
N PRO B 19 -17.52 15.50 51.69
CA PRO B 19 -16.83 14.43 50.95
C PRO B 19 -16.09 13.47 51.87
N LEU B 20 -16.05 12.20 51.45
CA LEU B 20 -15.41 11.15 52.24
C LEU B 20 -13.89 11.28 52.18
N LYS B 21 -13.25 11.31 53.34
CA LYS B 21 -11.80 11.40 53.28
C LYS B 21 -11.16 10.04 53.51
N PRO B 22 -10.09 9.73 52.79
CA PRO B 22 -9.41 8.45 52.98
C PRO B 22 -8.84 8.35 54.38
N PRO B 23 -8.75 7.13 54.92
CA PRO B 23 -8.25 6.97 56.30
C PRO B 23 -6.78 7.34 56.40
N VAL B 24 -6.37 7.62 57.63
CA VAL B 24 -4.99 7.99 57.95
C VAL B 24 -4.35 6.79 58.67
N PRO B 25 -3.30 6.19 58.11
CA PRO B 25 -2.65 5.06 58.78
C PRO B 25 -2.24 5.37 60.21
N ASN B 26 -2.41 4.38 61.09
CA ASN B 26 -2.07 4.50 62.51
C ASN B 26 -0.55 4.42 62.64
N LEU B 27 0.10 5.54 62.37
CA LEU B 27 1.56 5.62 62.34
C LEU B 27 2.05 6.73 63.25
N HIS B 28 3.34 6.69 63.56
CA HIS B 28 3.97 7.79 64.27
C HIS B 28 3.84 9.07 63.45
N GLU B 29 3.79 10.20 64.15
CA GLU B 29 3.54 11.48 63.53
C GLU B 29 4.53 11.78 62.41
N ASP B 30 5.83 11.58 62.68
CA ASP B 30 6.85 11.93 61.71
C ASP B 30 6.84 11.00 60.50
N ILE B 31 6.39 9.76 60.67
CA ILE B 31 6.32 8.84 59.54
C ILE B 31 5.15 9.20 58.64
N GLN B 32 3.98 9.48 59.23
CA GLN B 32 2.78 9.73 58.45
C GLN B 32 2.88 11.01 57.64
N LYS B 33 3.60 12.02 58.13
CA LYS B 33 3.75 13.27 57.39
C LYS B 33 4.58 13.10 56.12
N LEU B 34 5.34 12.02 56.00
CA LEU B 34 6.12 11.73 54.81
C LEU B 34 5.42 10.76 53.86
N ASN B 35 4.25 10.25 54.24
CA ASN B 35 3.65 9.15 53.50
C ASN B 35 3.14 9.60 52.14
N CYS B 36 2.96 8.62 51.25
CA CYS B 36 2.52 8.91 49.90
C CYS B 36 1.09 9.44 49.90
N ASN B 37 0.81 10.35 48.97
CA ASN B 37 -0.54 10.89 48.82
C ASN B 37 -1.49 9.75 48.51
N PRO B 38 -2.61 9.63 49.24
CA PRO B 38 -3.53 8.51 49.00
C PRO B 38 -4.19 8.55 47.63
N GLU B 39 -4.23 9.71 46.97
CA GLU B 39 -4.76 9.76 45.60
C GLU B 39 -3.89 8.97 44.64
N LEU B 40 -2.60 8.87 44.92
CA LEU B 40 -1.66 8.15 44.07
C LEU B 40 -1.55 6.67 44.43
N PHE B 41 -1.70 6.33 45.71
CA PHE B 41 -1.32 5.02 46.22
C PHE B 41 -2.05 4.80 47.53
N ARG B 42 -2.87 3.75 47.60
CA ARG B 42 -3.63 3.50 48.82
C ARG B 42 -3.97 2.02 48.90
N CYS B 43 -4.27 1.58 50.12
CA CYS B 43 -4.45 0.17 50.45
C CYS B 43 -5.83 -0.05 51.04
N THR B 44 -6.37 -1.26 50.82
CA THR B 44 -7.69 -1.59 51.36
C THR B 44 -7.67 -1.65 52.89
N LEU B 45 -6.55 -2.01 53.47
CA LEU B 45 -6.40 -2.12 54.93
C LEU B 45 -5.17 -1.31 55.33
N THR B 46 -5.39 -0.13 55.91
CA THR B 46 -4.28 0.70 56.37
C THR B 46 -3.51 0.08 57.52
N SER B 47 -4.02 -0.99 58.13
CA SER B 47 -3.33 -1.75 59.16
C SER B 47 -3.21 -3.18 58.64
N ILE B 48 -2.00 -3.53 58.19
CA ILE B 48 -1.77 -4.83 57.54
C ILE B 48 -1.89 -5.94 58.57
N PRO B 49 -2.62 -7.02 58.28
CA PRO B 49 -2.71 -8.13 59.23
C PRO B 49 -1.39 -8.89 59.28
N GLN B 50 -1.05 -9.35 60.49
CA GLN B 50 0.27 -9.94 60.70
C GLN B 50 0.41 -11.29 60.01
N THR B 51 -0.69 -12.04 59.88
CA THR B 51 -0.63 -13.38 59.31
C THR B 51 -1.76 -13.56 58.32
N GLN B 52 -1.60 -14.55 57.43
CA GLN B 52 -2.65 -14.89 56.49
C GLN B 52 -3.90 -15.37 57.22
N ALA B 53 -3.73 -15.98 58.39
CA ALA B 53 -4.88 -16.44 59.17
C ALA B 53 -5.73 -15.27 59.63
N LEU B 54 -5.09 -14.19 60.09
CA LEU B 54 -5.85 -13.02 60.54
C LEU B 54 -6.54 -12.34 59.38
N LEU B 55 -5.87 -12.23 58.22
CA LEU B 55 -6.52 -11.69 57.03
C LEU B 55 -7.73 -12.51 56.63
N ASN B 56 -7.63 -13.84 56.73
CA ASN B 56 -8.75 -14.70 56.35
C ASN B 56 -9.93 -14.55 57.31
N LYS B 57 -9.65 -14.39 58.60
CA LYS B 57 -10.73 -14.28 59.57
C LYS B 57 -11.56 -13.03 59.35
N ALA B 58 -10.93 -11.91 58.98
CA ALA B 58 -11.67 -10.68 58.74
C ALA B 58 -12.54 -10.74 57.49
N LYS B 59 -12.24 -11.67 56.58
CA LYS B 59 -13.00 -11.84 55.33
C LYS B 59 -13.01 -10.56 54.51
N LEU B 60 -11.89 -9.85 54.49
CA LEU B 60 -11.75 -8.66 53.69
C LEU B 60 -10.55 -8.79 52.75
N PRO B 61 -10.62 -8.24 51.54
CA PRO B 61 -9.51 -8.39 50.59
C PRO B 61 -8.39 -7.40 50.89
N LEU B 62 -7.16 -7.90 50.75
CA LEU B 62 -5.97 -7.09 50.93
C LEU B 62 -5.43 -6.72 49.56
N GLY B 63 -5.27 -5.42 49.31
CA GLY B 63 -4.78 -4.99 48.02
C GLY B 63 -4.48 -3.51 47.97
N LEU B 64 -3.78 -3.13 46.91
CA LEU B 64 -3.41 -1.75 46.64
C LEU B 64 -4.12 -1.25 45.40
N LEU B 65 -4.43 0.04 45.39
CA LEU B 65 -4.95 0.73 44.21
C LEU B 65 -4.07 1.93 43.95
N LEU B 66 -3.55 2.03 42.73
CA LEU B 66 -2.57 3.06 42.40
C LEU B 66 -2.99 3.84 41.17
N HIS B 67 -2.61 5.11 41.17
CA HIS B 67 -2.82 6.04 40.06
C HIS B 67 -1.45 6.61 39.71
N PRO B 68 -0.56 5.78 39.14
CA PRO B 68 0.88 6.11 39.21
C PRO B 68 1.28 7.32 38.40
N PHE B 69 0.66 7.56 37.25
CA PHE B 69 1.06 8.62 36.34
C PHE B 69 0.17 9.85 36.46
N LYS B 70 -0.55 10.00 37.59
CA LYS B 70 -1.47 11.10 37.77
C LYS B 70 -0.75 12.45 37.63
N ASP B 71 -1.44 13.41 37.01
CA ASP B 71 -0.94 14.78 36.97
C ASP B 71 -0.67 15.29 38.38
N LEU B 72 0.49 15.90 38.57
CA LEU B 72 0.90 16.39 39.88
C LEU B 72 1.06 17.90 39.87
N VAL B 73 0.84 18.51 41.03
CA VAL B 73 1.10 19.94 41.19
C VAL B 73 2.60 20.20 41.24
N GLN B 74 3.31 19.45 42.06
CA GLN B 74 4.73 19.62 42.30
C GLN B 74 5.41 18.26 42.36
N LEU B 75 6.52 18.11 41.64
CA LEU B 75 7.22 16.82 41.52
C LEU B 75 8.72 17.06 41.67
N PRO B 76 9.36 16.52 42.70
CA PRO B 76 10.82 16.64 42.82
C PRO B 76 11.50 15.74 41.80
N VAL B 77 12.44 16.32 41.04
CA VAL B 77 13.15 15.62 39.97
C VAL B 77 14.63 15.57 40.37
N VAL B 78 15.03 14.45 40.94
CA VAL B 78 16.45 14.18 41.21
C VAL B 78 17.10 13.73 39.91
N THR B 79 18.15 14.44 39.50
CA THR B 79 18.93 14.08 38.32
C THR B 79 20.28 13.49 38.71
N SER B 80 20.34 12.82 39.85
CA SER B 80 21.62 12.40 40.44
C SER B 80 22.42 11.55 39.47
N SER B 81 23.73 11.79 39.46
CA SER B 81 24.64 11.01 38.63
C SER B 81 24.52 9.52 38.91
N THR B 82 24.10 9.16 40.12
CA THR B 82 23.85 7.78 40.49
C THR B 82 22.49 7.68 41.15
N ILE B 83 21.83 6.54 40.93
CA ILE B 83 20.56 6.24 41.59
C ILE B 83 20.84 5.24 42.70
N VAL B 84 20.47 5.61 43.92
CA VAL B 84 20.76 4.78 45.10
C VAL B 84 19.70 3.70 45.21
N ARG B 85 20.14 2.44 45.10
CA ARG B 85 19.25 1.30 45.18
C ARG B 85 19.82 0.27 46.15
N CYS B 86 18.95 -0.62 46.62
CA CYS B 86 19.38 -1.70 47.50
C CYS B 86 20.09 -2.77 46.69
N ARG B 87 21.24 -3.24 47.20
CA ARG B 87 22.05 -4.21 46.47
C ARG B 87 21.39 -5.57 46.33
N SER B 88 20.29 -5.83 47.04
CA SER B 88 19.64 -7.14 47.00
C SER B 88 18.37 -7.12 46.15
N CYS B 89 17.37 -6.34 46.54
CA CYS B 89 16.08 -6.34 45.86
C CYS B 89 15.89 -5.14 44.93
N ARG B 90 16.95 -4.35 44.70
CA ARG B 90 16.94 -3.20 43.80
C ARG B 90 15.91 -2.15 44.21
N THR B 91 15.51 -2.13 45.48
CA THR B 91 14.57 -1.12 45.96
C THR B 91 15.26 0.25 45.99
N TYR B 92 14.54 1.26 45.52
CA TYR B 92 15.08 2.62 45.54
C TYR B 92 15.09 3.16 46.95
N ILE B 93 16.16 3.87 47.32
CA ILE B 93 16.23 4.49 48.63
C ILE B 93 15.04 5.42 48.79
N ASN B 94 14.41 5.37 49.96
CA ASN B 94 13.09 5.96 50.12
C ASN B 94 12.97 6.47 51.56
N PRO B 95 11.99 7.35 51.83
CA PRO B 95 11.94 8.01 53.15
C PRO B 95 11.79 7.06 54.33
N PHE B 96 11.45 5.79 54.11
CA PHE B 96 11.12 4.88 55.19
C PHE B 96 12.20 3.84 55.43
N VAL B 97 13.42 4.07 54.93
CA VAL B 97 14.56 3.21 55.25
C VAL B 97 15.01 3.53 56.66
N SER B 98 15.98 2.78 57.17
CA SER B 98 16.51 2.97 58.51
C SER B 98 18.00 3.31 58.39
N PHE B 99 18.34 4.58 58.57
CA PHE B 99 19.74 4.97 58.71
C PHE B 99 20.24 4.61 60.10
N LEU B 100 21.38 3.92 60.15
CA LEU B 100 21.98 3.53 61.43
C LEU B 100 23.40 4.05 61.53
N ASP B 101 24.37 3.47 60.80
CA ASP B 101 25.77 3.92 60.83
C ASP B 101 25.99 5.30 60.17
N GLN B 102 24.91 5.98 59.75
CA GLN B 102 24.95 7.28 59.07
C GLN B 102 25.72 7.21 57.76
N ARG B 103 26.39 6.08 57.51
CA ARG B 103 26.94 5.76 56.20
C ARG B 103 26.45 4.39 55.74
N ARG B 104 25.49 3.81 56.45
CA ARG B 104 24.85 2.55 56.09
C ARG B 104 23.35 2.65 56.35
N TRP B 105 22.56 2.16 55.40
CA TRP B 105 21.11 2.19 55.50
C TRP B 105 20.55 0.78 55.37
N LYS B 106 19.45 0.54 56.09
CA LYS B 106 18.79 -0.76 56.11
C LYS B 106 17.55 -0.70 55.23
N CYS B 107 17.45 -1.62 54.28
CA CYS B 107 16.33 -1.65 53.37
C CYS B 107 15.03 -1.97 54.11
N ASN B 108 13.98 -1.20 53.85
CA ASN B 108 12.70 -1.45 54.49
C ASN B 108 11.89 -2.53 53.80
N LEU B 109 12.42 -3.16 52.75
CA LEU B 109 11.74 -4.25 52.06
C LEU B 109 12.45 -5.58 52.17
N CYS B 110 13.78 -5.61 52.12
CA CYS B 110 14.53 -6.85 52.26
C CYS B 110 15.40 -6.88 53.51
N TYR B 111 15.49 -5.79 54.26
CA TYR B 111 16.22 -5.67 55.53
C TYR B 111 17.73 -5.75 55.39
N ARG B 112 18.25 -5.82 54.16
CA ARG B 112 19.69 -5.87 53.98
C ARG B 112 20.31 -4.49 54.21
N VAL B 113 21.47 -4.49 54.87
CA VAL B 113 22.19 -3.25 55.13
C VAL B 113 23.04 -2.89 53.91
N ASN B 114 23.03 -1.61 53.54
CA ASN B 114 23.72 -1.14 52.35
C ASN B 114 24.67 -0.01 52.71
N ASP B 115 25.52 0.34 51.75
CA ASP B 115 26.54 1.38 51.92
C ASP B 115 26.09 2.65 51.20
N VAL B 116 25.93 3.73 51.96
CA VAL B 116 25.59 5.03 51.37
C VAL B 116 26.78 5.50 50.54
N PRO B 117 26.61 5.76 49.25
CA PRO B 117 27.75 6.16 48.43
C PRO B 117 28.13 7.61 48.69
N GLU B 118 29.44 7.88 48.65
CA GLU B 118 29.95 9.24 48.77
C GLU B 118 29.43 10.09 47.61
N GLU B 119 28.14 10.40 47.62
CA GLU B 119 27.47 11.08 46.53
C GLU B 119 26.17 11.73 47.00
N GLU B 131 24.69 14.88 56.54
CA GLU B 131 23.25 14.66 56.70
C GLU B 131 22.66 13.97 55.48
N PRO B 132 22.85 12.64 55.39
CA PRO B 132 22.31 11.91 54.23
C PRO B 132 20.80 11.80 54.24
N HIS B 133 20.17 11.88 55.41
CA HIS B 133 18.71 11.85 55.52
C HIS B 133 18.06 13.15 55.11
N ARG B 134 18.84 14.17 54.74
CA ARG B 134 18.33 15.41 54.18
C ARG B 134 18.24 15.37 52.66
N ARG B 135 18.78 14.32 52.04
CA ARG B 135 18.76 14.20 50.60
C ARG B 135 17.32 14.10 50.10
N PRO B 136 17.00 14.70 48.94
CA PRO B 136 15.60 14.69 48.47
C PRO B 136 15.01 13.30 48.29
N GLU B 137 15.82 12.29 47.95
CA GLU B 137 15.28 10.94 47.79
C GLU B 137 14.74 10.36 49.09
N VAL B 138 15.05 10.95 50.23
CA VAL B 138 14.61 10.47 51.54
C VAL B 138 13.60 11.40 52.19
N GLN B 139 13.26 12.51 51.55
CA GLN B 139 12.26 13.44 52.07
C GLN B 139 10.95 13.42 51.30
N ASN B 140 10.86 12.68 50.21
CA ASN B 140 9.68 12.68 49.35
C ASN B 140 9.28 11.25 49.04
N ALA B 141 8.06 10.87 49.41
CA ALA B 141 7.53 9.56 49.03
C ALA B 141 7.32 9.43 47.53
N THR B 142 7.19 10.55 46.82
CA THR B 142 7.00 10.57 45.37
C THR B 142 8.10 11.42 44.75
N ILE B 143 8.78 10.86 43.75
CA ILE B 143 9.97 11.48 43.18
C ILE B 143 10.21 10.89 41.80
N GLU B 144 10.88 11.66 40.95
CA GLU B 144 11.17 11.24 39.58
C GLU B 144 12.67 11.31 39.34
N PHE B 145 13.23 10.20 38.87
CA PHE B 145 14.65 10.09 38.58
C PHE B 145 14.91 10.20 37.09
N MET B 146 16.09 10.70 36.74
CA MET B 146 16.61 10.53 35.38
C MET B 146 17.22 9.14 35.27
N ALA B 147 16.88 8.43 34.21
CA ALA B 147 17.44 7.09 34.16
C ALA B 147 18.78 7.08 33.42
N PRO B 148 19.74 6.31 33.87
CA PRO B 148 21.05 6.24 33.21
C PRO B 148 20.96 5.37 31.96
N SER B 149 22.12 5.18 31.33
CA SER B 149 22.16 4.54 30.03
C SER B 149 21.74 3.08 30.09
N GLU B 150 21.96 2.43 31.23
CA GLU B 150 21.64 1.00 31.34
C GLU B 150 20.14 0.74 31.34
N TYR B 151 19.32 1.76 31.62
CA TYR B 151 17.88 1.60 31.76
C TYR B 151 17.13 1.77 30.44
N MET B 152 17.82 1.64 29.30
CA MET B 152 17.18 1.73 27.99
C MET B 152 17.67 0.60 27.12
N LEU B 153 16.73 -0.07 26.46
CA LEU B 153 17.04 -1.12 25.49
C LEU B 153 17.45 -0.53 24.16
N ARG B 154 17.19 0.75 23.93
CA ARG B 154 17.37 1.40 22.64
C ARG B 154 17.28 2.91 22.84
N PRO B 155 17.66 3.72 21.84
CA PRO B 155 17.53 5.16 21.99
C PRO B 155 16.08 5.55 22.24
N PRO B 156 15.86 6.67 22.94
CA PRO B 156 14.48 7.08 23.26
C PRO B 156 13.66 7.29 22.00
N GLN B 157 12.56 6.56 21.91
CA GLN B 157 11.71 6.65 20.73
C GLN B 157 11.04 8.02 20.66
N PRO B 158 10.81 8.54 19.46
CA PRO B 158 10.04 9.77 19.31
C PRO B 158 8.57 9.50 19.56
N PRO B 159 7.76 10.55 19.72
CA PRO B 159 6.31 10.35 19.79
C PRO B 159 5.73 10.08 18.41
N VAL B 160 4.96 9.01 18.30
CA VAL B 160 4.39 8.56 17.04
C VAL B 160 2.89 8.36 17.24
N TYR B 161 2.08 9.17 16.57
CA TYR B 161 0.63 9.12 16.68
C TYR B 161 0.05 8.66 15.34
N LEU B 162 -0.69 7.55 15.37
CA LEU B 162 -1.33 6.99 14.18
C LEU B 162 -2.83 6.91 14.41
N PHE B 163 -3.61 7.52 13.53
CA PHE B 163 -5.06 7.57 13.65
C PHE B 163 -5.68 6.70 12.56
N VAL B 164 -6.57 5.80 12.99
CA VAL B 164 -7.12 4.75 12.13
C VAL B 164 -8.64 4.89 12.15
N PHE B 165 -9.22 5.31 11.03
CA PHE B 165 -10.62 5.70 10.95
C PHE B 165 -11.44 4.71 10.14
N ASP B 166 -12.56 4.27 10.71
CA ASP B 166 -13.58 3.58 9.94
C ASP B 166 -14.33 4.56 9.06
N VAL B 167 -14.42 4.26 7.76
CA VAL B 167 -15.09 5.14 6.81
C VAL B 167 -16.21 4.41 6.06
N SER B 168 -16.76 3.36 6.64
CA SER B 168 -17.86 2.63 6.01
C SER B 168 -19.10 3.50 5.89
N HIS B 169 -20.16 2.97 5.27
CA HIS B 169 -21.36 3.77 5.07
C HIS B 169 -21.99 4.15 6.40
N ASN B 170 -22.06 3.20 7.34
CA ASN B 170 -22.59 3.51 8.67
C ASN B 170 -21.74 4.55 9.37
N ALA B 171 -20.42 4.46 9.23
CA ALA B 171 -19.53 5.45 9.84
C ALA B 171 -19.76 6.82 9.24
N VAL B 172 -19.83 6.91 7.91
CA VAL B 172 -20.09 8.18 7.24
C VAL B 172 -21.40 8.79 7.71
N GLU B 173 -22.38 7.96 8.05
CA GLU B 173 -23.68 8.47 8.48
C GLU B 173 -23.62 9.09 9.86
N THR B 174 -22.81 8.53 10.76
CA THR B 174 -22.73 9.09 12.11
C THR B 174 -22.15 10.50 12.10
N GLY B 175 -21.33 10.82 11.11
CA GLY B 175 -20.72 12.13 11.05
C GLY B 175 -19.63 12.38 12.07
N TYR B 176 -19.08 11.32 12.67
CA TYR B 176 -18.04 11.51 13.68
C TYR B 176 -16.76 12.04 13.07
N LEU B 177 -16.48 11.70 11.81
CA LEU B 177 -15.22 12.08 11.18
C LEU B 177 -15.02 13.60 11.19
N ASN B 178 -16.11 14.35 11.07
CA ASN B 178 -16.01 15.80 10.97
C ASN B 178 -15.47 16.41 12.25
N SER B 179 -16.01 15.98 13.41
CA SER B 179 -15.56 16.53 14.67
C SER B 179 -14.15 16.06 15.01
N VAL B 180 -13.83 14.80 14.73
CA VAL B 180 -12.51 14.26 15.05
C VAL B 180 -11.43 14.99 14.26
N CYS B 181 -11.66 15.19 12.96
CA CYS B 181 -10.70 15.94 12.15
C CYS B 181 -10.62 17.40 12.59
N GLN B 182 -11.71 17.95 13.12
CA GLN B 182 -11.68 19.33 13.62
C GLN B 182 -10.89 19.43 14.91
N SER B 183 -11.04 18.45 15.80
CA SER B 183 -10.26 18.45 17.04
C SER B 183 -8.77 18.28 16.76
N LEU B 184 -8.42 17.41 15.81
CA LEU B 184 -7.02 17.26 15.43
C LEU B 184 -6.46 18.55 14.86
N LEU B 185 -7.27 19.27 14.09
CA LEU B 185 -6.85 20.58 13.57
C LEU B 185 -6.61 21.57 14.70
N ASP B 186 -7.56 21.66 15.63
CA ASP B 186 -7.43 22.62 16.73
C ASP B 186 -6.26 22.30 17.64
N ASN B 187 -5.96 21.02 17.84
CA ASN B 187 -5.00 20.60 18.85
C ASN B 187 -3.70 20.06 18.26
N LEU B 188 -3.39 20.41 17.02
CA LEU B 188 -2.18 19.88 16.38
C LEU B 188 -0.92 20.39 17.07
N ASP B 189 -0.89 21.67 17.42
CA ASP B 189 0.25 22.25 18.11
C ASP B 189 0.33 21.82 19.57
N LEU B 190 -0.72 21.21 20.12
CA LEU B 190 -0.74 20.81 21.51
C LEU B 190 -0.44 19.33 21.70
N LEU B 191 -0.23 18.59 20.62
CA LEU B 191 0.16 17.18 20.75
C LEU B 191 1.49 17.09 21.49
N PRO B 192 1.61 16.22 22.49
CA PRO B 192 2.88 16.10 23.22
C PRO B 192 4.01 15.62 22.30
N GLY B 193 5.16 16.25 22.45
CA GLY B 193 6.33 15.90 21.66
C GLY B 193 7.14 17.13 21.32
N ASN B 194 8.34 16.88 20.81
CA ASN B 194 9.24 17.90 20.33
C ASN B 194 9.30 17.82 18.79
N THR B 195 10.41 18.26 18.21
CA THR B 195 10.55 18.27 16.75
C THR B 195 10.64 16.87 16.16
N ARG B 196 10.72 15.83 16.98
CA ARG B 196 10.81 14.45 16.49
C ARG B 196 9.45 13.81 16.27
N THR B 197 8.35 14.52 16.53
CA THR B 197 7.02 13.92 16.50
C THR B 197 6.67 13.45 15.09
N LYS B 198 6.08 12.26 15.00
CA LYS B 198 5.58 11.71 13.75
C LYS B 198 4.08 11.46 13.85
N ILE B 199 3.36 11.69 12.75
CA ILE B 199 1.92 11.50 12.70
C ILE B 199 1.57 10.75 11.43
N GLY B 200 0.49 9.97 11.49
CA GLY B 200 0.07 9.18 10.34
C GLY B 200 -1.43 8.98 10.35
N PHE B 201 -1.95 8.52 9.21
CA PHE B 201 -3.38 8.37 9.02
C PHE B 201 -3.70 7.15 8.19
N ILE B 202 -4.69 6.37 8.63
CA ILE B 202 -5.21 5.23 7.89
C ILE B 202 -6.72 5.27 7.99
N THR B 203 -7.40 5.10 6.84
CA THR B 203 -8.82 4.85 6.82
C THR B 203 -9.07 3.47 6.23
N PHE B 204 -10.21 2.93 6.52
CA PHE B 204 -10.57 1.65 6.03
C PHE B 204 -12.08 1.40 5.92
N ASP B 205 -12.43 0.55 4.98
CA ASP B 205 -13.77 0.06 4.73
C ASP B 205 -13.57 -1.40 4.39
N SER B 206 -13.89 -1.85 3.20
CA SER B 206 -13.60 -3.19 2.79
C SER B 206 -12.14 -3.33 2.51
N THR B 207 -11.48 -2.22 2.25
CA THR B 207 -10.06 -2.18 1.96
C THR B 207 -9.37 -1.22 2.94
N ILE B 208 -8.06 -1.08 2.79
CA ILE B 208 -7.21 -0.34 3.72
C ILE B 208 -6.54 0.79 2.96
N HIS B 209 -6.63 2.00 3.51
CA HIS B 209 -6.27 3.22 2.80
C HIS B 209 -5.15 3.95 3.56
N PHE B 210 -3.95 3.93 3.01
CA PHE B 210 -2.83 4.72 3.52
C PHE B 210 -2.80 6.08 2.81
N TYR B 211 -2.12 7.03 3.44
CA TYR B 211 -2.02 8.38 2.93
C TYR B 211 -0.56 8.84 2.96
N GLY B 212 -0.01 9.11 1.79
CA GLY B 212 1.32 9.67 1.70
C GLY B 212 1.26 11.20 1.67
N LEU B 213 2.25 11.82 2.32
CA LEU B 213 2.32 13.26 2.46
C LEU B 213 3.71 13.71 2.04
N GLN B 214 3.78 14.50 0.97
CA GLN B 214 5.06 14.99 0.44
C GLN B 214 4.90 16.44 0.00
N GLU B 215 5.86 17.28 0.40
CA GLU B 215 5.85 18.66 -0.02
C GLU B 215 6.03 18.83 -1.53
N SER B 216 6.62 17.84 -2.21
CA SER B 216 6.79 17.91 -3.66
C SER B 216 5.51 17.62 -4.45
N LEU B 217 4.48 17.06 -3.81
CA LEU B 217 3.29 16.64 -4.51
C LEU B 217 2.14 17.59 -4.21
N SER B 218 1.30 17.82 -5.21
CA SER B 218 0.27 18.86 -5.11
C SER B 218 -0.77 18.54 -4.05
N GLN B 219 -0.95 17.27 -3.72
CA GLN B 219 -2.00 16.86 -2.80
C GLN B 219 -1.57 15.55 -2.16
N PRO B 220 -2.15 15.19 -1.02
CA PRO B 220 -1.87 13.87 -0.44
C PRO B 220 -2.25 12.79 -1.43
N GLN B 221 -1.78 11.57 -1.18
CA GLN B 221 -2.10 10.45 -2.07
C GLN B 221 -2.63 9.27 -1.26
N MET B 222 -3.79 8.78 -1.68
CA MET B 222 -4.46 7.67 -1.02
C MET B 222 -4.03 6.36 -1.66
N LEU B 223 -3.41 5.49 -0.88
CA LEU B 223 -2.84 4.24 -1.36
C LEU B 223 -3.66 3.08 -0.81
N ILE B 224 -4.34 2.36 -1.70
CA ILE B 224 -5.33 1.36 -1.32
C ILE B 224 -4.69 -0.02 -1.38
N VAL B 225 -4.69 -0.72 -0.26
CA VAL B 225 -4.35 -2.14 -0.21
C VAL B 225 -5.66 -2.92 -0.19
N SER B 226 -5.90 -3.70 -1.25
CA SER B 226 -7.12 -4.49 -1.36
C SER B 226 -6.94 -5.95 -1.00
N ASP B 227 -5.70 -6.45 -1.00
CA ASP B 227 -5.46 -7.82 -0.54
C ASP B 227 -5.63 -7.89 0.97
N ILE B 228 -6.87 -8.17 1.40
CA ILE B 228 -7.20 -8.16 2.83
C ILE B 228 -6.45 -9.25 3.58
N GLU B 229 -6.17 -10.38 2.92
CA GLU B 229 -5.51 -11.51 3.56
C GLU B 229 -4.01 -11.36 3.66
N ASP B 230 -3.42 -10.33 3.06
CA ASP B 230 -1.96 -10.22 3.00
C ASP B 230 -1.56 -8.74 2.92
N VAL B 231 -1.83 -8.01 4.02
CA VAL B 231 -1.57 -6.58 4.02
C VAL B 231 -0.07 -6.31 3.98
N PHE B 232 0.28 -5.10 3.56
CA PHE B 232 1.67 -4.68 3.50
C PHE B 232 1.71 -3.16 3.49
N ILE B 233 2.91 -2.62 3.67
CA ILE B 233 3.13 -1.17 3.68
C ILE B 233 3.45 -0.75 2.24
N PRO B 234 2.59 0.06 1.59
CA PRO B 234 2.80 0.35 0.17
C PRO B 234 3.95 1.30 -0.11
N MET B 235 4.48 2.00 0.90
CA MET B 235 5.47 3.04 0.65
C MET B 235 6.49 3.06 1.78
N PRO B 236 7.80 3.09 1.47
CA PRO B 236 8.80 3.06 2.54
C PRO B 236 8.84 4.32 3.38
N GLU B 237 8.48 5.47 2.80
CA GLU B 237 8.58 6.76 3.45
C GLU B 237 7.25 7.49 3.31
N ASN B 238 7.07 8.53 4.13
CA ASN B 238 6.02 9.53 4.01
C ASN B 238 4.63 9.02 4.41
N LEU B 239 4.54 7.85 5.03
CA LEU B 239 3.27 7.44 5.61
C LEU B 239 3.16 7.91 7.06
N LEU B 240 4.26 7.76 7.81
CA LEU B 240 4.43 8.43 9.10
C LEU B 240 5.39 9.59 8.86
N VAL B 241 4.86 10.81 8.86
CA VAL B 241 5.64 12.00 8.48
C VAL B 241 5.97 12.80 9.73
N ASN B 242 7.02 13.62 9.62
CA ASN B 242 7.39 14.53 10.69
C ASN B 242 6.38 15.67 10.74
N LEU B 243 5.67 15.79 11.87
CA LEU B 243 4.61 16.79 12.00
C LEU B 243 5.16 18.19 11.84
N ASN B 244 6.33 18.46 12.43
CA ASN B 244 6.92 19.80 12.33
C ASN B 244 7.19 20.18 10.88
N GLU B 245 7.84 19.29 10.13
CA GLU B 245 8.18 19.60 8.74
C GLU B 245 6.93 19.66 7.86
N SER B 246 5.99 18.73 8.06
CA SER B 246 4.85 18.56 7.17
C SER B 246 3.54 19.04 7.79
N LYS B 247 3.59 20.07 8.62
CA LYS B 247 2.38 20.59 9.26
C LYS B 247 1.35 21.02 8.23
N GLU B 248 1.78 21.73 7.18
CA GLU B 248 0.85 22.21 6.17
C GLU B 248 0.14 21.06 5.47
N LEU B 249 0.88 19.99 5.16
CA LEU B 249 0.30 18.86 4.45
C LEU B 249 -0.67 18.08 5.32
N VAL B 250 -0.40 17.98 6.62
CA VAL B 250 -1.32 17.32 7.53
C VAL B 250 -2.60 18.14 7.68
N GLN B 251 -2.47 19.46 7.79
CA GLN B 251 -3.65 20.31 7.94
C GLN B 251 -4.55 20.23 6.71
N ASP B 252 -3.96 20.23 5.52
CA ASP B 252 -4.76 20.08 4.30
C ASP B 252 -5.51 18.76 4.29
N LEU B 253 -4.85 17.68 4.68
CA LEU B 253 -5.48 16.37 4.67
C LEU B 253 -6.67 16.32 5.63
N LEU B 254 -6.48 16.84 6.84
CA LEU B 254 -7.57 16.82 7.82
C LEU B 254 -8.79 17.59 7.34
N LYS B 255 -8.60 18.58 6.47
CA LYS B 255 -9.72 19.33 5.92
C LYS B 255 -10.42 18.58 4.78
N THR B 256 -9.70 17.70 4.10
CA THR B 256 -10.27 16.97 2.97
C THR B 256 -10.92 15.66 3.37
N LEU B 257 -10.41 15.01 4.42
CA LEU B 257 -10.88 13.68 4.81
C LEU B 257 -12.38 13.58 5.04
N PRO B 258 -13.03 14.46 5.80
CA PRO B 258 -14.47 14.29 6.05
C PRO B 258 -15.34 14.40 4.81
N GLN B 259 -14.78 14.78 3.67
CA GLN B 259 -15.56 15.02 2.46
C GLN B 259 -15.36 13.96 1.38
N MET B 260 -14.39 13.05 1.55
CA MET B 260 -14.05 12.10 0.49
C MET B 260 -15.00 10.93 0.40
N PHE B 261 -15.76 10.64 1.46
CA PHE B 261 -16.55 9.41 1.54
C PHE B 261 -18.04 9.67 1.70
N THR B 262 -18.51 10.86 1.29
CA THR B 262 -19.91 11.23 1.49
C THR B 262 -20.85 10.24 0.82
N LYS B 263 -20.51 9.80 -0.38
CA LYS B 263 -21.37 8.97 -1.22
C LYS B 263 -20.97 7.50 -1.21
N THR B 264 -20.40 7.04 -0.09
CA THR B 264 -19.89 5.67 0.00
C THR B 264 -21.02 4.67 0.09
N LEU B 265 -20.86 3.54 -0.60
CA LEU B 265 -21.78 2.41 -0.48
C LEU B 265 -21.12 1.19 0.16
N GLU B 266 -19.89 1.33 0.64
CA GLU B 266 -19.22 0.27 1.37
C GLU B 266 -19.94 0.06 2.70
N THR B 267 -20.38 -1.18 2.96
CA THR B 267 -21.09 -1.50 4.18
C THR B 267 -20.37 -2.50 5.08
N GLN B 268 -19.30 -3.13 4.60
CA GLN B 268 -18.51 -4.05 5.42
C GLN B 268 -17.23 -3.38 5.89
N SER B 269 -16.78 -3.78 7.08
CA SER B 269 -15.61 -3.19 7.71
C SER B 269 -14.60 -4.30 8.02
N ALA B 270 -13.37 -4.12 7.54
CA ALA B 270 -12.30 -5.10 7.76
C ALA B 270 -11.36 -4.58 8.83
N LEU B 271 -11.84 -4.63 10.07
CA LEU B 271 -11.10 -4.04 11.19
C LEU B 271 -9.82 -4.79 11.47
N GLY B 272 -9.88 -6.13 11.46
CA GLY B 272 -8.71 -6.95 11.70
C GLY B 272 -7.56 -6.66 10.76
N PRO B 273 -7.80 -6.75 9.44
CA PRO B 273 -6.73 -6.42 8.49
C PRO B 273 -6.21 -5.00 8.61
N ALA B 274 -7.09 -4.04 8.93
CA ALA B 274 -6.65 -2.67 9.11
C ALA B 274 -5.69 -2.55 10.28
N LEU B 275 -5.99 -3.22 11.39
CA LEU B 275 -5.11 -3.17 12.55
C LEU B 275 -3.80 -3.88 12.27
N GLN B 276 -3.84 -4.95 11.48
CA GLN B 276 -2.60 -5.64 11.11
C GLN B 276 -1.69 -4.75 10.30
N ALA B 277 -2.25 -4.00 9.34
CA ALA B 277 -1.45 -3.05 8.58
C ALA B 277 -0.98 -1.90 9.46
N ALA B 278 -1.86 -1.41 10.34
CA ALA B 278 -1.46 -0.36 11.28
C ALA B 278 -0.34 -0.83 12.19
N PHE B 279 -0.38 -2.10 12.60
CA PHE B 279 0.72 -2.67 13.39
C PHE B 279 2.02 -2.64 12.61
N LYS B 280 2.00 -3.18 11.39
CA LYS B 280 3.20 -3.20 10.54
C LYS B 280 3.78 -1.80 10.38
N LEU B 281 2.91 -0.80 10.21
CA LEU B 281 3.38 0.57 10.00
C LEU B 281 4.04 1.13 11.26
N MET B 282 3.53 0.77 12.43
CA MET B 282 4.08 1.26 13.69
C MET B 282 5.15 0.35 14.29
N SER B 283 5.28 -0.87 13.78
CA SER B 283 6.22 -1.83 14.37
C SER B 283 7.64 -1.31 14.56
N PRO B 284 8.23 -0.53 13.63
CA PRO B 284 9.64 -0.12 13.82
C PRO B 284 9.86 0.90 14.92
N THR B 285 8.86 1.69 15.29
CA THR B 285 9.05 2.75 16.28
C THR B 285 8.25 2.59 17.55
N GLY B 286 7.05 2.00 17.49
CA GLY B 286 6.12 2.10 18.59
C GLY B 286 5.38 3.42 18.57
N GLY B 287 4.47 3.58 19.53
CA GLY B 287 3.71 4.81 19.65
C GLY B 287 2.28 4.51 20.03
N ARG B 288 1.41 5.48 19.78
CA ARG B 288 0.01 5.41 20.17
C ARG B 288 -0.87 5.31 18.93
N MET B 289 -1.77 4.34 18.93
CA MET B 289 -2.64 4.06 17.80
C MET B 289 -4.08 4.32 18.23
N SER B 290 -4.71 5.32 17.62
CA SER B 290 -6.10 5.65 17.91
C SER B 290 -7.00 5.06 16.83
N VAL B 291 -7.90 4.17 17.23
CA VAL B 291 -8.76 3.46 16.30
C VAL B 291 -10.20 3.90 16.55
N PHE B 292 -10.85 4.39 15.50
CA PHE B 292 -12.24 4.81 15.54
C PHE B 292 -13.06 3.83 14.70
N GLN B 293 -13.98 3.12 15.33
CA GLN B 293 -14.76 2.06 14.70
C GLN B 293 -16.21 2.22 15.11
N THR B 294 -17.14 2.00 14.16
CA THR B 294 -18.54 2.30 14.38
C THR B 294 -19.48 1.12 14.23
N GLN B 295 -18.99 -0.09 13.98
CA GLN B 295 -19.89 -1.20 13.72
C GLN B 295 -19.19 -2.53 14.00
N LEU B 296 -19.96 -3.61 13.83
CA LEU B 296 -19.43 -4.96 13.95
C LEU B 296 -18.39 -5.20 12.85
N PRO B 297 -17.21 -5.73 13.18
CA PRO B 297 -16.27 -6.15 12.12
C PRO B 297 -16.75 -7.44 11.47
N THR B 298 -16.89 -7.41 10.15
CA THR B 298 -17.55 -8.49 9.43
C THR B 298 -16.74 -9.10 8.28
N LEU B 299 -15.53 -8.60 8.01
CA LEU B 299 -14.80 -9.00 6.82
C LEU B 299 -13.33 -9.23 7.15
N GLY B 300 -12.81 -10.40 6.80
CA GLY B 300 -11.42 -10.72 7.01
C GLY B 300 -11.15 -11.38 8.35
N VAL B 301 -9.86 -11.46 8.68
CA VAL B 301 -9.46 -11.94 9.99
C VAL B 301 -10.02 -11.03 11.06
N GLY B 302 -10.46 -11.62 12.17
CA GLY B 302 -11.09 -10.87 13.22
C GLY B 302 -12.57 -10.61 13.02
N ALA B 303 -13.21 -11.27 12.06
CA ALA B 303 -14.64 -11.13 11.89
C ALA B 303 -15.37 -11.65 13.13
N LEU B 304 -16.47 -10.98 13.48
CA LEU B 304 -17.25 -11.33 14.65
C LEU B 304 -18.70 -11.53 14.26
N LYS B 305 -19.33 -12.53 14.85
CA LYS B 305 -20.70 -12.89 14.50
C LYS B 305 -21.69 -11.96 15.19
N PRO B 306 -22.81 -11.67 14.53
CA PRO B 306 -23.87 -10.90 15.19
C PRO B 306 -24.45 -11.65 16.38
N ARG B 307 -25.09 -10.91 17.26
CA ARG B 307 -25.67 -11.47 18.49
C ARG B 307 -26.93 -10.70 18.84
N GLU B 308 -27.85 -11.40 19.51
CA GLU B 308 -29.12 -10.81 19.92
C GLU B 308 -28.99 -10.20 21.30
N GLU B 309 -29.41 -8.95 21.43
CA GLU B 309 -29.28 -8.25 22.69
C GLU B 309 -30.26 -8.80 23.72
N PRO B 310 -29.87 -8.87 24.99
CA PRO B 310 -30.80 -9.33 26.03
C PRO B 310 -31.81 -8.26 26.40
N ASN B 311 -32.82 -8.68 27.15
CA ASN B 311 -33.83 -7.77 27.66
C ASN B 311 -34.00 -8.02 29.17
N HIS B 312 -34.87 -7.22 29.79
CA HIS B 312 -35.12 -7.30 31.23
C HIS B 312 -35.55 -8.70 31.68
N ARG B 313 -35.95 -9.57 30.76
CA ARG B 313 -36.50 -10.88 31.11
C ARG B 313 -35.42 -11.94 31.29
N SER B 314 -34.36 -11.90 30.48
CA SER B 314 -33.31 -12.90 30.56
C SER B 314 -32.54 -12.78 31.87
N SER B 315 -32.11 -13.93 32.38
CA SER B 315 -31.37 -14.00 33.63
C SER B 315 -29.88 -13.88 33.35
N ALA B 316 -29.05 -14.16 34.36
CA ALA B 316 -27.60 -14.09 34.22
C ALA B 316 -27.09 -15.37 33.58
N LYS B 317 -27.34 -15.50 32.29
CA LYS B 317 -26.82 -16.61 31.50
C LYS B 317 -26.08 -16.08 30.28
N MET B 321 -20.47 -12.18 27.77
CA MET B 321 -19.47 -11.67 28.70
C MET B 321 -18.06 -11.78 28.13
N THR B 322 -17.68 -13.00 27.77
CA THR B 322 -16.32 -13.32 27.37
C THR B 322 -16.12 -13.07 25.88
N PRO B 323 -14.87 -13.01 25.42
CA PRO B 323 -14.63 -12.81 23.98
C PRO B 323 -15.11 -13.99 23.15
N SER B 324 -15.37 -13.70 21.87
CA SER B 324 -15.75 -14.70 20.89
C SER B 324 -14.58 -15.18 20.05
N THR B 325 -13.43 -14.50 20.15
CA THR B 325 -12.22 -14.93 19.46
C THR B 325 -11.03 -14.37 20.22
N ASP B 326 -9.86 -14.94 19.95
CA ASP B 326 -8.61 -14.47 20.52
C ASP B 326 -7.77 -13.66 19.54
N PHE B 327 -8.33 -13.31 18.38
CA PHE B 327 -7.56 -12.59 17.38
C PHE B 327 -7.05 -11.26 17.91
N TYR B 328 -7.91 -10.51 18.60
CA TYR B 328 -7.52 -9.19 19.06
C TYR B 328 -6.61 -9.24 20.27
N LYS B 329 -6.69 -10.31 21.07
CA LYS B 329 -5.77 -10.48 22.18
C LYS B 329 -4.37 -10.82 21.69
N LYS B 330 -4.26 -11.77 20.76
CA LYS B 330 -2.98 -12.08 20.13
C LYS B 330 -2.38 -10.85 19.47
N LEU B 331 -3.19 -10.12 18.69
CA LEU B 331 -2.70 -8.92 18.03
C LEU B 331 -2.26 -7.88 19.07
N ALA B 332 -2.98 -7.77 20.18
CA ALA B 332 -2.59 -6.82 21.22
C ALA B 332 -1.28 -7.24 21.87
N LEU B 333 -1.05 -8.54 22.01
CA LEU B 333 0.22 -9.02 22.55
C LEU B 333 1.38 -8.66 21.64
N ASP B 334 1.18 -8.74 20.32
CA ASP B 334 2.23 -8.34 19.39
C ASP B 334 2.50 -6.84 19.46
N CYS B 335 1.45 -6.03 19.60
CA CYS B 335 1.65 -4.59 19.77
C CYS B 335 2.44 -4.30 21.04
N SER B 336 2.16 -5.03 22.12
CA SER B 336 2.90 -4.84 23.36
C SER B 336 4.40 -5.10 23.17
N GLY B 337 4.74 -6.11 22.37
CA GLY B 337 6.14 -6.41 22.13
C GLY B 337 6.85 -5.31 21.37
N GLN B 338 6.11 -4.53 20.59
CA GLN B 338 6.69 -3.45 19.79
C GLN B 338 6.46 -2.07 20.39
N GLN B 339 6.00 -2.01 21.64
CA GLN B 339 5.72 -0.75 22.33
C GLN B 339 4.65 0.08 21.59
N VAL B 340 3.59 -0.60 21.17
CA VAL B 340 2.45 0.04 20.51
C VAL B 340 1.23 -0.16 21.39
N ALA B 341 0.56 0.94 21.75
CA ALA B 341 -0.68 0.91 22.50
C ALA B 341 -1.84 1.29 21.59
N VAL B 342 -2.96 0.60 21.75
CA VAL B 342 -4.14 0.78 20.91
C VAL B 342 -5.26 1.34 21.77
N ASP B 343 -5.74 2.52 21.42
CA ASP B 343 -6.91 3.13 22.03
C ASP B 343 -8.10 2.96 21.09
N LEU B 344 -9.21 2.46 21.61
CA LEU B 344 -10.38 2.10 20.82
C LEU B 344 -11.50 3.09 21.10
N PHE B 345 -11.98 3.75 20.06
CA PHE B 345 -13.13 4.64 20.14
C PHE B 345 -14.28 3.95 19.40
N LEU B 346 -15.22 3.39 20.15
CA LEU B 346 -16.36 2.66 19.59
C LEU B 346 -17.58 3.55 19.61
N LEU B 347 -18.00 4.03 18.43
CA LEU B 347 -19.18 4.88 18.32
C LEU B 347 -20.29 4.13 17.58
N SER B 348 -20.77 3.03 18.16
CA SER B 348 -21.65 2.11 17.48
C SER B 348 -23.10 2.30 17.89
N GLY B 349 -24.00 2.10 16.93
CA GLY B 349 -25.43 2.17 17.19
C GLY B 349 -26.03 0.81 17.46
N GLN B 350 -25.38 -0.24 16.97
CA GLN B 350 -25.80 -1.62 17.21
C GLN B 350 -24.69 -2.39 17.91
N TYR B 351 -25.01 -3.63 18.26
CA TYR B 351 -24.04 -4.54 18.86
C TYR B 351 -22.78 -4.62 18.01
N SER B 352 -21.63 -4.57 18.68
CA SER B 352 -20.33 -4.59 18.00
C SER B 352 -19.35 -5.59 18.61
N ASP B 353 -19.79 -6.38 19.60
CA ASP B 353 -18.95 -7.36 20.27
C ASP B 353 -17.72 -6.70 20.89
N LEU B 354 -17.98 -5.69 21.73
CA LEU B 354 -16.90 -5.02 22.44
C LEU B 354 -16.18 -5.98 23.37
N ALA B 355 -16.87 -7.06 23.80
CA ALA B 355 -16.25 -8.07 24.64
C ALA B 355 -15.05 -8.72 23.97
N SER B 356 -14.98 -8.69 22.64
CA SER B 356 -13.82 -9.16 21.90
C SER B 356 -12.94 -8.02 21.39
N LEU B 357 -13.54 -6.89 21.02
CA LEU B 357 -12.76 -5.76 20.53
C LEU B 357 -11.95 -5.11 21.65
N GLY B 358 -12.45 -5.13 22.88
CA GLY B 358 -11.74 -4.53 24.01
C GLY B 358 -10.39 -5.15 24.30
N CYS B 359 -10.17 -6.42 23.92
CA CYS B 359 -8.88 -7.07 24.14
C CYS B 359 -7.73 -6.35 23.45
N ILE B 360 -7.99 -5.59 22.37
CA ILE B 360 -6.93 -4.86 21.71
C ILE B 360 -6.32 -3.80 22.63
N SER B 361 -7.09 -3.28 23.59
CA SER B 361 -6.63 -2.23 24.48
C SER B 361 -6.24 -2.73 25.86
N ARG B 362 -6.88 -3.79 26.36
CA ARG B 362 -6.54 -4.32 27.67
C ARG B 362 -5.08 -4.78 27.72
N TYR B 363 -4.64 -5.52 26.71
CA TYR B 363 -3.31 -6.14 26.71
C TYR B 363 -2.25 -5.31 26.01
N SER B 364 -2.59 -4.10 25.55
CA SER B 364 -1.60 -3.17 24.99
C SER B 364 -1.52 -1.88 25.79
N ALA B 365 -2.10 -1.86 26.99
CA ALA B 365 -2.06 -0.70 27.88
C ALA B 365 -2.70 0.54 27.24
N GLY B 366 -3.67 0.32 26.36
CA GLY B 366 -4.52 1.38 25.85
C GLY B 366 -5.73 1.58 26.74
N SER B 367 -6.80 2.08 26.13
CA SER B 367 -8.08 2.21 26.81
C SER B 367 -9.15 2.39 25.75
N VAL B 368 -10.40 2.13 26.13
CA VAL B 368 -11.53 2.15 25.22
C VAL B 368 -12.47 3.27 25.63
N TYR B 369 -12.99 3.98 24.61
CA TYR B 369 -13.94 5.07 24.78
C TYR B 369 -15.19 4.72 23.99
N TYR B 370 -16.34 4.81 24.63
CA TYR B 370 -17.60 4.30 24.08
C TYR B 370 -18.61 5.44 23.97
N TYR B 371 -19.18 5.60 22.78
CA TYR B 371 -20.17 6.64 22.50
C TYR B 371 -21.36 5.96 21.85
N PRO B 372 -22.29 5.43 22.65
CA PRO B 372 -23.39 4.64 22.10
C PRO B 372 -24.34 5.49 21.27
N SER B 373 -24.59 5.04 20.03
CA SER B 373 -25.55 5.67 19.13
C SER B 373 -25.16 7.11 18.81
N TYR B 374 -23.87 7.32 18.51
CA TYR B 374 -23.39 8.63 18.09
C TYR B 374 -24.04 9.04 16.77
N HIS B 375 -24.43 10.31 16.68
CA HIS B 375 -24.92 10.87 15.43
C HIS B 375 -24.78 12.39 15.50
N HIS B 376 -24.22 12.97 14.43
CA HIS B 376 -23.87 14.39 14.45
C HIS B 376 -25.10 15.28 14.58
N GLN B 377 -26.26 14.81 14.12
CA GLN B 377 -27.50 15.57 14.23
C GLN B 377 -28.45 15.03 15.29
N HIS B 378 -28.53 13.71 15.45
CA HIS B 378 -29.55 13.12 16.30
C HIS B 378 -29.14 13.02 17.77
N ASN B 379 -27.84 13.13 18.07
CA ASN B 379 -27.32 12.89 19.42
C ASN B 379 -26.37 14.01 19.81
N PRO B 380 -26.90 15.17 20.22
CA PRO B 380 -26.01 16.28 20.62
C PRO B 380 -25.20 15.98 21.87
N VAL B 381 -25.70 15.12 22.76
CA VAL B 381 -24.99 14.85 24.02
C VAL B 381 -23.72 14.05 23.74
N GLN B 382 -23.83 12.98 22.96
CA GLN B 382 -22.64 12.20 22.60
C GLN B 382 -21.68 13.02 21.74
N VAL B 383 -22.19 13.96 20.95
CA VAL B 383 -21.31 14.80 20.14
C VAL B 383 -20.43 15.66 21.04
N GLN B 384 -21.01 16.28 22.06
CA GLN B 384 -20.22 17.12 22.96
C GLN B 384 -19.33 16.28 23.87
N LYS B 385 -19.77 15.06 24.21
CA LYS B 385 -18.96 14.19 25.05
C LYS B 385 -17.67 13.78 24.33
N LEU B 386 -17.79 13.31 23.09
CA LEU B 386 -16.60 12.97 22.31
C LEU B 386 -15.68 14.17 22.14
N GLN B 387 -16.26 15.35 21.87
CA GLN B 387 -15.47 16.57 21.73
C GLN B 387 -14.62 16.82 22.96
N LYS B 388 -15.22 16.72 24.15
CA LYS B 388 -14.50 17.04 25.37
C LYS B 388 -13.50 15.93 25.74
N GLU B 389 -13.86 14.68 25.48
CA GLU B 389 -12.93 13.59 25.76
C GLU B 389 -11.74 13.59 24.80
N LEU B 390 -11.96 13.99 23.55
CA LEU B 390 -10.86 14.10 22.60
C LEU B 390 -9.92 15.23 22.99
N GLN B 391 -10.46 16.33 23.51
CA GLN B 391 -9.62 17.43 24.00
C GLN B 391 -8.61 16.93 25.02
N ARG B 392 -9.10 16.17 26.02
CA ARG B 392 -8.22 15.60 27.02
C ARG B 392 -7.27 14.58 26.42
N TYR B 393 -7.77 13.71 25.55
CA TYR B 393 -6.96 12.64 24.97
C TYR B 393 -5.75 13.20 24.22
N LEU B 394 -5.94 14.28 23.46
CA LEU B 394 -4.88 14.78 22.59
C LEU B 394 -3.88 15.69 23.30
N THR B 395 -4.25 16.27 24.45
CA THR B 395 -3.41 17.25 25.10
C THR B 395 -2.78 16.77 26.40
N ARG B 396 -3.24 15.66 26.97
CA ARG B 396 -2.67 15.18 28.23
C ARG B 396 -1.25 14.67 28.01
N LYS B 397 -0.47 14.63 29.09
CA LYS B 397 0.88 14.11 29.00
C LYS B 397 0.85 12.61 28.72
N ILE B 398 1.98 12.10 28.20
CA ILE B 398 2.03 10.72 27.73
C ILE B 398 3.47 10.22 27.88
N GLY B 399 3.59 8.96 28.25
CA GLY B 399 4.88 8.29 28.35
C GLY B 399 4.90 7.06 27.47
N PHE B 400 6.03 6.82 26.83
CA PHE B 400 6.16 5.75 25.85
C PHE B 400 7.06 4.65 26.37
N GLU B 401 6.90 3.47 25.77
CA GLU B 401 7.68 2.25 26.03
C GLU B 401 8.03 2.12 27.51
N ALA B 402 6.98 1.95 28.32
CA ALA B 402 7.09 2.01 29.77
C ALA B 402 6.93 0.62 30.39
N VAL B 403 7.52 0.45 31.57
CA VAL B 403 7.34 -0.74 32.40
C VAL B 403 7.16 -0.29 33.85
N MET B 404 6.42 -1.09 34.60
CA MET B 404 6.19 -0.83 36.01
C MET B 404 6.49 -2.08 36.83
N ARG B 405 7.18 -1.88 37.95
CA ARG B 405 7.39 -2.93 38.94
C ARG B 405 6.78 -2.47 40.26
N ILE B 406 6.19 -3.41 40.99
CA ILE B 406 5.56 -3.13 42.28
C ILE B 406 6.21 -4.05 43.31
N ARG B 407 6.80 -3.46 44.34
CA ARG B 407 7.51 -4.19 45.37
C ARG B 407 6.85 -3.97 46.72
N CYS B 408 6.93 -4.98 47.58
CA CYS B 408 6.44 -4.89 48.94
C CYS B 408 7.38 -5.68 49.85
N THR B 409 7.33 -5.33 51.14
CA THR B 409 8.21 -5.91 52.14
C THR B 409 8.13 -7.43 52.11
N LYS B 410 9.28 -8.08 52.34
CA LYS B 410 9.36 -9.53 52.42
C LYS B 410 8.26 -10.08 53.31
N GLY B 411 7.54 -11.08 52.81
CA GLY B 411 6.40 -11.63 53.51
C GLY B 411 5.10 -11.36 52.78
N LEU B 412 4.99 -10.18 52.18
CA LEU B 412 3.82 -9.83 51.38
C LEU B 412 4.10 -10.15 49.91
N SER B 413 3.09 -10.70 49.23
CA SER B 413 3.23 -11.17 47.86
C SER B 413 2.03 -10.72 47.04
N ILE B 414 2.28 -9.98 45.97
CA ILE B 414 1.26 -9.69 44.98
C ILE B 414 0.96 -10.98 44.21
N HIS B 415 -0.32 -11.33 44.10
CA HIS B 415 -0.72 -12.52 43.37
C HIS B 415 -1.70 -12.28 42.23
N THR B 416 -2.23 -11.06 42.09
CA THR B 416 -3.14 -10.75 41.00
C THR B 416 -3.03 -9.27 40.64
N PHE B 417 -2.96 -9.00 39.34
CA PHE B 417 -2.90 -7.64 38.81
C PHE B 417 -4.20 -7.31 38.09
N HIS B 418 -4.59 -6.04 38.16
CA HIS B 418 -5.80 -5.54 37.51
C HIS B 418 -5.48 -4.24 36.80
N GLY B 419 -5.93 -4.13 35.54
CA GLY B 419 -5.71 -2.94 34.74
C GLY B 419 -5.24 -3.31 33.35
N ASN B 420 -4.99 -2.26 32.56
CA ASN B 420 -4.60 -2.41 31.16
C ASN B 420 -3.08 -2.44 31.07
N PHE B 421 -2.53 -3.64 30.82
CA PHE B 421 -1.09 -3.87 30.68
C PHE B 421 -0.86 -5.31 30.24
N PHE B 422 0.39 -5.72 30.17
CA PHE B 422 0.75 -7.12 29.98
C PHE B 422 1.73 -7.51 31.07
N VAL B 423 1.41 -8.56 31.82
CA VAL B 423 2.25 -9.04 32.91
C VAL B 423 3.34 -9.92 32.31
N ARG B 424 4.57 -9.42 32.27
CA ARG B 424 5.71 -10.21 31.85
C ARG B 424 6.16 -11.13 32.99
N SER B 425 7.18 -11.93 32.73
CA SER B 425 7.69 -12.83 33.75
C SER B 425 8.30 -12.04 34.90
N THR B 426 8.24 -12.61 36.10
CA THR B 426 8.66 -11.97 37.34
C THR B 426 7.91 -10.65 37.56
N ASP B 427 6.66 -10.59 37.10
CA ASP B 427 5.72 -9.54 37.45
C ASP B 427 6.16 -8.16 36.99
N LEU B 428 6.84 -8.09 35.85
CA LEU B 428 7.05 -6.81 35.18
C LEU B 428 5.78 -6.43 34.44
N LEU B 429 5.22 -5.27 34.77
CA LEU B 429 4.05 -4.76 34.08
C LEU B 429 4.51 -4.00 32.84
N SER B 430 4.14 -4.51 31.66
CA SER B 430 4.49 -3.89 30.40
C SER B 430 3.43 -2.87 30.02
N LEU B 431 3.87 -1.64 29.75
CA LEU B 431 2.99 -0.52 29.43
C LEU B 431 3.50 0.18 28.18
N PRO B 432 3.05 -0.26 26.99
CA PRO B 432 3.45 0.44 25.75
C PRO B 432 3.24 1.95 25.81
N ASN B 433 2.09 2.40 26.29
CA ASN B 433 1.87 3.78 26.67
C ASN B 433 1.47 3.83 28.14
N VAL B 434 1.91 4.87 28.83
CA VAL B 434 1.38 5.22 30.13
C VAL B 434 0.70 6.58 30.00
N ASN B 435 -0.50 6.70 30.57
CA ASN B 435 -1.28 7.91 30.46
C ASN B 435 -1.81 8.29 31.83
N PRO B 436 -1.97 9.59 32.09
CA PRO B 436 -2.25 10.07 33.45
C PRO B 436 -3.68 9.87 33.92
N ASP B 437 -4.53 9.18 33.16
CA ASP B 437 -5.91 8.95 33.56
C ASP B 437 -6.20 7.47 33.81
N ALA B 438 -5.17 6.63 33.95
CA ALA B 438 -5.32 5.20 34.09
C ALA B 438 -5.08 4.77 35.54
N GLY B 439 -5.92 3.86 36.01
CA GLY B 439 -5.78 3.34 37.36
C GLY B 439 -5.50 1.85 37.36
N TYR B 440 -4.89 1.36 38.43
CA TYR B 440 -4.54 -0.06 38.55
C TYR B 440 -4.85 -0.54 39.95
N ALA B 441 -4.99 -1.85 40.07
CA ALA B 441 -5.23 -2.48 41.35
C ALA B 441 -4.39 -3.75 41.43
N VAL B 442 -4.11 -4.16 42.66
CA VAL B 442 -3.29 -5.34 42.91
C VAL B 442 -3.83 -6.03 44.15
N GLN B 443 -3.84 -7.35 44.13
CA GLN B 443 -4.28 -8.15 45.27
C GLN B 443 -3.10 -8.91 45.84
N MET B 444 -3.01 -8.93 47.17
CA MET B 444 -1.86 -9.52 47.84
C MET B 444 -2.32 -10.44 48.97
N SER B 445 -1.39 -11.29 49.39
CA SER B 445 -1.57 -12.18 50.52
C SER B 445 -0.29 -12.18 51.34
N VAL B 446 -0.39 -12.68 52.57
CA VAL B 446 0.72 -12.73 53.50
C VAL B 446 1.38 -14.10 53.35
N GLU B 447 2.46 -14.15 52.57
CA GLU B 447 3.14 -15.42 52.32
C GLU B 447 3.90 -15.89 53.55
N GLU B 448 4.49 -14.95 54.30
CA GLU B 448 5.22 -15.26 55.52
C GLU B 448 4.75 -14.34 56.63
N SER B 449 4.59 -14.89 57.83
CA SER B 449 4.07 -14.11 58.95
C SER B 449 4.98 -12.91 59.23
N LEU B 450 4.35 -11.75 59.43
CA LEU B 450 5.07 -10.50 59.70
C LEU B 450 5.38 -10.33 61.18
N THR B 451 5.77 -11.43 61.85
CA THR B 451 6.11 -11.36 63.26
C THR B 451 7.32 -10.47 63.50
N ASP B 452 8.24 -10.42 62.52
CA ASP B 452 9.46 -9.64 62.69
C ASP B 452 9.15 -8.15 62.81
N THR B 453 8.58 -7.57 61.76
CA THR B 453 8.47 -6.12 61.68
C THR B 453 7.17 -5.60 62.28
N GLN B 454 7.10 -4.28 62.37
CA GLN B 454 5.88 -3.57 62.72
C GLN B 454 5.46 -2.58 61.65
N LEU B 455 6.32 -2.29 60.68
CA LEU B 455 5.99 -1.50 59.50
C LEU B 455 6.30 -2.32 58.25
N VAL B 456 5.46 -2.15 57.23
CA VAL B 456 5.70 -2.71 55.91
C VAL B 456 5.61 -1.57 54.90
N SER B 457 6.31 -1.73 53.78
CA SER B 457 6.39 -0.70 52.77
C SER B 457 5.97 -1.27 51.42
N PHE B 458 5.52 -0.37 50.56
CA PHE B 458 5.14 -0.70 49.18
C PHE B 458 5.78 0.32 48.26
N GLN B 459 6.45 -0.16 47.23
CA GLN B 459 7.12 0.72 46.27
C GLN B 459 6.70 0.34 44.86
N SER B 460 6.13 1.29 44.14
CA SER B 460 5.90 1.19 42.71
C SER B 460 6.92 2.05 42.00
N ALA B 461 7.41 1.59 40.85
CA ALA B 461 8.36 2.36 40.09
C ALA B 461 8.01 2.26 38.61
N LEU B 462 7.92 3.40 37.96
CA LEU B 462 7.48 3.52 36.57
C LEU B 462 8.65 4.04 35.75
N LEU B 463 9.17 3.19 34.87
CA LEU B 463 10.22 3.55 33.93
C LEU B 463 9.58 3.81 32.57
N TYR B 464 9.78 4.99 32.03
CA TYR B 464 9.12 5.40 30.81
C TYR B 464 9.97 6.40 30.05
N THR B 465 9.60 6.64 28.80
CA THR B 465 10.23 7.64 27.95
C THR B 465 9.25 8.79 27.77
N SER B 466 9.70 10.00 28.10
CA SER B 466 8.85 11.17 28.01
C SER B 466 8.63 11.56 26.55
N SER B 467 7.68 12.47 26.34
CA SER B 467 7.45 13.01 25.00
C SER B 467 8.59 13.91 24.53
N LYS B 468 9.58 14.19 25.39
CA LYS B 468 10.77 14.92 25.01
C LYS B 468 11.95 14.00 24.71
N GLY B 469 11.83 12.70 24.95
CA GLY B 469 12.92 11.77 24.70
C GLY B 469 13.85 11.51 25.86
N GLU B 470 13.37 11.63 27.10
CA GLU B 470 14.19 11.44 28.28
C GLU B 470 13.68 10.24 29.07
N ARG B 471 14.55 9.27 29.33
CA ARG B 471 14.19 8.16 30.21
C ARG B 471 14.03 8.69 31.63
N ARG B 472 12.83 8.50 32.19
CA ARG B 472 12.54 8.93 33.55
C ARG B 472 11.96 7.78 34.35
N ILE B 473 12.21 7.81 35.67
CA ILE B 473 11.66 6.84 36.59
C ILE B 473 10.86 7.60 37.63
N ARG B 474 9.56 7.31 37.71
CA ARG B 474 8.71 7.84 38.77
C ARG B 474 8.53 6.77 39.83
N VAL B 475 8.81 7.14 41.08
CA VAL B 475 8.76 6.21 42.20
C VAL B 475 7.79 6.75 43.25
N HIS B 476 6.92 5.88 43.75
CA HIS B 476 6.07 6.18 44.89
C HIS B 476 6.34 5.12 45.96
N THR B 477 6.40 5.56 47.22
CA THR B 477 6.64 4.64 48.34
C THR B 477 5.60 4.90 49.43
N LEU B 478 4.99 3.82 49.91
CA LEU B 478 3.96 3.86 50.93
C LEU B 478 4.36 2.99 52.11
N CYS B 479 4.09 3.48 53.32
CA CYS B 479 4.46 2.79 54.56
C CYS B 479 3.24 2.63 55.44
N LEU B 480 3.02 1.41 55.93
CA LEU B 480 1.87 1.05 56.74
C LEU B 480 2.30 0.21 57.92
N PRO B 481 1.52 0.20 58.99
CA PRO B 481 1.86 -0.59 60.17
C PRO B 481 1.19 -1.97 60.18
N VAL B 482 1.79 -2.87 60.96
CA VAL B 482 1.32 -4.24 61.10
C VAL B 482 0.62 -4.36 62.45
N VAL B 483 -0.58 -4.92 62.42
CA VAL B 483 -1.37 -5.19 63.63
C VAL B 483 -1.63 -6.69 63.71
N SER B 484 -2.06 -7.14 64.89
CA SER B 484 -2.17 -8.56 65.20
C SER B 484 -3.52 -8.96 65.77
N THR B 485 -4.52 -8.07 65.75
CA THR B 485 -5.84 -8.41 66.28
C THR B 485 -6.91 -8.10 65.24
N LEU B 486 -8.00 -8.87 65.30
CA LEU B 486 -9.12 -8.68 64.37
C LEU B 486 -9.64 -7.25 64.42
N ASN B 487 -9.76 -6.69 65.62
CA ASN B 487 -10.35 -5.36 65.76
C ASN B 487 -9.49 -4.30 65.08
N ASP B 488 -8.17 -4.37 65.30
CA ASP B 488 -7.29 -3.40 64.67
C ASP B 488 -7.33 -3.49 63.15
N VAL B 489 -7.54 -4.69 62.60
CA VAL B 489 -7.74 -4.82 61.16
C VAL B 489 -8.99 -4.06 60.73
N PHE B 490 -10.06 -4.19 61.50
CA PHE B 490 -11.32 -3.55 61.13
C PHE B 490 -11.23 -2.03 61.27
N LEU B 491 -10.51 -1.55 62.28
CA LEU B 491 -10.43 -0.11 62.52
C LEU B 491 -9.74 0.62 61.38
N GLY B 492 -8.82 -0.04 60.67
CA GLY B 492 -8.11 0.59 59.59
C GLY B 492 -8.70 0.41 58.21
N ALA B 493 -9.89 -0.18 58.11
CA ALA B 493 -10.46 -0.52 56.81
C ALA B 493 -10.83 0.73 56.03
N ASP B 494 -10.43 0.76 54.76
CA ASP B 494 -10.79 1.81 53.82
C ASP B 494 -11.98 1.30 53.00
N VAL B 495 -13.16 1.83 53.27
CA VAL B 495 -14.38 1.27 52.68
C VAL B 495 -14.41 1.45 51.17
N GLN B 496 -13.88 2.58 50.67
CA GLN B 496 -13.94 2.84 49.24
C GLN B 496 -12.94 1.98 48.47
N ALA B 497 -11.73 1.84 49.00
CA ALA B 497 -10.72 1.01 48.33
C ALA B 497 -11.11 -0.46 48.35
N ILE B 498 -11.82 -0.90 49.40
CA ILE B 498 -12.34 -2.27 49.41
C ILE B 498 -13.40 -2.44 48.33
N SER B 499 -14.26 -1.44 48.15
CA SER B 499 -15.26 -1.50 47.09
C SER B 499 -14.62 -1.51 45.72
N GLY B 500 -13.54 -0.75 45.55
CA GLY B 500 -12.84 -0.74 44.27
C GLY B 500 -12.22 -2.08 43.93
N LEU B 501 -11.51 -2.68 44.91
CA LEU B 501 -10.86 -3.95 44.65
C LEU B 501 -11.88 -5.06 44.41
N LEU B 502 -12.97 -5.05 45.18
CA LEU B 502 -14.01 -6.05 44.99
C LEU B 502 -14.61 -5.97 43.60
N ALA B 503 -14.80 -4.75 43.09
CA ALA B 503 -15.33 -4.58 41.74
C ALA B 503 -14.39 -5.17 40.70
N ASN B 504 -13.09 -4.87 40.81
CA ASN B 504 -12.11 -5.50 39.93
C ASN B 504 -12.16 -7.02 40.04
N MET B 505 -12.38 -7.55 41.25
CA MET B 505 -12.43 -9.00 41.42
C MET B 505 -13.71 -9.58 40.84
N ALA B 506 -14.83 -8.87 40.97
CA ALA B 506 -16.09 -9.38 40.43
C ALA B 506 -16.09 -9.38 38.91
N VAL B 507 -15.43 -8.40 38.29
CA VAL B 507 -15.30 -8.38 36.83
C VAL B 507 -14.56 -9.62 36.35
N ASP B 508 -13.45 -9.97 37.02
CA ASP B 508 -12.75 -11.20 36.68
C ASP B 508 -13.60 -12.42 36.94
N ARG B 509 -14.40 -12.39 38.01
CA ARG B 509 -15.28 -13.53 38.30
C ARG B 509 -16.34 -13.71 37.22
N SER B 510 -16.84 -12.60 36.67
CA SER B 510 -17.83 -12.68 35.59
C SER B 510 -17.25 -13.39 34.38
N MET B 511 -16.06 -12.96 33.92
CA MET B 511 -15.44 -13.60 32.76
C MET B 511 -15.03 -15.03 33.06
N THR B 512 -14.64 -15.32 34.29
CA THR B 512 -14.14 -16.64 34.64
C THR B 512 -15.27 -17.62 34.96
N ALA B 513 -16.33 -17.13 35.58
CA ALA B 513 -17.49 -17.94 35.88
C ALA B 513 -18.86 -17.63 35.32
N SER B 514 -19.55 -16.69 35.92
CA SER B 514 -20.75 -16.11 35.34
C SER B 514 -21.08 -14.82 36.08
N LEU B 515 -22.06 -14.09 35.55
CA LEU B 515 -22.51 -12.88 36.23
C LEU B 515 -23.20 -13.20 37.55
N SER B 516 -23.88 -14.35 37.62
CA SER B 516 -24.47 -14.78 38.88
C SER B 516 -23.40 -14.95 39.96
N ASP B 517 -22.34 -15.70 39.64
CA ASP B 517 -21.27 -15.93 40.61
C ASP B 517 -20.64 -14.63 41.08
N ALA B 518 -20.39 -13.70 40.17
CA ALA B 518 -19.81 -12.41 40.56
C ALA B 518 -20.73 -11.65 41.49
N ARG B 519 -22.03 -11.64 41.19
CA ARG B 519 -22.98 -10.96 42.07
C ARG B 519 -23.09 -11.64 43.43
N ASP B 520 -22.93 -12.96 43.48
CA ASP B 520 -22.96 -13.66 44.75
C ASP B 520 -21.73 -13.34 45.59
N ALA B 521 -20.54 -13.43 44.99
CA ALA B 521 -19.31 -13.15 45.71
C ALA B 521 -19.26 -11.74 46.24
N LEU B 522 -19.89 -10.79 45.54
CA LEU B 522 -19.99 -9.43 46.06
C LEU B 522 -20.87 -9.39 47.30
N VAL B 523 -22.05 -10.02 47.25
CA VAL B 523 -22.92 -10.05 48.41
C VAL B 523 -22.25 -10.78 49.56
N ASN B 524 -21.60 -11.91 49.27
CA ASN B 524 -20.96 -12.69 50.32
C ASN B 524 -19.79 -11.96 50.96
N ALA B 525 -19.19 -10.98 50.26
CA ALA B 525 -18.14 -10.19 50.88
C ALA B 525 -18.70 -9.37 52.04
N VAL B 526 -19.90 -8.84 51.89
CA VAL B 526 -20.54 -8.11 52.98
C VAL B 526 -20.95 -9.08 54.09
N ILE B 527 -21.54 -10.21 53.71
CA ILE B 527 -22.03 -11.17 54.70
C ILE B 527 -20.88 -11.68 55.55
N ASP B 528 -19.86 -12.25 54.91
CA ASP B 528 -18.77 -12.89 55.64
C ASP B 528 -18.03 -11.90 56.53
N SER B 529 -17.86 -10.66 56.04
CA SER B 529 -17.11 -9.67 56.82
C SER B 529 -17.87 -9.28 58.09
N LEU B 530 -19.15 -8.92 57.95
CA LEU B 530 -19.92 -8.53 59.12
C LEU B 530 -20.21 -9.71 60.03
N SER B 531 -20.36 -10.92 59.47
CA SER B 531 -20.50 -12.10 60.30
C SER B 531 -19.25 -12.37 61.11
N ALA B 532 -18.08 -12.21 60.49
CA ALA B 532 -16.82 -12.34 61.21
C ALA B 532 -16.73 -11.30 62.32
N TYR B 533 -17.16 -10.08 62.05
CA TYR B 533 -17.15 -9.03 63.06
C TYR B 533 -18.11 -9.34 64.20
N ARG B 534 -19.26 -9.93 63.88
CA ARG B 534 -20.25 -10.24 64.90
C ARG B 534 -19.78 -11.36 65.82
N SER B 535 -19.13 -12.37 65.26
CA SER B 535 -18.62 -13.49 66.06
C SER B 535 -17.41 -13.08 66.88
N SER B 536 -17.24 -11.78 67.11
CA SER B 536 -16.11 -11.28 67.89
C SER B 536 -16.45 -9.96 68.60
N VAL B 537 -17.71 -9.75 68.93
CA VAL B 537 -18.10 -8.62 69.78
C VAL B 537 -19.07 -9.11 70.84
N PRO B 543 -28.84 -7.97 68.33
CA PRO B 543 -30.15 -7.85 67.67
C PRO B 543 -30.05 -7.32 66.25
N GLY B 544 -29.73 -6.03 66.09
CA GLY B 544 -29.65 -5.42 64.79
C GLY B 544 -28.37 -5.77 64.05
N LEU B 545 -28.10 -5.00 62.99
CA LEU B 545 -26.95 -5.24 62.13
C LEU B 545 -25.81 -4.35 62.61
N MET B 546 -24.91 -4.91 63.40
CA MET B 546 -23.83 -4.16 64.03
C MET B 546 -22.58 -4.20 63.13
N VAL B 547 -22.08 -3.01 62.80
CA VAL B 547 -20.87 -2.90 61.98
C VAL B 547 -19.92 -1.91 62.66
N PRO B 548 -18.61 -2.04 62.48
CA PRO B 548 -17.70 -1.00 62.97
C PRO B 548 -17.88 0.27 62.18
N PHE B 549 -17.43 1.38 62.79
CA PHE B 549 -17.64 2.70 62.19
C PHE B 549 -17.05 2.79 60.79
N SER B 550 -15.91 2.15 60.57
CA SER B 550 -15.23 2.24 59.29
C SER B 550 -15.90 1.44 58.18
N LEU B 551 -16.86 0.57 58.51
CA LEU B 551 -17.59 -0.21 57.51
C LEU B 551 -19.07 0.15 57.44
N ARG B 552 -19.48 1.28 58.03
CA ARG B 552 -20.89 1.66 58.04
C ARG B 552 -21.43 1.99 56.65
N LEU B 553 -20.57 2.15 55.66
CA LEU B 553 -20.98 2.38 54.28
C LEU B 553 -20.70 1.18 53.39
N PHE B 554 -20.27 0.06 53.98
CA PHE B 554 -19.91 -1.11 53.18
C PHE B 554 -21.10 -1.72 52.45
N PRO B 555 -22.24 -2.01 53.11
CA PRO B 555 -23.38 -2.54 52.34
C PRO B 555 -23.94 -1.54 51.34
N LEU B 556 -23.83 -0.23 51.63
CA LEU B 556 -24.34 0.77 50.71
C LEU B 556 -23.57 0.77 49.40
N PHE B 557 -22.24 0.84 49.49
CA PHE B 557 -21.42 0.86 48.27
C PHE B 557 -21.50 -0.46 47.51
N VAL B 558 -21.65 -1.58 48.22
CA VAL B 558 -21.78 -2.87 47.54
C VAL B 558 -23.13 -2.96 46.84
N LEU B 559 -24.20 -2.50 47.48
CA LEU B 559 -25.48 -2.41 46.80
C LEU B 559 -25.40 -1.49 45.59
N ALA B 560 -24.68 -0.37 45.73
CA ALA B 560 -24.46 0.51 44.58
C ALA B 560 -23.69 -0.20 43.48
N LEU B 561 -22.75 -1.07 43.84
CA LEU B 561 -22.04 -1.88 42.86
C LEU B 561 -23.02 -2.78 42.10
N LEU B 562 -23.97 -3.38 42.81
CA LEU B 562 -24.88 -4.37 42.22
C LEU B 562 -25.95 -3.76 41.34
N LYS B 563 -26.22 -2.46 41.47
CA LYS B 563 -27.17 -1.77 40.60
C LYS B 563 -26.49 -1.01 39.47
N GLN B 564 -25.17 -1.00 39.44
CA GLN B 564 -24.40 -0.34 38.40
C GLN B 564 -24.48 -1.14 37.10
N LYS B 565 -24.17 -0.47 35.98
CA LYS B 565 -24.32 -1.07 34.66
C LYS B 565 -23.42 -2.30 34.48
N SER B 566 -22.41 -2.49 35.32
CA SER B 566 -21.54 -3.65 35.19
C SER B 566 -22.22 -4.92 35.68
N PHE B 567 -22.99 -4.83 36.77
CA PHE B 567 -23.52 -6.00 37.44
C PHE B 567 -25.03 -6.05 37.55
N GLN B 568 -25.74 -4.99 37.14
CA GLN B 568 -27.20 -4.99 37.24
C GLN B 568 -27.81 -6.15 36.45
N THR B 569 -29.00 -6.58 36.86
CA THR B 569 -29.62 -7.78 36.32
C THR B 569 -30.87 -7.49 35.51
N GLY B 570 -32.00 -7.26 36.19
CA GLY B 570 -33.28 -7.19 35.53
C GLY B 570 -33.53 -5.92 34.75
N THR B 571 -32.45 -5.28 34.30
CA THR B 571 -32.55 -4.06 33.52
C THR B 571 -32.56 -4.40 32.03
N ASN B 572 -32.72 -3.37 31.20
CA ASN B 572 -32.76 -3.51 29.76
C ASN B 572 -31.41 -3.21 29.11
N ALA B 573 -30.32 -3.43 29.83
CA ALA B 573 -29.01 -3.02 29.38
C ALA B 573 -28.51 -3.88 28.23
N ARG B 574 -27.88 -3.23 27.25
CA ARG B 574 -27.33 -3.90 26.09
C ARG B 574 -25.92 -4.41 26.38
N LEU B 575 -25.49 -5.38 25.56
CA LEU B 575 -24.24 -6.09 25.82
C LEU B 575 -23.06 -5.14 25.93
N ASP B 576 -22.88 -4.27 24.93
CA ASP B 576 -21.70 -3.40 24.90
C ASP B 576 -21.71 -2.39 26.04
N GLU B 577 -22.88 -2.05 26.57
CA GLU B 577 -22.95 -1.17 27.73
C GLU B 577 -22.32 -1.83 28.95
N ARG B 578 -22.71 -3.07 29.23
CA ARG B 578 -22.17 -3.79 30.38
C ARG B 578 -20.66 -3.99 30.26
N ILE B 579 -20.19 -4.35 29.07
CA ILE B 579 -18.76 -4.57 28.87
C ILE B 579 -17.99 -3.29 29.12
N PHE B 580 -18.47 -2.17 28.58
CA PHE B 580 -17.77 -0.91 28.75
C PHE B 580 -17.78 -0.44 30.20
N ALA B 581 -18.85 -0.75 30.94
CA ALA B 581 -18.88 -0.42 32.36
C ALA B 581 -17.81 -1.22 33.11
N MET B 582 -17.54 -2.45 32.68
CA MET B 582 -16.50 -3.25 33.31
C MET B 582 -15.11 -2.73 32.93
N CYS B 583 -14.93 -2.35 31.66
CA CYS B 583 -13.65 -1.80 31.24
C CYS B 583 -13.29 -0.55 32.02
N GLN B 584 -14.29 0.22 32.45
CA GLN B 584 -14.03 1.39 33.28
C GLN B 584 -13.57 0.98 34.68
N VAL B 585 -14.21 -0.04 35.26
CA VAL B 585 -13.79 -0.54 36.56
C VAL B 585 -12.33 -0.96 36.53
N LYS B 586 -11.92 -1.66 35.47
CA LYS B 586 -10.54 -2.15 35.40
C LYS B 586 -9.54 -1.02 35.17
N ASN B 587 -9.95 0.05 34.49
CA ASN B 587 -8.99 1.05 34.01
C ASN B 587 -9.04 2.36 34.78
N GLN B 588 -10.15 2.67 35.45
CA GLN B 588 -10.29 4.00 36.04
C GLN B 588 -9.68 4.05 37.43
N PRO B 589 -9.18 5.22 37.85
CA PRO B 589 -8.76 5.39 39.24
C PRO B 589 -9.93 5.26 40.20
N LEU B 590 -9.59 5.07 41.48
CA LEU B 590 -10.60 4.78 42.50
C LEU B 590 -11.65 5.88 42.58
N VAL B 591 -11.23 7.14 42.46
CA VAL B 591 -12.13 8.25 42.74
C VAL B 591 -13.29 8.27 41.75
N TYR B 592 -12.99 8.13 40.46
CA TYR B 592 -14.04 8.19 39.44
C TYR B 592 -14.86 6.92 39.38
N LEU B 593 -14.36 5.82 39.94
CA LEU B 593 -15.21 4.65 40.16
C LEU B 593 -16.22 4.90 41.26
N MET B 594 -15.83 5.64 42.30
CA MET B 594 -16.76 5.97 43.38
C MET B 594 -17.78 7.00 42.92
N LEU B 595 -17.34 8.00 42.16
CA LEU B 595 -18.29 9.00 41.64
C LEU B 595 -19.29 8.37 40.68
N THR B 596 -18.88 7.34 39.94
CA THR B 596 -19.77 6.67 39.00
C THR B 596 -20.73 5.74 39.73
N THR B 597 -20.20 4.88 40.61
CA THR B 597 -21.04 3.89 41.28
C THR B 597 -22.03 4.56 42.22
N HIS B 598 -21.61 5.62 42.90
CA HIS B 598 -22.44 6.31 43.90
C HIS B 598 -22.32 7.81 43.66
N PRO B 599 -23.08 8.34 42.71
CA PRO B 599 -22.98 9.77 42.39
C PRO B 599 -23.32 10.66 43.58
N SER B 600 -22.79 11.88 43.55
CA SER B 600 -23.05 12.87 44.59
C SER B 600 -24.29 13.68 44.22
N LEU B 601 -25.22 13.80 45.16
CA LEU B 601 -26.50 14.46 44.93
C LEU B 601 -26.59 15.69 45.82
N TYR B 602 -26.71 16.86 45.20
CA TYR B 602 -26.86 18.13 45.91
C TYR B 602 -28.16 18.80 45.51
N ARG B 603 -28.77 19.49 46.46
CA ARG B 603 -29.83 20.45 46.15
C ARG B 603 -29.19 21.77 45.77
N VAL B 604 -29.65 22.37 44.67
CA VAL B 604 -28.98 23.52 44.10
C VAL B 604 -29.92 24.69 43.80
N ASP B 605 -31.20 24.57 44.11
CA ASP B 605 -32.09 25.70 43.87
C ASP B 605 -32.02 26.75 44.99
N ASN B 606 -31.25 26.50 46.04
CA ASN B 606 -31.23 27.37 47.23
C ASN B 606 -29.83 27.49 47.81
N LEU B 607 -28.83 27.65 46.95
CA LEU B 607 -27.45 27.76 47.40
C LEU B 607 -27.22 29.08 48.13
N SER B 608 -26.22 29.10 49.00
CA SER B 608 -25.99 30.26 49.84
C SER B 608 -24.55 30.17 50.36
N ASP B 609 -24.28 30.81 51.50
CA ASP B 609 -22.99 31.36 51.89
C ASP B 609 -22.31 30.62 53.05
N GLU B 610 -22.48 29.31 53.14
CA GLU B 610 -21.64 28.50 54.01
C GLU B 610 -20.46 27.91 53.25
N GLY B 611 -20.16 28.51 52.14
CA GLY B 611 -19.19 28.00 51.24
C GLY B 611 -17.77 28.26 51.50
N ALA B 612 -16.98 27.89 50.52
CA ALA B 612 -15.59 28.09 50.57
C ALA B 612 -15.41 29.45 50.01
N LEU B 613 -15.40 30.47 50.84
CA LEU B 613 -15.24 31.84 50.35
C LEU B 613 -13.75 32.18 50.27
N ASN B 614 -12.94 31.19 50.63
CA ASN B 614 -11.49 31.29 50.69
C ASN B 614 -10.73 31.62 49.40
N ILE B 615 -11.20 31.11 48.27
CA ILE B 615 -10.48 31.31 47.02
C ILE B 615 -10.72 32.67 46.38
N SER B 616 -10.09 33.68 46.98
CA SER B 616 -10.15 35.06 46.51
C SER B 616 -11.55 35.65 46.36
N ASP B 617 -11.77 36.25 45.21
CA ASP B 617 -12.99 36.89 44.86
C ASP B 617 -14.18 36.02 44.62
N ARG B 618 -14.04 34.73 44.74
CA ARG B 618 -15.12 33.78 44.51
C ARG B 618 -15.59 33.21 45.84
N THR B 619 -16.86 33.00 45.90
CA THR B 619 -17.48 32.41 47.04
C THR B 619 -18.16 31.22 46.45
N ILE B 620 -17.81 30.04 46.88
CA ILE B 620 -18.38 28.86 46.31
C ILE B 620 -19.31 28.18 47.25
N PRO B 621 -20.58 28.03 46.88
CA PRO B 621 -21.38 27.37 47.92
C PRO B 621 -20.96 25.92 48.13
N GLN B 622 -21.36 25.38 49.28
CA GLN B 622 -21.01 24.02 49.68
C GLN B 622 -22.26 23.32 50.20
N PRO B 623 -23.21 22.99 49.32
CA PRO B 623 -24.42 22.31 49.77
C PRO B 623 -24.10 20.92 50.29
N PRO B 624 -24.90 20.40 51.22
CA PRO B 624 -24.64 19.06 51.75
C PRO B 624 -24.94 17.97 50.73
N ILE B 625 -24.19 16.88 50.84
CA ILE B 625 -24.41 15.71 49.99
C ILE B 625 -25.64 14.96 50.47
N LEU B 626 -26.55 14.67 49.56
CA LEU B 626 -27.75 13.90 49.86
C LEU B 626 -27.55 12.44 49.49
N GLN B 627 -28.33 11.58 50.13
CA GLN B 627 -28.28 10.16 49.82
C GLN B 627 -29.16 9.86 48.61
N LEU B 628 -28.77 8.84 47.85
CA LEU B 628 -29.32 8.60 46.52
C LEU B 628 -30.68 7.91 46.61
N SER B 629 -31.67 8.67 47.06
CA SER B 629 -33.05 8.21 47.13
C SER B 629 -33.98 9.26 46.54
N VAL B 630 -35.06 8.78 45.91
CA VAL B 630 -36.10 9.68 45.43
C VAL B 630 -36.84 10.35 46.58
N GLU B 631 -36.81 9.74 47.78
CA GLU B 631 -37.35 10.39 48.97
C GLU B 631 -36.62 11.70 49.30
N LYS B 632 -35.37 11.85 48.87
CA LYS B 632 -34.60 13.07 49.10
C LYS B 632 -34.85 14.14 48.06
N LEU B 633 -35.53 13.83 46.96
CA LEU B 633 -35.84 14.81 45.94
C LEU B 633 -36.98 15.71 46.43
N SER B 634 -37.48 16.55 45.53
CA SER B 634 -38.63 17.42 45.81
C SER B 634 -39.12 18.03 44.51
N ARG B 635 -40.41 17.92 44.23
CA ARG B 635 -40.98 18.57 43.06
C ARG B 635 -40.89 20.10 43.14
N ASP B 636 -40.50 20.65 44.29
CA ASP B 636 -40.41 22.09 44.48
C ASP B 636 -39.04 22.66 44.15
N GLY B 637 -38.00 21.83 44.09
CA GLY B 637 -36.66 22.34 43.89
C GLY B 637 -35.92 21.76 42.70
N ALA B 638 -34.61 22.03 42.63
CA ALA B 638 -33.75 21.52 41.59
C ALA B 638 -32.56 20.82 42.23
N PHE B 639 -32.06 19.77 41.57
CA PHE B 639 -31.05 18.91 42.15
C PHE B 639 -29.98 18.57 41.13
N LEU B 640 -28.73 18.81 41.49
CA LEU B 640 -27.58 18.48 40.67
C LEU B 640 -27.01 17.14 41.12
N MET B 641 -26.76 16.26 40.16
CA MET B 641 -26.14 14.95 40.41
C MET B 641 -24.79 14.92 39.73
N ASP B 642 -23.74 14.81 40.54
CA ASP B 642 -22.37 14.66 40.04
C ASP B 642 -22.06 13.18 39.90
N ALA B 643 -21.95 12.71 38.66
CA ALA B 643 -21.61 11.32 38.37
C ALA B 643 -20.20 11.18 37.80
N GLY B 644 -19.34 12.14 38.09
CA GLY B 644 -17.95 12.07 37.67
C GLY B 644 -17.72 12.58 36.26
N SER B 645 -18.19 11.82 35.27
CA SER B 645 -18.00 12.20 33.87
C SER B 645 -19.11 13.08 33.33
N VAL B 646 -20.23 13.18 34.05
CA VAL B 646 -21.37 13.97 33.59
C VAL B 646 -22.08 14.54 34.82
N LEU B 647 -22.75 15.67 34.61
CA LEU B 647 -23.51 16.35 35.65
C LEU B 647 -24.93 16.53 35.15
N MET B 648 -25.90 15.99 35.89
CA MET B 648 -27.31 16.07 35.55
C MET B 648 -28.02 16.99 36.52
N LEU B 649 -28.76 17.96 35.98
CA LEU B 649 -29.51 18.94 36.75
C LEU B 649 -31.00 18.66 36.56
N TRP B 650 -31.63 18.10 37.59
CA TRP B 650 -33.04 17.74 37.54
C TRP B 650 -33.87 18.90 38.08
N VAL B 651 -34.81 19.39 37.29
CA VAL B 651 -35.71 20.46 37.68
C VAL B 651 -37.07 19.86 37.99
N GLY B 652 -37.59 20.15 39.18
CA GLY B 652 -38.90 19.68 39.55
C GLY B 652 -39.98 20.38 38.75
N LYS B 653 -41.12 19.68 38.59
CA LYS B 653 -42.23 20.25 37.84
C LYS B 653 -42.80 21.50 38.52
N ASN B 654 -42.77 21.53 39.85
CA ASN B 654 -43.29 22.66 40.63
C ASN B 654 -42.16 23.57 41.11
N CYS B 655 -41.16 23.80 40.27
CA CYS B 655 -40.01 24.58 40.70
C CYS B 655 -40.37 26.06 40.76
N THR B 656 -39.68 26.77 41.67
CA THR B 656 -39.94 28.18 41.89
C THR B 656 -39.73 29.00 40.61
N GLN B 657 -40.41 30.15 40.52
CA GLN B 657 -40.22 31.04 39.39
C GLN B 657 -38.90 31.79 39.46
N ASN B 658 -38.33 31.96 40.66
CA ASN B 658 -37.01 32.58 40.75
C ASN B 658 -35.96 31.71 40.08
N PHE B 659 -35.97 30.41 40.35
CA PHE B 659 -34.96 29.53 39.74
C PHE B 659 -35.13 29.43 38.24
N LEU B 660 -36.37 29.52 37.74
CA LEU B 660 -36.59 29.39 36.30
C LEU B 660 -36.06 30.60 35.54
N SER B 661 -36.40 31.80 36.00
CA SER B 661 -36.02 33.01 35.27
C SER B 661 -34.59 33.42 35.57
N GLN B 662 -34.14 33.29 36.83
CA GLN B 662 -32.86 33.83 37.23
C GLN B 662 -31.69 32.88 37.01
N VAL B 663 -31.94 31.59 36.85
CA VAL B 663 -30.89 30.60 36.62
C VAL B 663 -31.00 29.97 35.23
N LEU B 664 -32.18 29.50 34.86
CA LEU B 664 -32.37 28.83 33.58
C LEU B 664 -32.61 29.80 32.42
N GLY B 665 -33.16 30.97 32.69
CA GLY B 665 -33.50 31.89 31.62
C GLY B 665 -34.79 31.55 30.90
N VAL B 666 -35.80 31.10 31.64
CA VAL B 666 -37.05 30.61 31.09
C VAL B 666 -38.20 31.06 31.98
N GLN B 667 -39.34 31.35 31.38
CA GLN B 667 -40.47 31.93 32.11
C GLN B 667 -41.38 30.88 32.75
N ASN B 668 -41.24 29.60 32.42
CA ASN B 668 -42.05 28.56 33.02
C ASN B 668 -41.47 27.19 32.67
N TYR B 669 -41.90 26.19 33.44
CA TYR B 669 -41.38 24.84 33.29
C TYR B 669 -41.51 24.32 31.86
N ALA B 670 -42.56 24.75 31.15
CA ALA B 670 -42.86 24.17 29.84
C ALA B 670 -41.91 24.66 28.75
N SER B 671 -41.25 25.80 28.94
CA SER B 671 -40.36 26.35 27.93
C SER B 671 -38.89 26.06 28.22
N ILE B 672 -38.61 25.01 28.97
CA ILE B 672 -37.24 24.55 29.18
C ILE B 672 -36.87 23.67 28.00
N PRO B 673 -35.92 24.10 27.15
CA PRO B 673 -35.64 23.35 25.91
C PRO B 673 -35.29 21.89 26.19
N GLN B 674 -35.68 21.01 25.26
CA GLN B 674 -35.61 19.58 25.52
C GLN B 674 -34.17 19.13 25.76
N PRO B 675 -33.25 19.15 24.77
CA PRO B 675 -31.83 19.07 25.13
C PRO B 675 -31.32 20.44 25.52
N MET B 676 -30.93 20.60 26.78
CA MET B 676 -30.28 21.81 27.27
C MET B 676 -28.84 21.43 27.61
N THR B 677 -27.91 21.80 26.73
CA THR B 677 -26.54 21.33 26.82
C THR B 677 -25.72 22.06 27.88
N ASP B 678 -26.22 23.15 28.45
CA ASP B 678 -25.55 23.84 29.54
C ASP B 678 -26.43 24.97 30.02
N LEU B 679 -26.03 25.56 31.16
CA LEU B 679 -26.72 26.71 31.73
C LEU B 679 -26.27 27.99 31.05
N PRO B 680 -27.16 28.96 30.86
CA PRO B 680 -26.73 30.29 30.45
C PRO B 680 -25.97 30.96 31.59
N GLU B 681 -25.29 32.04 31.25
CA GLU B 681 -24.60 32.85 32.26
C GLU B 681 -25.32 34.19 32.30
N LEU B 682 -26.30 34.29 33.19
CA LEU B 682 -27.15 35.47 33.33
C LEU B 682 -26.57 36.41 34.37
N ASP B 683 -27.06 37.65 34.33
CA ASP B 683 -26.58 38.70 35.24
C ASP B 683 -27.43 38.73 36.52
N THR B 684 -27.47 37.58 37.19
CA THR B 684 -28.17 37.42 38.46
C THR B 684 -27.25 36.75 39.47
N PRO B 685 -27.42 37.06 40.76
CA PRO B 685 -26.54 36.42 41.76
C PRO B 685 -26.81 34.94 41.93
N GLU B 686 -28.08 34.52 41.82
CA GLU B 686 -28.38 33.10 41.83
C GLU B 686 -27.64 32.37 40.72
N SER B 687 -27.56 32.99 39.54
CA SER B 687 -26.79 32.40 38.45
C SER B 687 -25.31 32.30 38.83
N ALA B 688 -24.76 33.38 39.40
CA ALA B 688 -23.34 33.37 39.77
C ALA B 688 -23.02 32.26 40.76
N ARG B 689 -23.94 31.97 41.67
CA ARG B 689 -23.70 30.94 42.67
C ARG B 689 -23.62 29.56 42.03
N ILE B 690 -24.61 29.21 41.20
CA ILE B 690 -24.63 27.87 40.63
C ILE B 690 -23.51 27.69 39.61
N ILE B 691 -23.16 28.75 38.88
CA ILE B 691 -22.04 28.67 37.96
C ILE B 691 -20.74 28.49 38.72
N ALA B 692 -20.62 29.11 39.89
CA ALA B 692 -19.43 28.92 40.71
C ALA B 692 -19.37 27.51 41.29
N PHE B 693 -20.51 27.00 41.76
CA PHE B 693 -20.54 25.64 42.30
C PHE B 693 -20.21 24.61 41.23
N ILE B 694 -20.74 24.80 40.02
CA ILE B 694 -20.42 23.88 38.93
C ILE B 694 -18.97 24.07 38.49
N SER B 695 -18.51 25.32 38.38
CA SER B 695 -17.11 25.59 38.08
C SER B 695 -16.19 24.85 39.03
N TRP B 696 -16.49 24.93 40.33
CA TRP B 696 -15.61 24.31 41.33
C TRP B 696 -15.64 22.80 41.24
N LEU B 697 -16.72 22.22 40.71
CA LEU B 697 -16.81 20.76 40.62
C LEU B 697 -15.91 20.22 39.51
N ARG B 698 -15.94 20.83 38.33
CA ARG B 698 -15.13 20.35 37.22
C ARG B 698 -13.67 20.73 37.34
N GLU B 699 -13.34 21.75 38.15
CA GLU B 699 -11.94 22.04 38.43
C GLU B 699 -11.28 20.98 39.29
N GLN B 700 -12.06 20.06 39.87
CA GLN B 700 -11.54 18.96 40.67
C GLN B 700 -11.09 17.78 39.81
N ARG B 701 -10.95 17.95 38.51
CA ARG B 701 -10.72 16.82 37.60
C ARG B 701 -10.27 17.35 36.24
N PRO B 702 -9.56 16.54 35.45
CA PRO B 702 -9.17 16.95 34.09
C PRO B 702 -10.18 16.62 32.99
N PHE B 703 -10.98 15.57 33.15
CA PHE B 703 -11.95 15.19 32.10
C PHE B 703 -13.19 16.05 32.27
N PHE B 704 -13.25 17.17 31.52
CA PHE B 704 -14.34 18.15 31.57
C PHE B 704 -15.70 17.46 31.49
N PRO B 705 -16.47 17.44 32.58
CA PRO B 705 -17.77 16.75 32.56
C PRO B 705 -18.88 17.66 32.02
N ILE B 706 -19.64 17.13 31.07
CA ILE B 706 -20.75 17.87 30.49
C ILE B 706 -21.90 17.94 31.47
N LEU B 707 -22.55 19.10 31.52
CA LEU B 707 -23.78 19.29 32.27
C LEU B 707 -24.94 19.35 31.29
N TYR B 708 -25.99 18.58 31.55
CA TYR B 708 -27.24 18.78 30.83
C TYR B 708 -28.41 18.82 31.80
N VAL B 709 -29.13 19.92 31.70
CA VAL B 709 -30.24 20.31 32.53
C VAL B 709 -31.51 19.77 32.04
N ILE B 710 -31.45 18.96 31.00
CA ILE B 710 -32.67 18.41 30.41
C ILE B 710 -33.46 17.42 31.25
N ALA B 711 -32.88 16.91 32.34
CA ALA B 711 -33.53 15.92 33.02
C ALA B 711 -34.68 16.73 33.59
N ASP B 712 -35.79 16.62 32.89
CA ASP B 712 -37.09 17.01 33.36
C ASP B 712 -37.78 15.72 33.73
N GLU B 713 -39.07 15.78 34.00
CA GLU B 713 -39.75 14.52 34.22
C GLU B 713 -40.27 13.96 32.91
N SER B 714 -40.20 14.70 31.83
CA SER B 714 -40.71 14.21 30.59
C SER B 714 -39.82 13.99 29.35
N PRO B 715 -38.51 14.10 29.46
CA PRO B 715 -37.71 13.95 28.27
C PRO B 715 -37.24 12.56 28.06
N MET B 716 -37.58 11.67 28.98
CA MET B 716 -37.21 10.26 28.83
C MET B 716 -35.71 10.06 28.97
N LYS B 717 -35.04 11.13 29.39
CA LYS B 717 -33.59 11.11 29.60
C LYS B 717 -33.29 10.99 31.09
N ALA B 718 -34.32 10.73 31.88
CA ALA B 718 -34.13 10.65 33.31
C ALA B 718 -33.63 9.30 33.78
N ASN B 719 -32.44 8.94 33.30
CA ASN B 719 -31.80 7.76 33.76
C ASN B 719 -31.24 8.26 35.09
N PHE B 720 -31.30 9.58 35.29
CA PHE B 720 -31.15 10.18 36.61
C PHE B 720 -31.63 9.23 37.71
N LEU B 721 -32.76 8.55 37.46
CA LEU B 721 -33.35 7.65 38.43
C LEU B 721 -32.65 6.30 38.49
N GLN B 722 -31.97 5.87 37.41
CA GLN B 722 -31.18 4.64 37.49
C GLN B 722 -30.06 4.75 38.52
N ASN B 723 -29.78 5.95 39.05
CA ASN B 723 -28.73 6.16 40.03
C ASN B 723 -29.25 6.27 41.45
N MET B 724 -30.57 6.34 41.65
CA MET B 724 -31.14 6.35 43.00
C MET B 724 -31.08 4.92 43.54
N ILE B 725 -29.87 4.52 43.93
CA ILE B 725 -29.60 3.12 44.26
C ILE B 725 -30.22 2.66 45.56
N GLU B 726 -30.73 3.58 46.38
CA GLU B 726 -31.35 3.18 47.64
C GLU B 726 -32.79 2.71 47.47
N ASP B 727 -33.45 3.09 46.39
CA ASP B 727 -34.84 2.74 46.17
C ASP B 727 -34.96 1.38 45.51
N ARG B 728 -36.07 0.70 45.82
CA ARG B 728 -36.35 -0.57 45.17
C ARG B 728 -36.79 -0.34 43.72
N THR B 729 -36.54 -1.35 42.90
CA THR B 729 -37.09 -1.41 41.54
C THR B 729 -37.76 -2.76 41.38
N GLU B 730 -38.39 -2.97 40.22
CA GLU B 730 -39.09 -4.22 40.00
C GLU B 730 -38.15 -5.42 39.97
N SER B 731 -36.84 -5.21 39.84
CA SER B 731 -35.88 -6.30 39.70
C SER B 731 -34.69 -6.19 40.65
N ALA B 732 -34.77 -5.34 41.68
CA ALA B 732 -33.67 -5.20 42.62
C ALA B 732 -34.20 -4.62 43.93
N LEU B 733 -33.54 -4.98 45.02
CA LEU B 733 -33.97 -4.59 46.35
C LEU B 733 -33.69 -3.11 46.58
N SER B 734 -34.33 -2.57 47.63
CA SER B 734 -33.99 -1.26 48.14
C SER B 734 -32.84 -1.38 49.13
N TYR B 735 -32.32 -0.24 49.58
CA TYR B 735 -31.26 -0.26 50.58
C TYR B 735 -31.74 -0.91 51.87
N TYR B 736 -33.00 -0.67 52.23
CA TYR B 736 -33.53 -1.25 53.47
C TYR B 736 -33.72 -2.75 53.34
N GLU B 737 -34.33 -3.20 52.24
CA GLU B 737 -34.43 -4.62 51.96
C GLU B 737 -33.07 -5.29 52.02
N PHE B 738 -32.06 -4.62 51.46
CA PHE B 738 -30.71 -5.19 51.42
C PHE B 738 -30.17 -5.42 52.84
N LEU B 739 -30.25 -4.40 53.69
CA LEU B 739 -29.83 -4.58 55.08
C LEU B 739 -30.59 -5.71 55.75
N LEU B 740 -31.89 -5.83 55.45
CA LEU B 740 -32.69 -6.91 56.01
C LEU B 740 -32.18 -8.27 55.55
N HIS B 741 -31.75 -8.36 54.29
CA HIS B 741 -31.24 -9.64 53.78
C HIS B 741 -29.87 -9.96 54.37
N ILE B 742 -29.01 -8.94 54.53
CA ILE B 742 -27.71 -9.16 55.15
C ILE B 742 -27.90 -9.71 56.56
N GLN B 743 -28.76 -9.06 57.34
CA GLN B 743 -28.94 -9.45 58.74
C GLN B 743 -29.43 -10.89 58.86
N GLN B 744 -30.37 -11.30 58.03
CA GLN B 744 -30.84 -12.68 58.05
C GLN B 744 -29.71 -13.65 57.79
N GLN B 745 -28.77 -13.28 56.92
CA GLN B 745 -27.62 -14.14 56.64
C GLN B 745 -26.56 -14.06 57.73
N VAL B 746 -26.41 -12.90 58.38
CA VAL B 746 -25.32 -12.71 59.34
C VAL B 746 -25.50 -13.64 60.54
N ASN B 747 -26.69 -13.63 61.14
CA ASN B 747 -26.97 -14.48 62.30
C ASN B 747 -27.82 -15.70 61.92
N LYS B 748 -27.54 -16.31 60.77
CA LYS B 748 -28.20 -17.54 60.39
C LYS B 748 -27.75 -18.66 61.32
N MET C 1 24.64 -3.57 3.45
CA MET C 1 24.66 -2.14 3.27
C MET C 1 23.48 -1.48 3.93
N VAL C 2 23.43 -1.52 5.25
CA VAL C 2 22.34 -0.85 5.92
C VAL C 2 22.65 0.13 7.05
N LEU C 3 22.12 -0.09 8.24
CA LEU C 3 22.32 0.92 9.26
C LEU C 3 22.36 0.53 10.72
N LEU C 4 22.92 1.50 11.46
CA LEU C 4 23.15 1.63 12.92
C LEU C 4 24.14 2.76 13.12
N THR C 5 23.70 3.93 13.47
CA THR C 5 24.56 5.09 13.72
C THR C 5 24.46 5.52 15.18
N MET C 6 25.61 5.79 15.78
CA MET C 6 25.67 6.24 17.17
C MET C 6 26.76 7.29 17.34
N ILE C 7 26.45 8.32 18.12
CA ILE C 7 27.37 9.41 18.43
C ILE C 7 27.56 9.44 19.94
N ALA C 8 28.80 9.25 20.40
CA ALA C 8 29.06 9.10 21.82
C ALA C 8 30.29 9.88 22.24
N ARG C 9 30.28 10.35 23.48
CA ARG C 9 31.42 11.03 24.08
C ARG C 9 32.44 10.00 24.53
N VAL C 10 33.67 10.14 24.05
CA VAL C 10 34.67 9.07 24.18
C VAL C 10 34.99 8.79 25.64
N ALA C 11 35.10 9.84 26.45
CA ALA C 11 35.59 9.74 27.83
C ALA C 11 34.86 8.66 28.63
N ASP C 12 33.58 8.87 28.89
CA ASP C 12 32.78 7.95 29.68
C ASP C 12 31.88 7.06 28.84
N GLY C 13 31.90 7.20 27.51
CA GLY C 13 30.99 6.45 26.67
C GLY C 13 29.56 6.93 26.72
N LEU C 14 29.34 8.18 27.09
CA LEU C 14 27.98 8.69 27.20
C LEU C 14 27.35 8.80 25.82
N PRO C 15 26.19 8.18 25.59
CA PRO C 15 25.52 8.35 24.30
C PRO C 15 25.00 9.77 24.12
N LEU C 16 25.16 10.29 22.91
CA LEU C 16 24.73 11.65 22.57
C LEU C 16 23.59 11.67 21.56
N ALA C 17 23.68 10.87 20.49
CA ALA C 17 22.64 10.81 19.48
C ALA C 17 22.79 9.51 18.70
N ALA C 18 21.66 8.91 18.33
CA ALA C 18 21.65 7.65 17.60
C ALA C 18 20.41 7.57 16.72
N SER C 19 20.37 6.54 15.87
CA SER C 19 19.25 6.34 14.96
C SER C 19 19.30 4.91 14.43
N MET C 20 18.17 4.19 14.54
CA MET C 20 18.09 2.79 14.15
C MET C 20 16.68 2.50 13.65
N GLN C 21 16.57 1.67 12.61
CA GLN C 21 15.28 1.30 12.02
C GLN C 21 15.34 -0.16 11.60
N GLU C 22 14.37 -0.96 12.06
CA GLU C 22 14.36 -2.38 11.73
C GLU C 22 13.46 -2.71 10.54
N ASP C 23 12.14 -2.69 10.75
CA ASP C 23 11.20 -3.07 9.71
C ASP C 23 11.06 -1.98 8.65
N ASP C 29 20.08 -9.38 15.13
CA ASP C 29 19.15 -8.28 15.34
C ASP C 29 19.85 -7.06 15.91
N LEU C 30 19.07 -6.05 16.30
CA LEU C 30 19.63 -4.81 16.82
C LEU C 30 20.30 -4.99 18.17
N GLN C 31 19.95 -6.05 18.91
CA GLN C 31 20.41 -6.15 20.30
C GLN C 31 21.87 -6.55 20.39
N GLN C 32 22.34 -7.42 19.50
CA GLN C 32 23.71 -7.91 19.61
C GLN C 32 24.71 -6.85 19.18
N TYR C 33 24.42 -6.15 18.08
CA TYR C 33 25.36 -5.15 17.56
C TYR C 33 25.29 -3.85 18.31
N GLN C 34 24.14 -3.53 18.92
CA GLN C 34 24.09 -2.36 19.80
C GLN C 34 24.93 -2.59 21.05
N SER C 35 24.95 -3.82 21.56
CA SER C 35 25.83 -4.14 22.68
C SER C 35 27.29 -3.96 22.28
N GLN C 36 27.70 -4.59 21.19
CA GLN C 36 29.08 -4.47 20.71
C GLN C 36 29.49 -3.01 20.54
N ALA C 37 28.55 -2.17 20.08
CA ALA C 37 28.84 -0.75 19.94
C ALA C 37 29.15 -0.11 21.29
N LYS C 38 28.34 -0.39 22.30
CA LYS C 38 28.58 0.17 23.63
C LYS C 38 29.84 -0.41 24.26
N GLN C 39 30.22 -1.63 23.88
CA GLN C 39 31.53 -2.14 24.27
C GLN C 39 32.64 -1.25 23.72
N LEU C 40 32.57 -0.92 22.43
CA LEU C 40 33.58 -0.10 21.79
C LEU C 40 33.71 1.25 22.49
N PHE C 41 32.58 1.92 22.71
CA PHE C 41 32.59 3.22 23.39
C PHE C 41 33.26 3.12 24.76
N ARG C 42 33.05 2.00 25.45
CA ARG C 42 33.71 1.81 26.75
C ARG C 42 35.22 1.70 26.58
N LYS C 43 35.67 0.92 25.59
CA LYS C 43 37.10 0.67 25.44
C LYS C 43 37.83 1.90 24.93
N LEU C 44 37.20 2.66 24.03
CA LEU C 44 37.89 3.77 23.37
C LEU C 44 38.34 4.81 24.39
N ASN C 45 39.56 5.30 24.21
CA ASN C 45 40.11 6.33 25.09
C ASN C 45 41.08 7.19 24.27
N GLU C 46 41.83 8.04 24.97
CA GLU C 46 42.67 9.05 24.32
C GLU C 46 43.85 8.46 23.56
N GLN C 47 44.12 7.16 23.70
CA GLN C 47 45.18 6.51 22.93
C GLN C 47 44.66 5.78 21.69
N SER C 48 43.35 5.78 21.47
CA SER C 48 42.77 4.94 20.44
C SER C 48 43.02 5.53 19.05
N PRO C 49 43.03 4.70 18.01
CA PRO C 49 43.12 5.25 16.64
C PRO C 49 41.91 6.11 16.32
N THR C 50 42.15 7.25 15.71
CA THR C 50 41.09 8.23 15.47
C THR C 50 40.28 7.93 14.21
N ARG C 51 40.69 6.97 13.39
CA ARG C 51 39.91 6.49 12.25
C ARG C 51 40.12 4.99 12.15
N CYS C 52 39.04 4.22 12.13
CA CYS C 52 39.18 2.78 12.20
C CYS C 52 38.01 2.08 11.53
N THR C 53 38.25 0.82 11.16
CA THR C 53 37.24 -0.08 10.61
C THR C 53 37.42 -1.45 11.26
N LEU C 54 36.32 -2.01 11.76
CA LEU C 54 36.34 -3.29 12.47
C LEU C 54 35.49 -4.30 11.72
N GLU C 55 35.90 -5.56 11.79
CA GLU C 55 35.30 -6.64 10.99
C GLU C 55 34.51 -7.57 11.91
N ALA C 56 33.19 -7.60 11.72
CA ALA C 56 32.30 -8.44 12.51
C ALA C 56 31.60 -9.49 11.65
N GLY C 57 32.37 -10.26 10.89
CA GLY C 57 31.79 -11.27 10.02
C GLY C 57 31.06 -10.68 8.84
N ALA C 58 29.75 -10.91 8.77
CA ALA C 58 28.94 -10.32 7.70
C ALA C 58 28.74 -8.82 7.87
N MET C 59 29.10 -8.26 9.02
CA MET C 59 28.93 -6.84 9.30
C MET C 59 30.29 -6.19 9.52
N THR C 60 30.30 -4.86 9.56
CA THR C 60 31.54 -4.11 9.62
C THR C 60 31.29 -2.76 10.28
N PHE C 61 32.03 -2.48 11.35
CA PHE C 61 31.93 -1.20 12.04
C PHE C 61 32.92 -0.20 11.45
N HIS C 62 32.50 1.06 11.37
CA HIS C 62 33.35 2.16 10.97
C HIS C 62 33.17 3.30 11.96
N TYR C 63 34.28 3.95 12.34
CA TYR C 63 34.17 5.08 13.24
C TYR C 63 35.31 6.06 12.99
N ILE C 64 35.08 7.30 13.43
CA ILE C 64 36.09 8.34 13.55
C ILE C 64 35.90 9.00 14.91
N ILE C 65 36.96 9.64 15.39
CA ILE C 65 36.94 10.30 16.69
C ILE C 65 37.44 11.72 16.52
N GLU C 66 36.61 12.69 16.89
CA GLU C 66 36.91 14.11 16.70
C GLU C 66 36.41 14.88 17.91
N GLN C 67 37.31 15.65 18.53
CA GLN C 67 36.99 16.49 19.69
C GLN C 67 36.40 15.67 20.85
N GLY C 68 37.02 14.53 21.15
CA GLY C 68 36.50 13.66 22.18
C GLY C 68 35.15 13.04 21.91
N VAL C 69 34.62 13.17 20.69
CA VAL C 69 33.34 12.60 20.30
C VAL C 69 33.58 11.52 19.26
N CYS C 70 32.90 10.38 19.40
CA CYS C 70 33.06 9.25 18.51
C CYS C 70 31.82 9.13 17.62
N TYR C 71 32.03 9.01 16.31
CA TYR C 71 30.97 8.86 15.33
C TYR C 71 31.10 7.47 14.73
N LEU C 72 30.17 6.59 15.05
CA LEU C 72 30.23 5.17 14.71
C LEU C 72 29.07 4.78 13.80
N VAL C 73 29.35 3.92 12.82
CA VAL C 73 28.34 3.40 11.92
C VAL C 73 28.58 1.90 11.72
N LEU C 74 27.49 1.16 11.49
CA LEU C 74 27.52 -0.27 11.25
C LEU C 74 26.76 -0.59 9.98
N CYS C 75 27.29 -1.51 9.18
CA CYS C 75 26.67 -1.88 7.92
C CYS C 75 27.20 -3.24 7.50
N GLU C 76 26.52 -3.84 6.53
CA GLU C 76 26.98 -5.10 5.96
C GLU C 76 28.36 -4.90 5.33
N ALA C 77 29.20 -5.93 5.44
CA ALA C 77 30.60 -5.82 5.05
C ALA C 77 30.77 -5.38 3.60
N ALA C 78 29.76 -5.56 2.76
CA ALA C 78 29.86 -5.18 1.35
C ALA C 78 29.61 -3.70 1.10
N PHE C 79 29.20 -2.94 2.11
CA PHE C 79 28.94 -1.52 1.91
C PHE C 79 30.24 -0.79 1.66
N PRO C 80 30.32 0.07 0.63
CA PRO C 80 31.58 0.75 0.31
C PRO C 80 32.21 1.48 1.49
N LYS C 81 33.37 1.00 1.93
CA LYS C 81 34.11 1.63 3.02
C LYS C 81 34.39 3.10 2.73
N LYS C 82 34.55 3.45 1.46
CA LYS C 82 34.75 4.86 1.08
C LYS C 82 33.56 5.71 1.51
N LEU C 83 32.35 5.19 1.36
CA LEU C 83 31.15 5.96 1.66
C LEU C 83 30.86 6.00 3.15
N ALA C 84 31.21 4.94 3.87
CA ALA C 84 30.96 4.91 5.31
C ALA C 84 31.67 6.06 6.01
N PHE C 85 32.90 6.38 5.59
CA PHE C 85 33.64 7.47 6.21
C PHE C 85 33.19 8.83 5.71
N ALA C 86 32.78 8.94 4.44
CA ALA C 86 32.21 10.20 3.97
C ALA C 86 30.91 10.52 4.69
N TYR C 87 30.17 9.48 5.09
CA TYR C 87 28.94 9.70 5.85
C TYR C 87 29.25 10.18 7.27
N LEU C 88 30.36 9.72 7.85
CA LEU C 88 30.69 10.14 9.22
C LEU C 88 31.20 11.57 9.25
N GLU C 89 31.93 11.98 8.21
CA GLU C 89 32.41 13.37 8.14
C GLU C 89 31.25 14.34 8.00
N ASP C 90 30.23 13.97 7.22
CA ASP C 90 29.04 14.81 7.09
C ASP C 90 28.38 15.05 8.45
N LEU C 91 28.32 14.00 9.28
CA LEU C 91 27.71 14.14 10.60
C LEU C 91 28.58 14.96 11.53
N HIS C 92 29.88 14.66 11.57
CA HIS C 92 30.80 15.33 12.50
C HIS C 92 30.79 16.84 12.29
N SER C 93 30.96 17.30 11.05
CA SER C 93 30.95 18.72 10.77
C SER C 93 29.65 19.36 11.22
N GLU C 94 28.52 18.71 10.94
CA GLU C 94 27.23 19.24 11.38
C GLU C 94 27.13 19.22 12.90
N PHE C 95 27.46 18.09 13.52
CA PHE C 95 27.28 17.96 14.96
C PHE C 95 28.23 18.88 15.73
N ASP C 96 29.49 18.96 15.29
CA ASP C 96 30.44 19.84 15.97
C ASP C 96 30.06 21.30 15.81
N GLU C 97 29.48 21.66 14.67
CA GLU C 97 29.03 23.04 14.46
C GLU C 97 27.85 23.39 15.35
N GLN C 98 26.99 22.42 15.64
CA GLN C 98 25.75 22.68 16.36
C GLN C 98 25.90 22.55 17.87
N HIS C 99 26.59 21.51 18.33
CA HIS C 99 26.69 21.22 19.75
C HIS C 99 28.11 20.94 20.23
N GLY C 100 29.13 21.13 19.38
CA GLY C 100 30.48 20.76 19.75
C GLY C 100 30.97 21.32 21.06
N LYS C 101 30.52 22.53 21.43
CA LYS C 101 30.99 23.19 22.63
C LYS C 101 30.17 22.83 23.87
N LYS C 102 28.95 22.30 23.69
CA LYS C 102 28.17 21.82 24.81
C LYS C 102 28.45 20.36 25.15
N VAL C 103 29.10 19.62 24.23
CA VAL C 103 29.38 18.21 24.47
C VAL C 103 30.02 17.93 25.83
N PRO C 104 31.10 18.62 26.23
CA PRO C 104 31.79 18.22 27.47
C PRO C 104 31.06 18.57 28.76
N THR C 105 29.89 19.20 28.70
CA THR C 105 29.16 19.61 29.89
C THR C 105 27.96 18.74 30.21
N VAL C 106 27.35 18.09 29.21
CA VAL C 106 26.12 17.36 29.45
C VAL C 106 26.38 16.16 30.37
N SER C 107 25.30 15.64 30.95
CA SER C 107 25.37 14.46 31.82
C SER C 107 24.23 13.48 31.61
N ARG C 108 23.14 13.87 30.96
CA ARG C 108 22.09 12.91 30.64
C ARG C 108 22.46 12.12 29.39
N PRO C 109 22.00 10.88 29.29
CA PRO C 109 22.16 10.15 28.02
C PRO C 109 21.22 10.72 26.97
N TYR C 110 21.72 10.80 25.74
CA TYR C 110 20.93 11.24 24.59
C TYR C 110 20.39 12.65 24.77
N SER C 111 21.22 13.53 25.37
CA SER C 111 20.86 14.94 25.49
C SER C 111 20.72 15.61 24.13
N PHE C 112 21.00 14.91 23.03
CA PHE C 112 20.83 15.42 21.68
C PHE C 112 20.08 14.41 20.82
N ILE C 113 18.92 13.94 21.30
CA ILE C 113 18.12 13.04 20.47
C ILE C 113 17.69 13.75 19.20
N GLU C 114 17.40 15.06 19.29
CA GLU C 114 16.86 15.80 18.16
C GLU C 114 17.84 15.88 16.98
N PHE C 115 19.12 15.56 17.19
CA PHE C 115 20.01 15.33 16.06
C PHE C 115 19.59 14.11 15.24
N ASP C 116 18.66 13.30 15.75
CA ASP C 116 18.01 12.25 14.99
C ASP C 116 17.66 12.67 13.57
N THR C 117 17.04 13.85 13.44
CA THR C 117 16.51 14.30 12.15
C THR C 117 17.61 14.38 11.09
N PHE C 118 18.68 15.12 11.40
CA PHE C 118 19.75 15.28 10.42
C PHE C 118 20.40 13.94 10.08
N ILE C 119 20.49 13.04 11.07
CA ILE C 119 21.09 11.74 10.84
C ILE C 119 20.40 11.01 9.70
N GLN C 120 19.06 11.02 9.72
CA GLN C 120 18.30 10.18 8.79
C GLN C 120 18.12 10.84 7.43
N LYS C 121 18.06 12.17 7.36
CA LYS C 121 18.06 12.80 6.05
C LYS C 121 19.43 12.69 5.40
N THR C 122 20.50 12.65 6.20
CA THR C 122 21.83 12.40 5.65
C THR C 122 22.01 10.93 5.31
N LYS C 123 21.48 10.03 6.16
CA LYS C 123 21.64 8.60 5.93
C LYS C 123 21.04 8.19 4.59
N LYS C 124 19.90 8.78 4.22
CA LYS C 124 19.24 8.38 2.98
C LYS C 124 19.99 8.84 1.73
N LEU C 125 20.93 9.77 1.87
CA LEU C 125 21.76 10.20 0.76
C LEU C 125 22.97 9.29 0.56
N TYR C 126 22.99 8.14 1.23
CA TYR C 126 24.10 7.18 1.12
C TYR C 126 23.65 5.73 0.96
N ILE C 127 22.48 5.34 1.48
CA ILE C 127 21.95 4.01 1.25
C ILE C 127 20.93 4.11 0.13
N ASP C 128 21.38 4.58 -1.03
CA ASP C 128 20.64 4.63 -2.31
C ASP C 128 21.66 4.85 -3.42
N SER C 129 21.88 3.91 -4.30
CA SER C 129 22.92 4.08 -5.31
C SER C 129 22.60 5.18 -6.32
N ARG C 130 21.33 5.56 -6.45
CA ARG C 130 20.94 6.60 -7.39
C ARG C 130 21.22 7.99 -6.82
N ILE C 148 43.30 5.50 9.00
CA ILE C 148 42.39 4.36 8.95
C ILE C 148 43.13 3.10 9.39
N MET C 149 42.40 2.15 9.93
CA MET C 149 42.95 0.85 10.31
C MET C 149 41.88 -0.21 10.11
N VAL C 150 42.32 -1.47 10.07
CA VAL C 150 41.43 -2.61 9.91
C VAL C 150 41.80 -3.65 10.95
N ALA C 151 40.83 -4.05 11.77
CA ALA C 151 41.01 -5.09 12.76
C ALA C 151 39.71 -5.87 12.90
N ASN C 152 39.80 -7.01 13.59
CA ASN C 152 38.64 -7.84 13.87
C ASN C 152 38.02 -7.38 15.19
N ILE C 153 36.77 -6.94 15.13
CA ILE C 153 36.09 -6.36 16.30
C ILE C 153 36.18 -7.28 17.50
N GLU C 154 36.19 -8.59 17.28
CA GLU C 154 36.25 -9.54 18.39
C GLU C 154 37.55 -9.37 19.18
N GLU C 155 38.61 -8.93 18.53
CA GLU C 155 39.87 -8.64 19.22
C GLU C 155 39.71 -7.45 20.16
N VAL C 156 39.40 -6.28 19.57
CA VAL C 156 39.29 -5.04 20.34
C VAL C 156 38.42 -5.24 21.57
N LEU C 157 37.38 -6.07 21.47
CA LEU C 157 36.53 -6.40 22.60
C LEU C 157 37.16 -7.50 23.44
N SER D 3 12.67 -4.04 30.90
CA SER D 3 13.83 -3.34 31.40
C SER D 3 14.17 -3.80 32.82
N LEU D 4 15.28 -3.27 33.36
CA LEU D 4 15.80 -3.68 34.66
C LEU D 4 15.30 -2.76 35.77
N LEU D 5 13.99 -2.54 35.78
CA LEU D 5 13.37 -1.69 36.77
C LEU D 5 13.16 -2.47 38.08
#